data_3V4I
#
_entry.id   3V4I
#
_cell.length_a   90.053
_cell.length_b   132.647
_cell.length_c   138.014
_cell.angle_alpha   90.00
_cell.angle_beta   98.12
_cell.angle_gamma   90.00
#
_symmetry.space_group_name_H-M   'P 1 21 1'
#
loop_
_entity.id
_entity.type
_entity.pdbx_description
1 polymer 'HIV-1 Reverse Transcriptase P66 subunit'
2 polymer 'HIV-1 Reverse Transcriptase P51 subunit'
3 polymer "DNA (5'-D(*AP*TP*GP*GP*AP*AP*GP*GP*CP*GP*CP*CP*CP*GP*AP*AP*CP*AP*GP*GP*GP*AP*CP*TP*GP*TP*G)-3')"
4 polymer "DNA (5'-D(*AP*CP*AP*GP*TP*CP*CP*CP*TP*GP*TP*TP*CP*GP*GP*(MRG)P*CP*GP*CP*CP*(ATM))-3')"
5 non-polymer 'MAGNESIUM ION'
6 non-polymer "3'-AZIDO-3'-DEOXYTHYMIDINE-5'-TRIPHOSPHATE"
#
loop_
_entity_poly.entity_id
_entity_poly.type
_entity_poly.pdbx_seq_one_letter_code
_entity_poly.pdbx_strand_id
1 'polypeptide(L)'
;MVPISPIETVPVKLKPGMDGPKVKQWPLTEEKIKALVEICTEMEKEGKISKIGPENPYNTPVFAIKKKDSTKWRKLVDFR
ELNKRTQDFWEVQLGIPHPAGLKKKKSVTVLDVGDAYFSVPLDEDFRKYTAFTIPSINNETPGIRYQYNVLPQGWKGSPA
IFQSSMTKILEPFKKQNPDIVIYQYMDDLYVGSDLEIGQHRTKIEELRQHLLRWGLTTPDKKHQKEPPFLWMGYELHPDK
WTVQPIVLPEKDSWTVNDICKLVGKLNWASQIYPGIKVRQLSKLLRGTKALTEVIPLTEEAELELAENREILKEPVHGVY
YDPSKDLIAEIQKQGQGQWTYQIYQEPFKNLKTGKYARMRGAHTNDVKQLTEAVQKITTESIVIWGKTPKFKLPIQKETW
ETWWTEYWQATWIPEWEFVNTPPLVKLWYQLEKEPIVGAETFYVDGAANRETKLGKAGYVTNKGRQKVVPLTNTTNQKTE
LQAIYLALQDSGLEVNIVTNSQYALGIIQAQPDKSESELVNQIIEQLIKKEKVYLAWVPAHKGIGGNEQVDKLVSA
;
A,C
2 'polypeptide(L)'
;PISPIETVPVKLKPGMDGPKVKQWPLTEEKIKALVEICTEMEKEGKISKIGPENPYNTPVFAIKKKDSTKWRKLVDFREL
NKRTQDFWEVQLGIPHPAGLKKKKSVTVLDVGDAYFSVPLDEDFRKYTAFTIPSINNETPGIRYQYNVLPQGWKGSPAIF
QSSMTKILEPFKKQNPDIVIYQYMDDLYVGSDLEIGQHRTKIEELRQHLLRWGLTTPDKKHQKEPPFLWMGYELHPDKWT
VQPIVLPEKDSWTVNDIQKLVGKLNWASQIYPGIKVRQLSKLLRGTKALTEVIPLTEEAELELAENREILKEPVHGVYYD
PSKDLIAEIQKQGQGQWTYQIYQEPFKNLKTGKYARMRGAHTNDVKQLTEAVQKITTESIVIWGKTPKFKLPIQKETWET
WWTEYWQATWIPEWEFVNTPPLVKLWYQ
;
B,D
3 'polydeoxyribonucleotide'
;(DA)(DT)(DG)(DG)(DA)(DA)(DG)(DG)(DC)(DG)(DC)(DC)(DC)(DG)(DA)(DA)(DC)(DA)(DG)(DG)
(DG)(DA)(DC)(DT)(DG)(DT)(DG)
;
T,E
4 'polydeoxyribonucleotide'
;(DA)(DC)(DA)(DG)(DT)(DC)(DC)(DC)(DT)(DG)(DT)(DT)(DC)(DG)(DG)(MRG)(DC)(DG)(DC)
(DC)(ATM)
;
P,F
#
# COMPACT_ATOMS: atom_id res chain seq x y z
N VAL A 2 -4.56 -60.56 0.17
CA VAL A 2 -3.49 -59.80 0.78
C VAL A 2 -2.16 -59.99 0.03
N PRO A 3 -1.53 -58.88 -0.37
CA PRO A 3 -0.13 -58.71 -0.79
C PRO A 3 0.76 -58.22 0.36
N ILE A 4 2.01 -57.91 0.06
CA ILE A 4 2.94 -57.43 1.08
C ILE A 4 3.61 -56.11 0.66
N SER A 5 4.17 -55.38 1.63
CA SER A 5 4.69 -54.01 1.36
C SER A 5 6.21 -53.78 1.59
N PRO A 6 7.00 -53.59 0.50
CA PRO A 6 8.48 -53.52 0.59
C PRO A 6 9.14 -52.24 1.14
N ILE A 7 8.75 -51.08 0.61
CA ILE A 7 9.42 -49.79 0.83
C ILE A 7 8.39 -48.67 0.66
N GLU A 8 8.62 -47.55 1.34
CA GLU A 8 7.63 -46.46 1.40
C GLU A 8 7.12 -45.98 0.03
N THR A 9 5.79 -45.91 -0.11
CA THR A 9 5.15 -45.48 -1.35
C THR A 9 5.08 -43.94 -1.53
N VAL A 10 4.94 -43.51 -2.79
CA VAL A 10 4.82 -42.10 -3.14
C VAL A 10 3.45 -41.75 -3.78
N PRO A 11 2.65 -40.93 -3.07
CA PRO A 11 1.30 -40.47 -3.44
C PRO A 11 1.21 -39.91 -4.85
N VAL A 12 0.11 -40.20 -5.52
CA VAL A 12 -0.09 -39.77 -6.90
C VAL A 12 -1.53 -39.32 -7.09
N LYS A 13 -1.82 -38.67 -8.21
CA LYS A 13 -3.14 -38.11 -8.50
C LYS A 13 -3.28 -37.92 -10.00
N LEU A 14 -4.49 -37.70 -10.48
CA LEU A 14 -4.66 -37.31 -11.88
C LEU A 14 -4.84 -35.80 -11.97
N LYS A 15 -4.89 -35.28 -13.18
CA LYS A 15 -5.05 -33.84 -13.36
C LYS A 15 -6.47 -33.48 -12.99
N PRO A 16 -6.62 -32.63 -11.98
CA PRO A 16 -7.81 -32.65 -11.13
C PRO A 16 -9.04 -32.67 -12.00
N GLY A 17 -10.08 -33.38 -11.56
CA GLY A 17 -11.28 -33.49 -12.35
C GLY A 17 -10.94 -33.99 -13.74
N MET A 18 -10.29 -35.14 -13.79
CA MET A 18 -10.03 -35.80 -15.07
C MET A 18 -9.89 -37.29 -14.82
N ASP A 19 -10.15 -38.10 -15.85
CA ASP A 19 -10.20 -39.54 -15.65
C ASP A 19 -9.42 -40.33 -16.69
N GLY A 20 -9.28 -41.62 -16.42
CA GLY A 20 -8.21 -42.44 -16.95
C GLY A 20 -8.23 -42.84 -18.41
N PRO A 21 -7.42 -43.85 -18.74
CA PRO A 21 -6.98 -44.38 -20.04
C PRO A 21 -7.90 -45.40 -20.73
N LYS A 22 -8.89 -44.96 -21.50
CA LYS A 22 -9.64 -45.92 -22.29
C LYS A 22 -9.34 -45.78 -23.78
N VAL A 23 -8.55 -46.72 -24.31
CA VAL A 23 -8.25 -46.79 -25.74
C VAL A 23 -7.94 -48.24 -26.12
N LYS A 24 -8.29 -48.61 -27.34
CA LYS A 24 -8.16 -50.01 -27.76
C LYS A 24 -6.71 -50.43 -28.03
N GLN A 25 -6.45 -51.72 -27.82
CA GLN A 25 -5.13 -52.33 -27.98
C GLN A 25 -4.67 -52.42 -29.43
N TRP A 26 -3.36 -52.62 -29.61
CA TRP A 26 -2.81 -52.73 -30.95
C TRP A 26 -3.06 -54.11 -31.54
N PRO A 27 -3.18 -54.16 -32.89
CA PRO A 27 -3.20 -55.43 -33.63
C PRO A 27 -1.81 -56.04 -33.61
N LEU A 28 -1.43 -56.56 -32.44
CA LEU A 28 -0.10 -57.10 -32.20
C LEU A 28 0.12 -58.48 -32.85
N THR A 29 1.25 -58.63 -33.54
CA THR A 29 1.63 -59.90 -34.15
C THR A 29 1.85 -60.99 -33.08
N GLU A 30 1.37 -62.19 -33.36
CA GLU A 30 1.45 -63.30 -32.40
C GLU A 30 2.89 -63.64 -32.01
N GLU A 31 3.83 -63.34 -32.91
CA GLU A 31 5.24 -63.58 -32.67
C GLU A 31 5.69 -62.94 -31.35
N LYS A 32 5.37 -61.65 -31.18
CA LYS A 32 5.67 -60.94 -29.94
C LYS A 32 4.83 -61.52 -28.81
N ILE A 33 3.55 -61.74 -29.08
CA ILE A 33 2.59 -62.22 -28.08
C ILE A 33 3.09 -63.46 -27.34
N LYS A 34 3.82 -64.32 -28.04
CA LYS A 34 4.48 -65.45 -27.36
C LYS A 34 5.38 -64.96 -26.23
N ALA A 35 6.44 -64.24 -26.63
CA ALA A 35 7.44 -63.70 -25.72
C ALA A 35 6.80 -62.84 -24.64
N LEU A 36 5.61 -62.34 -24.95
CA LEU A 36 4.87 -61.42 -24.10
C LEU A 36 4.14 -62.17 -22.97
N VAL A 37 3.18 -63.02 -23.34
CA VAL A 37 2.41 -63.81 -22.37
C VAL A 37 3.34 -64.68 -21.53
N GLU A 38 4.47 -65.08 -22.10
CA GLU A 38 5.49 -65.83 -21.36
C GLU A 38 5.88 -65.20 -20.00
N ILE A 39 6.58 -64.06 -20.03
CA ILE A 39 7.05 -63.40 -18.81
C ILE A 39 5.91 -62.63 -18.11
N CYS A 40 4.94 -62.22 -18.92
CA CYS A 40 3.69 -61.67 -18.43
C CYS A 40 3.15 -62.56 -17.30
N THR A 41 2.87 -63.82 -17.63
CA THR A 41 2.36 -64.78 -16.65
C THR A 41 3.25 -64.90 -15.42
N GLU A 42 4.57 -64.93 -15.64
CA GLU A 42 5.54 -65.07 -14.54
C GLU A 42 5.50 -63.88 -13.57
N MET A 43 5.08 -62.73 -14.09
CA MET A 43 4.90 -61.56 -13.25
C MET A 43 4.03 -61.86 -12.02
N GLU A 44 2.76 -62.24 -12.28
CA GLU A 44 1.74 -62.36 -11.23
C GLU A 44 2.16 -63.17 -10.02
N LYS A 45 2.99 -64.18 -10.25
CA LYS A 45 3.50 -65.02 -9.17
C LYS A 45 4.16 -64.15 -8.10
N GLU A 46 4.86 -63.11 -8.55
CA GLU A 46 5.71 -62.31 -7.68
C GLU A 46 5.03 -61.09 -7.09
N GLY A 47 3.83 -60.77 -7.58
CA GLY A 47 3.09 -59.63 -7.09
C GLY A 47 3.23 -58.39 -7.97
N LYS A 48 3.84 -58.57 -9.13
CA LYS A 48 4.03 -57.46 -10.04
C LYS A 48 2.74 -57.09 -10.74
N ILE A 49 2.00 -58.08 -11.20
CA ILE A 49 0.71 -57.80 -11.84
C ILE A 49 -0.47 -58.45 -11.09
N SER A 50 -1.69 -58.20 -11.56
CA SER A 50 -2.88 -58.78 -10.95
C SER A 50 -3.99 -58.93 -11.99
N LYS A 51 -4.82 -59.96 -11.83
CA LYS A 51 -6.03 -60.10 -12.64
C LYS A 51 -7.08 -59.17 -12.05
N ILE A 52 -7.95 -58.60 -12.90
CA ILE A 52 -8.89 -57.58 -12.46
C ILE A 52 -10.32 -57.70 -13.02
N GLY A 53 -11.30 -57.68 -12.13
CA GLY A 53 -12.68 -57.65 -12.55
C GLY A 53 -12.91 -56.45 -13.45
N PRO A 54 -13.82 -56.58 -14.43
CA PRO A 54 -14.19 -55.56 -15.42
C PRO A 54 -14.66 -54.25 -14.79
N GLU A 55 -14.83 -54.26 -13.47
CA GLU A 55 -15.14 -53.07 -12.67
C GLU A 55 -14.15 -51.94 -12.96
N ASN A 56 -13.01 -52.30 -13.52
CA ASN A 56 -11.99 -51.36 -13.95
C ASN A 56 -12.20 -51.05 -15.43
N PRO A 57 -12.76 -49.87 -15.72
CA PRO A 57 -13.07 -49.45 -17.10
C PRO A 57 -11.97 -48.65 -17.81
N TYR A 58 -10.74 -49.15 -17.86
CA TYR A 58 -9.63 -48.44 -18.53
C TYR A 58 -8.81 -49.38 -19.42
N ASN A 59 -8.46 -48.92 -20.63
CA ASN A 59 -7.70 -49.76 -21.55
C ASN A 59 -6.52 -49.06 -22.23
N THR A 60 -5.35 -49.68 -22.21
CA THR A 60 -4.17 -49.09 -22.84
C THR A 60 -3.31 -50.09 -23.63
N PRO A 61 -2.84 -49.68 -24.82
CA PRO A 61 -2.06 -50.48 -25.77
C PRO A 61 -0.76 -51.01 -25.18
N VAL A 62 -0.18 -52.02 -25.83
CA VAL A 62 1.00 -52.71 -25.31
C VAL A 62 1.90 -53.27 -26.41
N PHE A 63 3.21 -53.31 -26.14
CA PHE A 63 4.19 -53.92 -27.02
C PHE A 63 5.49 -54.25 -26.27
N ALA A 64 6.51 -54.68 -27.00
CA ALA A 64 7.81 -54.90 -26.39
C ALA A 64 8.90 -54.79 -27.44
N ILE A 65 10.10 -54.41 -27.02
CA ILE A 65 11.24 -54.40 -27.92
C ILE A 65 12.39 -55.20 -27.32
N LYS A 66 13.16 -55.83 -28.19
CA LYS A 66 14.29 -56.62 -27.73
C LYS A 66 15.29 -55.72 -27.02
N LYS A 67 15.73 -56.12 -25.83
CA LYS A 67 16.87 -55.46 -25.21
C LYS A 67 18.05 -55.54 -26.19
N LYS A 68 18.62 -54.38 -26.50
CA LYS A 68 19.76 -54.32 -27.42
C LYS A 68 20.91 -55.16 -26.89
N ASP A 69 21.63 -55.79 -27.81
CA ASP A 69 22.75 -56.63 -27.44
C ASP A 69 22.28 -57.75 -26.51
N SER A 70 21.07 -58.24 -26.74
CA SER A 70 20.57 -59.38 -25.97
C SER A 70 19.50 -60.17 -26.70
N THR A 71 19.38 -61.44 -26.31
CA THR A 71 18.36 -62.34 -26.80
C THR A 71 17.04 -62.10 -26.07
N LYS A 72 17.16 -61.57 -24.86
CA LYS A 72 16.00 -61.33 -23.99
C LYS A 72 15.10 -60.23 -24.54
N TRP A 73 13.84 -60.19 -24.07
CA TRP A 73 12.86 -59.18 -24.50
C TRP A 73 12.46 -58.19 -23.39
N ARG A 74 12.19 -56.94 -23.79
CA ARG A 74 11.77 -55.87 -22.87
C ARG A 74 10.33 -55.42 -23.11
N LYS A 75 9.60 -55.20 -22.02
CA LYS A 75 8.17 -54.88 -22.12
C LYS A 75 7.85 -53.39 -22.01
N LEU A 76 7.14 -52.86 -23.00
CA LEU A 76 6.80 -51.44 -23.03
C LEU A 76 5.30 -51.18 -23.23
N VAL A 77 4.72 -50.43 -22.30
CA VAL A 77 3.30 -50.07 -22.35
C VAL A 77 3.13 -48.62 -22.74
N ASP A 78 2.56 -48.33 -23.91
CA ASP A 78 2.42 -46.93 -24.27
C ASP A 78 1.28 -46.31 -23.49
N PHE A 79 1.65 -45.34 -22.65
CA PHE A 79 0.69 -44.62 -21.81
C PHE A 79 0.29 -43.24 -22.32
N ARG A 80 0.72 -42.86 -23.52
CA ARG A 80 0.68 -41.46 -23.94
C ARG A 80 -0.62 -40.76 -23.52
N GLU A 81 -1.75 -41.47 -23.65
CA GLU A 81 -3.04 -40.91 -23.27
C GLU A 81 -3.23 -40.76 -21.76
N LEU A 82 -2.57 -41.64 -20.99
CA LEU A 82 -2.58 -41.53 -19.53
C LEU A 82 -1.60 -40.45 -19.08
N ASN A 83 -0.44 -40.44 -19.73
CA ASN A 83 0.56 -39.41 -19.49
C ASN A 83 -0.06 -38.03 -19.63
N LYS A 84 -0.69 -37.77 -20.78
CA LYS A 84 -1.35 -36.49 -20.99
C LYS A 84 -2.20 -36.08 -19.78
N ARG A 85 -2.86 -37.06 -19.17
CA ARG A 85 -3.80 -36.80 -18.08
C ARG A 85 -3.27 -37.04 -16.68
N THR A 86 -2.01 -37.48 -16.58
CA THR A 86 -1.39 -37.73 -15.28
C THR A 86 -0.76 -36.48 -14.68
N GLN A 87 -0.76 -36.37 -13.36
CA GLN A 87 -0.24 -35.18 -12.68
C GLN A 87 1.21 -34.93 -13.05
N ASP A 88 1.60 -33.66 -13.07
CA ASP A 88 2.95 -33.25 -13.42
C ASP A 88 3.91 -33.55 -12.29
N PHE A 89 5.11 -34.02 -12.63
CA PHE A 89 6.16 -34.20 -11.64
C PHE A 89 7.26 -33.16 -11.70
N TRP A 90 8.16 -33.20 -10.73
CA TRP A 90 9.39 -32.44 -10.85
C TRP A 90 10.51 -33.44 -11.00
N GLU A 91 11.07 -33.54 -12.20
CA GLU A 91 12.11 -34.52 -12.43
C GLU A 91 13.26 -34.28 -11.46
N VAL A 92 13.80 -35.34 -10.88
CA VAL A 92 14.96 -35.19 -10.00
C VAL A 92 16.26 -35.48 -10.73
N GLN A 93 16.17 -35.91 -11.98
CA GLN A 93 17.38 -36.20 -12.73
C GLN A 93 17.77 -34.89 -13.40
N LEU A 94 18.83 -34.28 -12.90
CA LEU A 94 19.17 -32.94 -13.34
C LEU A 94 20.22 -32.93 -14.44
N GLY A 95 20.69 -34.10 -14.87
CA GLY A 95 21.66 -34.17 -15.95
C GLY A 95 22.42 -35.49 -16.04
N ILE A 96 23.48 -35.50 -16.81
CA ILE A 96 24.23 -36.72 -16.96
C ILE A 96 25.63 -36.54 -16.38
N PRO A 97 26.13 -37.57 -15.68
CA PRO A 97 27.49 -37.51 -15.13
C PRO A 97 28.51 -37.69 -16.23
N HIS A 98 29.58 -36.90 -16.20
CA HIS A 98 30.70 -37.10 -17.13
C HIS A 98 31.88 -37.86 -16.52
N PRO A 99 32.40 -38.83 -17.27
CA PRO A 99 33.57 -39.59 -16.83
C PRO A 99 34.66 -38.64 -16.42
N ALA A 100 34.84 -37.55 -17.14
CA ALA A 100 35.92 -36.60 -16.85
C ALA A 100 35.76 -35.95 -15.49
N GLY A 101 34.60 -36.12 -14.88
CA GLY A 101 34.34 -35.55 -13.57
C GLY A 101 34.71 -36.48 -12.43
N LEU A 102 34.84 -37.76 -12.77
CA LEU A 102 35.20 -38.82 -11.83
C LEU A 102 36.62 -38.68 -11.36
N LYS A 103 36.84 -38.76 -10.05
CA LYS A 103 38.17 -38.83 -9.49
C LYS A 103 38.67 -40.26 -9.61
N LYS A 104 40.00 -40.41 -9.56
CA LYS A 104 40.64 -41.73 -9.55
C LYS A 104 40.36 -42.53 -8.26
N LYS A 105 39.87 -43.75 -8.46
CA LYS A 105 39.49 -44.61 -7.36
C LYS A 105 40.32 -45.88 -7.45
N LYS A 106 40.86 -46.32 -6.32
CA LYS A 106 41.74 -47.48 -6.31
C LYS A 106 41.02 -48.73 -6.85
N SER A 107 39.81 -48.96 -6.35
CA SER A 107 39.00 -50.09 -6.81
C SER A 107 37.55 -49.67 -7.13
N VAL A 108 37.01 -50.23 -8.21
CA VAL A 108 35.74 -49.77 -8.76
C VAL A 108 34.80 -50.86 -9.32
N THR A 109 33.55 -50.80 -8.87
CA THR A 109 32.49 -51.75 -9.27
C THR A 109 31.31 -51.08 -9.98
N VAL A 110 30.69 -51.77 -10.93
CA VAL A 110 29.49 -51.26 -11.57
C VAL A 110 28.35 -52.26 -11.59
N LEU A 111 27.30 -52.01 -10.80
CA LEU A 111 26.21 -52.98 -10.67
C LEU A 111 24.81 -52.41 -10.95
N ASP A 112 24.10 -53.14 -11.78
CA ASP A 112 22.76 -52.76 -12.23
C ASP A 112 21.75 -53.49 -11.35
N VAL A 113 20.61 -52.88 -11.06
CA VAL A 113 19.56 -53.56 -10.31
C VAL A 113 18.71 -54.40 -11.27
N GLY A 114 18.39 -55.62 -10.88
CA GLY A 114 17.52 -56.47 -11.68
C GLY A 114 16.07 -56.05 -11.59
N ASP A 115 15.44 -55.87 -12.75
CA ASP A 115 14.03 -55.46 -12.82
C ASP A 115 13.72 -54.34 -11.82
N ALA A 116 14.26 -53.16 -12.11
CA ALA A 116 14.28 -52.04 -11.19
C ALA A 116 12.92 -51.37 -10.94
N TYR A 117 12.25 -50.97 -12.01
CA TYR A 117 10.97 -50.29 -11.89
C TYR A 117 9.97 -51.23 -11.25
N PHE A 118 10.19 -52.52 -11.46
CA PHE A 118 9.32 -53.56 -10.95
C PHE A 118 9.53 -53.86 -9.46
N SER A 119 10.65 -53.41 -8.90
CA SER A 119 10.93 -53.58 -7.48
C SER A 119 10.38 -52.41 -6.65
N VAL A 120 9.69 -51.48 -7.30
CA VAL A 120 9.18 -50.30 -6.59
C VAL A 120 7.65 -50.28 -6.51
N PRO A 121 7.12 -50.26 -5.27
CA PRO A 121 5.67 -50.28 -5.05
C PRO A 121 5.00 -49.10 -5.72
N LEU A 122 3.93 -49.33 -6.48
CA LEU A 122 3.14 -48.22 -7.00
C LEU A 122 2.32 -47.60 -5.86
N ASP A 123 1.43 -46.67 -6.17
CA ASP A 123 0.59 -46.10 -5.14
C ASP A 123 -0.68 -46.91 -5.03
N GLU A 124 -1.07 -47.19 -3.80
CA GLU A 124 -2.27 -47.97 -3.57
C GLU A 124 -3.34 -47.39 -4.49
N ASP A 125 -3.83 -46.23 -4.11
CA ASP A 125 -5.01 -45.65 -4.75
C ASP A 125 -4.89 -45.42 -6.25
N PHE A 126 -3.66 -45.35 -6.77
CA PHE A 126 -3.45 -45.07 -8.20
C PHE A 126 -3.53 -46.30 -9.11
N ARG A 127 -3.19 -47.48 -8.58
CA ARG A 127 -2.89 -48.65 -9.40
C ARG A 127 -3.92 -48.89 -10.52
N LYS A 128 -5.18 -48.66 -10.20
CA LYS A 128 -6.29 -48.96 -11.09
C LYS A 128 -6.06 -48.48 -12.51
N TYR A 129 -5.48 -47.29 -12.66
CA TYR A 129 -5.41 -46.64 -13.97
C TYR A 129 -4.53 -47.38 -14.97
N THR A 130 -3.87 -48.43 -14.49
CA THR A 130 -2.86 -49.09 -15.32
C THR A 130 -3.45 -50.06 -16.35
N ALA A 131 -4.76 -50.22 -16.34
CA ALA A 131 -5.41 -51.31 -17.07
C ALA A 131 -5.03 -51.41 -18.55
N PHE A 132 -4.56 -52.60 -18.92
CA PHE A 132 -4.18 -52.96 -20.28
C PHE A 132 -4.60 -54.41 -20.51
N THR A 133 -4.60 -54.84 -21.78
CA THR A 133 -4.99 -56.23 -22.09
C THR A 133 -3.96 -57.03 -22.95
N ILE A 134 -3.73 -58.28 -22.55
CA ILE A 134 -2.76 -59.19 -23.19
C ILE A 134 -3.37 -60.01 -24.32
N PRO A 135 -2.76 -59.94 -25.52
CA PRO A 135 -3.21 -60.60 -26.76
C PRO A 135 -3.16 -62.14 -26.75
N SER A 136 -3.59 -62.75 -27.86
CA SER A 136 -3.66 -64.22 -27.99
C SER A 136 -3.21 -64.69 -29.38
N ILE A 137 -3.03 -66.00 -29.55
CA ILE A 137 -2.72 -66.58 -30.86
C ILE A 137 -3.87 -66.41 -31.86
N ASN A 138 -5.10 -66.58 -31.37
CA ASN A 138 -6.32 -66.27 -32.13
C ASN A 138 -7.03 -65.07 -31.50
N ASN A 139 -8.10 -64.61 -32.15
CA ASN A 139 -8.86 -63.50 -31.60
C ASN A 139 -9.99 -64.01 -30.70
N GLU A 140 -10.12 -65.33 -30.62
CA GLU A 140 -11.18 -65.95 -29.82
C GLU A 140 -10.95 -65.76 -28.32
N THR A 141 -9.78 -66.17 -27.85
CA THR A 141 -9.44 -66.02 -26.44
C THR A 141 -9.22 -64.54 -26.10
N PRO A 142 -9.92 -64.04 -25.06
CA PRO A 142 -9.88 -62.62 -24.69
C PRO A 142 -8.50 -62.13 -24.20
N GLY A 143 -7.87 -62.91 -23.32
CA GLY A 143 -6.66 -62.51 -22.63
C GLY A 143 -7.02 -61.77 -21.35
N ILE A 144 -6.20 -61.90 -20.31
CA ILE A 144 -6.53 -61.29 -19.00
C ILE A 144 -6.20 -59.80 -18.96
N ARG A 145 -6.97 -59.06 -18.14
CA ARG A 145 -6.70 -57.65 -17.91
C ARG A 145 -5.98 -57.45 -16.58
N TYR A 146 -4.98 -56.57 -16.59
CA TYR A 146 -4.07 -56.44 -15.46
C TYR A 146 -3.86 -55.00 -14.96
N GLN A 147 -3.78 -54.85 -13.65
CA GLN A 147 -3.44 -53.58 -13.01
C GLN A 147 -2.08 -53.71 -12.34
N TYR A 148 -1.11 -52.86 -12.73
CA TYR A 148 0.22 -52.90 -12.13
C TYR A 148 0.21 -52.65 -10.62
N ASN A 149 1.02 -53.42 -9.89
CA ASN A 149 1.27 -53.18 -8.47
C ASN A 149 2.57 -52.42 -8.24
N VAL A 150 3.24 -52.08 -9.35
CA VAL A 150 4.57 -51.47 -9.34
C VAL A 150 4.75 -50.48 -10.52
N LEU A 151 5.97 -50.00 -10.72
CA LEU A 151 6.21 -48.96 -11.72
C LEU A 151 6.36 -49.51 -13.15
N PRO A 152 5.40 -49.22 -14.02
CA PRO A 152 5.44 -49.72 -15.39
C PRO A 152 6.50 -49.01 -16.19
N GLN A 153 7.14 -49.73 -17.10
CA GLN A 153 8.04 -49.09 -18.04
C GLN A 153 7.20 -48.38 -19.09
N GLY A 154 7.40 -47.07 -19.23
CA GLY A 154 6.62 -46.24 -20.14
C GLY A 154 5.68 -45.22 -19.53
N TRP A 155 5.49 -45.23 -18.21
CA TRP A 155 4.70 -44.20 -17.58
C TRP A 155 5.54 -42.94 -17.55
N LYS A 156 4.96 -41.82 -17.15
CA LYS A 156 5.72 -40.57 -17.07
C LYS A 156 6.18 -40.30 -15.64
N GLY A 157 5.75 -41.14 -14.71
CA GLY A 157 6.09 -40.94 -13.32
C GLY A 157 7.11 -41.94 -12.80
N SER A 158 7.44 -42.92 -13.63
CA SER A 158 8.30 -44.01 -13.20
C SER A 158 9.68 -43.51 -12.81
N PRO A 159 10.38 -42.82 -13.73
CA PRO A 159 11.77 -42.45 -13.49
C PRO A 159 11.97 -41.59 -12.24
N ALA A 160 11.14 -40.58 -12.05
CA ALA A 160 11.31 -39.68 -10.92
C ALA A 160 11.11 -40.41 -9.62
N ILE A 161 10.12 -41.29 -9.59
CA ILE A 161 9.84 -42.03 -8.35
C ILE A 161 10.95 -43.04 -8.09
N PHE A 162 11.35 -43.78 -9.12
CA PHE A 162 12.44 -44.73 -8.98
C PHE A 162 13.70 -44.09 -8.42
N GLN A 163 14.15 -43.01 -9.06
CA GLN A 163 15.37 -42.31 -8.66
C GLN A 163 15.24 -41.76 -7.27
N SER A 164 14.06 -41.25 -6.95
CA SER A 164 13.81 -40.68 -5.62
C SER A 164 13.87 -41.72 -4.46
N SER A 165 13.11 -42.81 -4.63
CA SER A 165 13.08 -43.92 -3.66
C SER A 165 14.47 -44.49 -3.49
N MET A 166 15.10 -44.79 -4.64
CA MET A 166 16.46 -45.31 -4.65
C MET A 166 17.41 -44.44 -3.85
N THR A 167 17.32 -43.12 -4.01
CA THR A 167 18.18 -42.23 -3.23
C THR A 167 17.90 -42.40 -1.75
N LYS A 168 16.61 -42.45 -1.40
CA LYS A 168 16.21 -42.62 0.01
C LYS A 168 16.81 -43.88 0.64
N ILE A 169 16.76 -44.98 -0.12
CA ILE A 169 17.35 -46.25 0.29
C ILE A 169 18.86 -46.19 0.45
N LEU A 170 19.56 -45.73 -0.59
CA LEU A 170 21.01 -45.66 -0.57
C LEU A 170 21.49 -44.66 0.48
N GLU A 171 20.60 -43.77 0.91
CA GLU A 171 20.95 -42.71 1.83
C GLU A 171 21.68 -43.20 3.06
N PRO A 172 21.06 -44.13 3.77
CA PRO A 172 21.59 -44.65 5.03
C PRO A 172 22.93 -45.34 4.86
N PHE A 173 23.14 -46.16 3.85
CA PHE A 173 24.41 -46.79 3.56
C PHE A 173 25.51 -45.75 3.40
N LYS A 174 25.20 -44.68 2.67
CA LYS A 174 26.20 -43.68 2.32
C LYS A 174 26.71 -42.91 3.53
N LYS A 175 25.83 -42.70 4.51
CA LYS A 175 26.19 -42.01 5.72
C LYS A 175 27.09 -42.88 6.57
N GLN A 176 26.89 -44.19 6.49
CA GLN A 176 27.71 -45.12 7.23
C GLN A 176 29.08 -45.22 6.57
N ASN A 177 29.12 -45.04 5.26
CA ASN A 177 30.37 -45.11 4.52
C ASN A 177 30.67 -43.88 3.69
N PRO A 178 31.09 -42.83 4.38
CA PRO A 178 31.46 -41.53 3.83
C PRO A 178 32.54 -41.60 2.77
N ASP A 179 33.33 -42.66 2.76
CA ASP A 179 34.45 -42.70 1.83
C ASP A 179 34.19 -43.49 0.56
N ILE A 180 32.98 -44.02 0.43
CA ILE A 180 32.57 -44.67 -0.80
C ILE A 180 31.90 -43.67 -1.75
N VAL A 181 32.20 -43.77 -3.03
CA VAL A 181 31.51 -43.00 -4.04
C VAL A 181 30.48 -43.88 -4.71
N ILE A 182 29.21 -43.48 -4.66
CA ILE A 182 28.20 -44.16 -5.44
C ILE A 182 27.57 -43.18 -6.40
N TYR A 183 27.84 -43.35 -7.70
CA TYR A 183 27.14 -42.61 -8.72
C TYR A 183 25.89 -43.38 -9.08
N GLN A 184 24.75 -42.77 -8.78
CA GLN A 184 23.48 -43.39 -9.00
C GLN A 184 22.78 -42.78 -10.21
N TYR A 185 22.67 -43.55 -11.28
CA TYR A 185 21.95 -43.05 -12.43
C TYR A 185 20.90 -44.06 -12.84
N MET A 186 19.63 -43.73 -12.64
CA MET A 186 18.56 -44.71 -12.79
C MET A 186 18.81 -45.82 -11.79
N ASP A 187 18.92 -47.05 -12.28
CA ASP A 187 19.34 -48.20 -11.46
C ASP A 187 20.85 -48.54 -11.57
N ASP A 188 21.59 -47.79 -12.38
CA ASP A 188 23.02 -48.05 -12.58
C ASP A 188 23.84 -47.51 -11.41
N LEU A 189 24.58 -48.38 -10.74
CA LEU A 189 25.44 -47.91 -9.64
C LEU A 189 26.93 -48.05 -9.92
N TYR A 190 27.65 -46.95 -9.76
CA TYR A 190 29.12 -46.99 -9.84
C TYR A 190 29.62 -46.75 -8.43
N VAL A 191 30.29 -47.76 -7.89
CA VAL A 191 30.81 -47.66 -6.54
C VAL A 191 32.32 -47.65 -6.65
N GLY A 192 32.98 -46.74 -5.97
CA GLY A 192 34.42 -46.75 -6.04
C GLY A 192 34.98 -46.31 -4.72
N SER A 193 36.20 -46.77 -4.46
CA SER A 193 36.85 -46.48 -3.18
C SER A 193 38.35 -46.64 -3.26
N ASP A 194 39.00 -46.11 -2.23
CA ASP A 194 40.44 -46.24 -2.07
C ASP A 194 40.79 -47.45 -1.19
N LEU A 195 39.76 -48.25 -0.90
CA LEU A 195 39.88 -49.53 -0.21
C LEU A 195 40.70 -50.52 -1.01
N GLU A 196 41.22 -51.55 -0.33
CA GLU A 196 41.94 -52.62 -0.99
C GLU A 196 40.96 -53.58 -1.61
N ILE A 197 41.28 -54.06 -2.81
CA ILE A 197 40.27 -54.75 -3.62
C ILE A 197 39.46 -55.76 -2.79
N GLY A 198 40.11 -56.37 -1.80
CA GLY A 198 39.41 -57.27 -0.90
C GLY A 198 38.38 -56.60 0.00
N GLN A 199 38.82 -55.61 0.77
CA GLN A 199 37.90 -54.89 1.66
C GLN A 199 36.78 -54.25 0.89
N HIS A 200 37.15 -53.70 -0.26
CA HIS A 200 36.20 -53.14 -1.19
C HIS A 200 35.11 -54.14 -1.55
N ARG A 201 35.50 -55.32 -2.05
CA ARG A 201 34.48 -56.29 -2.44
C ARG A 201 33.60 -56.72 -1.27
N THR A 202 34.17 -56.69 -0.08
CA THR A 202 33.39 -56.90 1.12
C THR A 202 32.24 -55.91 1.09
N LYS A 203 32.63 -54.64 1.04
CA LYS A 203 31.67 -53.53 1.00
C LYS A 203 30.64 -53.63 -0.11
N ILE A 204 31.07 -54.00 -1.32
CA ILE A 204 30.15 -54.19 -2.42
C ILE A 204 29.08 -55.18 -2.02
N GLU A 205 29.53 -56.26 -1.38
CA GLU A 205 28.61 -57.31 -0.96
C GLU A 205 27.63 -56.81 0.09
N GLU A 206 28.18 -56.12 1.08
CA GLU A 206 27.42 -55.47 2.13
C GLU A 206 26.28 -54.62 1.54
N LEU A 207 26.64 -53.79 0.57
CA LEU A 207 25.67 -52.99 -0.16
C LEU A 207 24.62 -53.88 -0.78
N ARG A 208 25.03 -54.91 -1.51
CA ARG A 208 24.05 -55.81 -2.15
C ARG A 208 23.03 -56.30 -1.15
N GLN A 209 23.49 -56.57 0.07
CA GLN A 209 22.61 -56.97 1.17
C GLN A 209 21.61 -55.87 1.53
N HIS A 210 22.13 -54.67 1.76
CA HIS A 210 21.33 -53.48 2.01
C HIS A 210 20.20 -53.29 0.98
N LEU A 211 20.55 -53.37 -0.30
CA LEU A 211 19.60 -53.24 -1.39
C LEU A 211 18.61 -54.39 -1.39
N LEU A 212 19.05 -55.53 -0.84
CA LEU A 212 18.19 -56.69 -0.67
C LEU A 212 17.08 -56.44 0.34
N ARG A 213 17.42 -55.87 1.50
CA ARG A 213 16.40 -55.58 2.50
C ARG A 213 15.23 -54.84 1.89
N TRP A 214 15.47 -54.10 0.81
CA TRP A 214 14.43 -53.30 0.15
C TRP A 214 13.79 -53.95 -1.09
N GLY A 215 14.24 -55.15 -1.40
CA GLY A 215 13.64 -55.90 -2.48
C GLY A 215 14.39 -55.71 -3.78
N LEU A 216 15.61 -55.21 -3.68
CA LEU A 216 16.40 -54.91 -4.88
C LEU A 216 17.48 -55.94 -5.17
N THR A 217 17.25 -56.71 -6.23
CA THR A 217 18.17 -57.77 -6.63
C THR A 217 19.38 -57.17 -7.33
N THR A 218 20.56 -57.75 -7.13
CA THR A 218 21.74 -57.34 -7.87
C THR A 218 22.44 -58.54 -8.53
N PRO A 219 21.96 -58.93 -9.72
CA PRO A 219 22.46 -60.12 -10.42
C PRO A 219 23.95 -60.03 -10.74
N ASP A 220 24.44 -61.02 -11.48
CA ASP A 220 25.85 -61.05 -11.85
C ASP A 220 26.07 -60.32 -13.17
N LYS A 221 25.02 -59.62 -13.59
CA LYS A 221 25.13 -58.62 -14.63
C LYS A 221 26.22 -57.60 -14.27
N LYS A 222 26.61 -57.59 -13.00
CA LYS A 222 27.60 -56.66 -12.46
C LYS A 222 29.04 -56.85 -12.95
N HIS A 223 29.71 -55.73 -13.27
CA HIS A 223 31.15 -55.71 -13.56
C HIS A 223 31.88 -55.80 -12.23
N GLN A 224 32.73 -56.82 -12.07
CA GLN A 224 33.41 -56.96 -10.78
C GLN A 224 34.86 -56.50 -10.80
N LYS A 225 35.74 -57.35 -11.31
CA LYS A 225 37.17 -57.04 -11.37
C LYS A 225 37.59 -56.45 -12.68
N GLU A 226 36.65 -56.16 -13.55
CA GLU A 226 37.08 -56.13 -14.94
C GLU A 226 37.03 -54.76 -15.59
N PRO A 227 37.98 -53.87 -15.23
CA PRO A 227 38.25 -52.81 -16.18
C PRO A 227 38.50 -53.44 -17.53
N PRO A 228 38.03 -52.79 -18.62
CA PRO A 228 37.28 -51.55 -18.51
C PRO A 228 35.86 -51.84 -18.10
N PHE A 229 35.23 -50.95 -17.33
CA PHE A 229 33.82 -51.07 -17.07
C PHE A 229 33.05 -50.29 -18.13
N LEU A 230 31.94 -50.86 -18.58
CA LEU A 230 31.08 -50.12 -19.48
C LEU A 230 30.17 -49.33 -18.55
N TRP A 231 30.24 -48.00 -18.67
CA TRP A 231 29.43 -47.09 -17.87
C TRP A 231 29.00 -45.88 -18.71
N MET A 232 27.70 -45.62 -18.77
CA MET A 232 27.14 -44.48 -19.51
C MET A 232 27.72 -44.31 -20.91
N GLY A 233 27.83 -45.39 -21.69
CA GLY A 233 28.37 -45.27 -23.04
C GLY A 233 29.88 -45.10 -23.11
N TYR A 234 30.56 -45.31 -21.98
CA TYR A 234 32.02 -45.19 -21.88
C TYR A 234 32.73 -46.48 -21.41
N GLU A 235 34.02 -46.57 -21.69
CA GLU A 235 34.90 -47.59 -21.11
C GLU A 235 35.79 -46.93 -20.06
N LEU A 236 35.69 -47.43 -18.84
CA LEU A 236 36.44 -46.91 -17.70
C LEU A 236 37.62 -47.80 -17.32
N HIS A 237 38.81 -47.22 -17.32
CA HIS A 237 40.05 -47.92 -17.02
C HIS A 237 40.63 -47.30 -15.77
N PRO A 238 41.60 -47.97 -15.15
CA PRO A 238 42.13 -47.46 -13.88
C PRO A 238 42.66 -46.04 -14.00
N ASP A 239 43.40 -45.74 -15.06
CA ASP A 239 43.81 -44.35 -15.26
C ASP A 239 43.22 -43.50 -16.41
N LYS A 240 42.38 -44.10 -17.24
CA LYS A 240 41.86 -43.42 -18.43
C LYS A 240 40.42 -43.85 -18.76
N TRP A 241 39.80 -43.13 -19.67
CA TRP A 241 38.45 -43.47 -20.13
C TRP A 241 38.28 -43.14 -21.60
N THR A 242 37.24 -43.71 -22.22
CA THR A 242 36.93 -43.34 -23.59
C THR A 242 35.49 -43.62 -23.92
N VAL A 243 35.01 -43.07 -25.03
CA VAL A 243 33.69 -43.43 -25.53
C VAL A 243 33.74 -44.83 -26.13
N GLN A 244 32.65 -45.58 -25.96
CA GLN A 244 32.50 -46.80 -26.72
C GLN A 244 32.44 -46.45 -28.20
N PRO A 245 33.09 -47.25 -29.04
CA PRO A 245 33.36 -46.90 -30.43
C PRO A 245 32.15 -46.36 -31.20
N ILE A 246 32.43 -45.36 -32.03
CA ILE A 246 31.43 -44.67 -32.83
C ILE A 246 31.44 -45.16 -34.28
N VAL A 247 30.31 -45.68 -34.72
CA VAL A 247 30.13 -46.09 -36.11
C VAL A 247 29.50 -44.96 -36.90
N LEU A 248 30.18 -44.48 -37.94
CA LEU A 248 29.59 -43.46 -38.80
C LEU A 248 29.04 -44.08 -40.08
N PRO A 249 27.73 -43.89 -40.32
CA PRO A 249 27.05 -44.46 -41.48
C PRO A 249 27.84 -44.25 -42.77
N GLU A 250 27.79 -45.25 -43.66
CA GLU A 250 28.60 -45.24 -44.88
C GLU A 250 27.87 -44.78 -46.14
N LYS A 251 26.60 -44.42 -46.00
CA LYS A 251 25.67 -44.36 -47.11
C LYS A 251 26.27 -43.64 -48.32
N ASP A 252 25.99 -44.17 -49.51
CA ASP A 252 26.44 -43.56 -50.76
C ASP A 252 25.54 -42.37 -51.11
N SER A 253 24.26 -42.50 -50.77
CA SER A 253 23.30 -41.43 -50.98
C SER A 253 22.63 -41.10 -49.66
N TRP A 254 22.72 -39.83 -49.27
CA TRP A 254 22.28 -39.38 -47.94
C TRP A 254 20.88 -38.77 -47.95
N THR A 255 20.04 -39.20 -47.02
CA THR A 255 18.76 -38.56 -46.78
C THR A 255 18.95 -37.40 -45.79
N VAL A 256 17.86 -36.81 -45.32
CA VAL A 256 17.97 -35.83 -44.26
C VAL A 256 18.25 -36.53 -42.94
N ASN A 257 17.48 -37.59 -42.65
CA ASN A 257 17.69 -38.41 -41.46
C ASN A 257 19.14 -38.90 -41.37
N ASP A 258 19.73 -39.24 -42.52
CA ASP A 258 21.13 -39.64 -42.56
C ASP A 258 22.04 -38.56 -41.98
N ILE A 259 21.91 -37.33 -42.47
CA ILE A 259 22.74 -36.24 -41.97
C ILE A 259 22.47 -35.95 -40.50
N CYS A 260 21.23 -36.13 -40.06
CA CYS A 260 20.97 -35.98 -38.64
C CYS A 260 21.74 -36.97 -37.80
N LYS A 261 21.63 -38.26 -38.14
CA LYS A 261 22.40 -39.25 -37.41
C LYS A 261 23.86 -38.87 -37.43
N LEU A 262 24.41 -38.66 -38.61
CA LEU A 262 25.81 -38.26 -38.75
C LEU A 262 26.19 -37.13 -37.76
N VAL A 263 25.55 -35.99 -37.92
CA VAL A 263 25.77 -34.85 -37.03
C VAL A 263 25.70 -35.18 -35.53
N GLY A 264 24.65 -35.86 -35.09
CA GLY A 264 24.51 -36.18 -33.68
C GLY A 264 25.58 -37.14 -33.18
N LYS A 265 26.01 -38.02 -34.07
CA LYS A 265 27.07 -38.96 -33.78
C LYS A 265 28.35 -38.17 -33.55
N LEU A 266 28.61 -37.22 -34.45
CA LEU A 266 29.80 -36.37 -34.37
C LEU A 266 29.77 -35.43 -33.16
N ASN A 267 28.57 -35.02 -32.76
CA ASN A 267 28.42 -34.22 -31.55
C ASN A 267 28.72 -35.05 -30.32
N TRP A 268 28.28 -36.31 -30.32
CA TRP A 268 28.64 -37.23 -29.26
C TRP A 268 30.15 -37.41 -29.21
N ALA A 269 30.76 -37.57 -30.39
CA ALA A 269 32.21 -37.74 -30.50
C ALA A 269 33.01 -36.53 -30.00
N SER A 270 32.45 -35.34 -30.15
CA SER A 270 33.21 -34.13 -29.86
C SER A 270 33.50 -33.90 -28.39
N GLN A 271 32.99 -34.76 -27.50
CA GLN A 271 33.29 -34.64 -26.08
C GLN A 271 34.72 -35.10 -25.79
N ILE A 272 35.27 -35.86 -26.73
CA ILE A 272 36.62 -36.39 -26.60
C ILE A 272 37.56 -36.11 -27.81
N TYR A 273 37.18 -36.53 -29.02
CA TYR A 273 37.98 -36.25 -30.21
C TYR A 273 38.04 -34.73 -30.50
N PRO A 274 39.25 -34.15 -30.39
CA PRO A 274 39.44 -32.71 -30.61
C PRO A 274 39.17 -32.34 -32.05
N GLY A 275 38.62 -31.15 -32.25
CA GLY A 275 38.48 -30.60 -33.58
C GLY A 275 37.36 -31.08 -34.48
N ILE A 276 36.35 -31.73 -33.94
CA ILE A 276 35.22 -32.11 -34.78
C ILE A 276 34.43 -30.86 -35.17
N LYS A 277 33.99 -30.82 -36.42
CA LYS A 277 33.25 -29.68 -36.96
C LYS A 277 31.97 -30.17 -37.63
N VAL A 278 30.83 -29.63 -37.17
CA VAL A 278 29.56 -29.95 -37.79
C VAL A 278 28.93 -28.89 -38.72
N ARG A 279 29.58 -27.73 -38.90
CA ARG A 279 28.99 -26.57 -39.58
C ARG A 279 28.36 -26.83 -40.96
N GLN A 280 29.15 -27.40 -41.85
CA GLN A 280 28.75 -27.55 -43.24
C GLN A 280 27.75 -28.67 -43.44
N LEU A 281 27.88 -29.73 -42.65
CA LEU A 281 26.88 -30.80 -42.69
C LEU A 281 25.52 -30.32 -42.21
N SER A 282 25.50 -29.36 -41.29
CA SER A 282 24.26 -28.80 -40.77
C SER A 282 23.65 -27.80 -41.73
N LYS A 283 24.50 -27.08 -42.48
CA LYS A 283 23.99 -26.21 -43.53
C LYS A 283 23.04 -26.98 -44.44
N LEU A 284 23.28 -28.28 -44.61
CA LEU A 284 22.50 -29.11 -45.52
C LEU A 284 21.07 -29.34 -45.04
N LEU A 285 20.82 -29.11 -43.76
CA LEU A 285 19.50 -29.42 -43.19
C LEU A 285 18.56 -28.24 -43.10
N ARG A 286 19.00 -27.07 -43.53
CA ARG A 286 18.22 -25.85 -43.29
C ARG A 286 17.04 -25.67 -44.25
N GLY A 287 15.85 -25.57 -43.67
CA GLY A 287 14.63 -25.34 -44.42
C GLY A 287 14.25 -26.51 -45.29
N THR A 288 14.41 -27.73 -44.77
CA THR A 288 14.02 -28.92 -45.50
C THR A 288 12.82 -29.62 -44.86
N LYS A 289 11.98 -30.20 -45.69
CA LYS A 289 10.71 -30.78 -45.28
C LYS A 289 10.82 -32.21 -44.75
N ALA A 290 11.21 -33.13 -45.63
CA ALA A 290 11.16 -34.55 -45.33
C ALA A 290 12.43 -35.08 -44.70
N LEU A 291 12.28 -35.76 -43.57
CA LEU A 291 13.38 -36.49 -42.94
C LEU A 291 13.86 -37.55 -43.92
N THR A 292 12.92 -37.99 -44.77
CA THR A 292 13.16 -39.03 -45.77
C THR A 292 13.85 -38.51 -47.03
N GLU A 293 13.58 -37.25 -47.36
CA GLU A 293 14.09 -36.62 -48.58
C GLU A 293 15.61 -36.77 -48.77
N VAL A 294 16.04 -37.04 -50.00
CA VAL A 294 17.46 -37.20 -50.31
C VAL A 294 18.12 -35.88 -50.69
N ILE A 295 19.34 -35.67 -50.21
CA ILE A 295 20.09 -34.46 -50.56
C ILE A 295 21.58 -34.73 -50.81
N PRO A 296 22.15 -34.06 -51.82
CA PRO A 296 23.56 -34.22 -52.21
C PRO A 296 24.57 -33.49 -51.31
N LEU A 297 25.75 -34.08 -51.16
CA LEU A 297 26.77 -33.50 -50.33
C LEU A 297 27.61 -32.46 -51.06
N THR A 298 27.67 -31.26 -50.49
CA THR A 298 28.47 -30.18 -51.05
C THR A 298 29.94 -30.51 -51.01
N GLU A 299 30.72 -29.80 -51.83
CA GLU A 299 32.16 -29.97 -51.81
C GLU A 299 32.70 -29.43 -50.49
N GLU A 300 31.82 -28.79 -49.73
CA GLU A 300 32.14 -28.23 -48.42
C GLU A 300 31.97 -29.28 -47.32
N ALA A 301 30.74 -29.75 -47.17
CA ALA A 301 30.40 -30.79 -46.21
C ALA A 301 31.14 -32.12 -46.47
N GLU A 302 31.58 -32.33 -47.71
CA GLU A 302 32.37 -33.51 -48.04
C GLU A 302 33.77 -33.41 -47.45
N LEU A 303 34.40 -32.24 -47.62
CA LEU A 303 35.68 -31.96 -47.00
C LEU A 303 35.58 -32.15 -45.48
N GLU A 304 34.63 -31.43 -44.88
CA GLU A 304 34.37 -31.54 -43.44
C GLU A 304 34.28 -33.01 -42.98
N LEU A 305 33.29 -33.72 -43.48
CA LEU A 305 33.11 -35.13 -43.15
C LEU A 305 34.40 -35.95 -43.32
N ALA A 306 35.20 -35.58 -44.32
CA ALA A 306 36.45 -36.29 -44.57
C ALA A 306 37.44 -36.10 -43.41
N GLU A 307 37.73 -34.84 -43.10
CA GLU A 307 38.66 -34.51 -42.01
C GLU A 307 38.14 -34.96 -40.64
N ASN A 308 36.83 -34.95 -40.45
CA ASN A 308 36.22 -35.47 -39.22
C ASN A 308 36.47 -36.96 -39.10
N ARG A 309 36.30 -37.68 -40.21
CA ARG A 309 36.59 -39.10 -40.25
C ARG A 309 38.05 -39.37 -39.90
N GLU A 310 38.95 -38.51 -40.40
CA GLU A 310 40.36 -38.63 -40.07
C GLU A 310 40.62 -38.41 -38.58
N ILE A 311 39.86 -37.50 -37.98
CA ILE A 311 39.97 -37.28 -36.54
C ILE A 311 39.56 -38.53 -35.75
N LEU A 312 38.45 -39.14 -36.18
CA LEU A 312 37.91 -40.33 -35.52
C LEU A 312 38.77 -41.57 -35.68
N LYS A 313 39.49 -41.62 -36.79
CA LYS A 313 40.35 -42.76 -37.11
C LYS A 313 41.29 -43.15 -35.95
N GLU A 314 42.04 -42.19 -35.43
CA GLU A 314 43.00 -42.48 -34.36
C GLU A 314 42.33 -42.49 -32.99
N PRO A 315 42.57 -43.54 -32.19
CA PRO A 315 41.94 -43.63 -30.86
C PRO A 315 42.44 -42.57 -29.89
N VAL A 316 41.52 -41.95 -29.16
CA VAL A 316 41.86 -40.99 -28.13
C VAL A 316 41.17 -41.37 -26.84
N HIS A 317 41.63 -40.79 -25.74
CA HIS A 317 41.09 -41.15 -24.43
C HIS A 317 41.19 -39.95 -23.48
N GLY A 318 40.33 -39.92 -22.48
CA GLY A 318 40.38 -38.87 -21.49
C GLY A 318 40.98 -39.35 -20.20
N VAL A 319 41.28 -38.43 -19.30
CA VAL A 319 41.82 -38.79 -18.01
C VAL A 319 40.80 -38.42 -16.93
N TYR A 320 41.16 -38.58 -15.66
CA TYR A 320 40.24 -38.26 -14.60
C TYR A 320 40.67 -37.02 -13.84
N TYR A 321 39.84 -36.65 -12.88
CA TYR A 321 39.98 -35.36 -12.24
C TYR A 321 40.76 -35.44 -10.92
N ASP A 322 41.70 -34.52 -10.78
CA ASP A 322 42.60 -34.45 -9.64
C ASP A 322 42.34 -33.14 -8.90
N PRO A 323 41.42 -33.19 -7.93
CA PRO A 323 40.97 -32.01 -7.19
C PRO A 323 42.10 -31.13 -6.66
N SER A 324 43.31 -31.67 -6.51
CA SER A 324 44.43 -30.86 -6.04
C SER A 324 44.91 -29.86 -7.11
N LYS A 325 44.97 -30.31 -8.36
CA LYS A 325 45.41 -29.47 -9.47
C LYS A 325 44.33 -28.54 -10.07
N ASP A 326 44.79 -27.48 -10.69
CA ASP A 326 43.91 -26.55 -11.41
C ASP A 326 43.19 -27.16 -12.60
N LEU A 327 42.07 -26.56 -12.99
CA LEU A 327 41.42 -26.84 -14.27
C LEU A 327 41.87 -25.83 -15.34
N ILE A 328 42.12 -26.29 -16.56
CA ILE A 328 42.54 -25.39 -17.62
C ILE A 328 41.68 -25.64 -18.85
N ALA A 329 41.09 -24.58 -19.38
CA ALA A 329 40.37 -24.66 -20.65
C ALA A 329 41.10 -23.83 -21.69
N GLU A 330 41.51 -24.48 -22.77
CA GLU A 330 42.08 -23.77 -23.90
C GLU A 330 41.13 -23.78 -25.12
N ILE A 331 41.07 -22.64 -25.82
CA ILE A 331 40.17 -22.47 -26.96
C ILE A 331 40.92 -22.12 -28.26
N GLN A 332 40.49 -22.76 -29.33
CA GLN A 332 41.00 -22.51 -30.68
C GLN A 332 39.86 -21.98 -31.56
N LYS A 333 40.18 -20.95 -32.34
CA LYS A 333 39.24 -20.46 -33.34
C LYS A 333 39.34 -21.31 -34.59
N GLN A 334 38.22 -21.84 -35.05
CA GLN A 334 38.22 -22.67 -36.25
C GLN A 334 37.75 -22.03 -37.57
N GLY A 335 37.34 -20.78 -37.52
CA GLY A 335 36.85 -20.08 -38.71
C GLY A 335 35.36 -20.32 -38.90
N GLN A 336 34.70 -19.34 -39.51
CA GLN A 336 33.25 -19.37 -39.72
C GLN A 336 32.53 -19.66 -38.42
N GLY A 337 32.73 -18.79 -37.44
CA GLY A 337 32.09 -18.94 -36.14
C GLY A 337 32.17 -20.33 -35.52
N GLN A 338 33.31 -21.01 -35.67
CA GLN A 338 33.48 -22.32 -35.08
C GLN A 338 34.63 -22.35 -34.06
N TRP A 339 34.37 -22.93 -32.90
CA TRP A 339 35.33 -22.88 -31.81
C TRP A 339 35.51 -24.26 -31.19
N THR A 340 36.74 -24.64 -30.91
CA THR A 340 36.93 -25.91 -30.23
C THR A 340 37.71 -25.65 -28.98
N TYR A 341 37.55 -26.52 -28.00
CA TYR A 341 38.25 -26.36 -26.74
C TYR A 341 38.62 -27.68 -26.10
N GLN A 342 39.68 -27.63 -25.31
CA GLN A 342 40.11 -28.77 -24.53
C GLN A 342 40.23 -28.32 -23.10
N ILE A 343 39.67 -29.12 -22.19
CA ILE A 343 39.82 -28.93 -20.75
C ILE A 343 40.72 -30.02 -20.21
N TYR A 344 41.79 -29.61 -19.54
CA TYR A 344 42.79 -30.51 -19.01
C TYR A 344 43.39 -30.00 -17.71
N GLN A 345 44.26 -30.80 -17.11
CA GLN A 345 44.98 -30.41 -15.90
C GLN A 345 46.49 -30.50 -16.12
N GLU A 346 46.94 -31.70 -16.49
CA GLU A 346 48.31 -31.87 -16.95
C GLU A 346 48.31 -31.62 -18.44
N PRO A 347 49.27 -30.83 -18.93
CA PRO A 347 49.34 -30.48 -20.35
C PRO A 347 49.21 -31.72 -21.20
N PHE A 348 48.50 -31.59 -22.31
CA PHE A 348 48.41 -32.65 -23.31
C PHE A 348 47.64 -33.90 -22.87
N LYS A 349 47.22 -33.94 -21.61
CA LYS A 349 46.33 -35.01 -21.19
C LYS A 349 44.97 -34.41 -20.87
N ASN A 350 44.02 -34.62 -21.77
CA ASN A 350 42.70 -33.97 -21.69
C ASN A 350 41.76 -34.67 -20.72
N LEU A 351 41.05 -33.88 -19.91
CA LEU A 351 39.88 -34.36 -19.23
C LEU A 351 38.75 -34.55 -20.23
N LYS A 352 38.46 -33.49 -20.99
CA LYS A 352 37.43 -33.60 -22.05
C LYS A 352 37.61 -32.55 -23.11
N THR A 353 36.94 -32.73 -24.23
CA THR A 353 36.97 -31.70 -25.25
C THR A 353 35.57 -31.22 -25.56
N GLY A 354 35.45 -30.28 -26.50
CA GLY A 354 34.14 -29.79 -26.87
C GLY A 354 34.16 -28.69 -27.90
N LYS A 355 33.00 -28.30 -28.38
CA LYS A 355 32.91 -27.27 -29.41
C LYS A 355 31.80 -26.27 -29.14
N TYR A 356 32.03 -25.04 -29.59
CA TYR A 356 31.00 -24.00 -29.65
C TYR A 356 30.83 -23.50 -31.09
N ALA A 357 29.72 -23.87 -31.71
CA ALA A 357 29.46 -23.40 -33.06
C ALA A 357 28.39 -22.31 -33.24
N ARG A 358 27.68 -21.95 -32.17
CA ARG A 358 26.46 -21.16 -32.32
C ARG A 358 26.58 -19.75 -32.91
N MET A 359 25.80 -19.49 -33.97
CA MET A 359 25.70 -18.13 -34.49
C MET A 359 24.55 -17.41 -33.79
N ARG A 360 24.92 -16.45 -32.97
CA ARG A 360 24.00 -15.73 -32.14
C ARG A 360 24.07 -14.27 -32.55
N GLY A 361 22.98 -13.77 -33.13
CA GLY A 361 22.95 -12.42 -33.66
C GLY A 361 23.05 -12.38 -35.18
N ALA A 362 22.53 -11.30 -35.76
CA ALA A 362 22.62 -11.07 -37.19
C ALA A 362 24.01 -10.50 -37.53
N HIS A 363 24.52 -9.71 -36.60
CA HIS A 363 25.84 -9.12 -36.75
C HIS A 363 26.61 -9.45 -35.49
N THR A 364 27.86 -9.87 -35.65
CA THR A 364 28.62 -10.30 -34.48
C THR A 364 30.10 -10.11 -34.76
N ASN A 365 30.95 -10.45 -33.80
CA ASN A 365 32.37 -10.52 -34.09
C ASN A 365 33.07 -11.68 -33.37
N ASP A 366 34.38 -11.81 -33.58
CA ASP A 366 35.10 -12.92 -32.97
C ASP A 366 35.20 -12.80 -31.44
N VAL A 367 35.40 -11.59 -30.96
CA VAL A 367 35.46 -11.29 -29.54
C VAL A 367 34.16 -11.69 -28.82
N LYS A 368 33.02 -11.30 -29.38
CA LYS A 368 31.74 -11.68 -28.81
C LYS A 368 31.60 -13.21 -28.79
N GLN A 369 31.97 -13.86 -29.88
CA GLN A 369 31.80 -15.31 -29.91
C GLN A 369 32.74 -16.01 -28.93
N LEU A 370 33.89 -15.39 -28.69
CA LEU A 370 34.85 -15.91 -27.73
C LEU A 370 34.23 -15.86 -26.35
N THR A 371 33.68 -14.68 -25.99
CA THR A 371 32.95 -14.51 -24.73
C THR A 371 31.84 -15.55 -24.55
N GLU A 372 31.08 -15.75 -25.62
CA GLU A 372 30.05 -16.77 -25.65
C GLU A 372 30.58 -18.19 -25.32
N ALA A 373 31.70 -18.59 -25.93
CA ALA A 373 32.28 -19.92 -25.67
C ALA A 373 32.84 -20.05 -24.24
N VAL A 374 33.52 -19.00 -23.77
CA VAL A 374 34.00 -18.99 -22.42
C VAL A 374 32.83 -19.21 -21.49
N GLN A 375 31.67 -18.61 -21.78
CA GLN A 375 30.51 -18.82 -20.92
C GLN A 375 29.94 -20.23 -21.03
N LYS A 376 29.79 -20.74 -22.24
CA LYS A 376 29.34 -22.11 -22.45
C LYS A 376 30.16 -23.10 -21.61
N ILE A 377 31.47 -22.93 -21.70
CA ILE A 377 32.48 -23.73 -21.01
C ILE A 377 32.52 -23.52 -19.50
N THR A 378 32.31 -22.31 -19.04
CA THR A 378 32.23 -22.10 -17.60
C THR A 378 31.04 -22.86 -17.08
N THR A 379 29.88 -22.65 -17.66
CA THR A 379 28.69 -23.33 -17.20
C THR A 379 28.89 -24.86 -17.18
N GLU A 380 29.53 -25.38 -18.25
CA GLU A 380 29.78 -26.83 -18.36
C GLU A 380 30.66 -27.32 -17.23
N SER A 381 31.77 -26.61 -17.03
CA SER A 381 32.69 -26.90 -15.94
C SER A 381 32.00 -26.86 -14.59
N ILE A 382 31.25 -25.80 -14.34
CA ILE A 382 30.60 -25.69 -13.05
C ILE A 382 29.67 -26.90 -12.82
N VAL A 383 29.02 -27.38 -13.88
CA VAL A 383 28.26 -28.60 -13.70
C VAL A 383 29.14 -29.80 -13.33
N ILE A 384 30.22 -30.02 -14.07
CA ILE A 384 31.00 -31.25 -13.93
C ILE A 384 31.98 -31.33 -12.73
N TRP A 385 32.79 -30.28 -12.56
CA TRP A 385 33.77 -30.18 -11.48
C TRP A 385 33.36 -29.24 -10.34
N GLY A 386 32.23 -28.56 -10.50
CA GLY A 386 31.80 -27.58 -9.52
C GLY A 386 32.67 -26.32 -9.41
N LYS A 387 33.57 -26.11 -10.36
CA LYS A 387 34.46 -24.96 -10.31
C LYS A 387 34.75 -24.43 -11.71
N THR A 388 35.22 -23.19 -11.79
CA THR A 388 35.52 -22.58 -13.08
C THR A 388 36.96 -22.81 -13.47
N PRO A 389 37.20 -23.27 -14.70
CA PRO A 389 38.55 -23.37 -15.21
C PRO A 389 39.27 -22.03 -15.41
N LYS A 390 40.59 -22.13 -15.30
CA LYS A 390 41.51 -21.10 -15.70
C LYS A 390 41.53 -21.22 -17.22
N PHE A 391 41.51 -20.08 -17.91
CA PHE A 391 41.30 -20.07 -19.35
C PHE A 391 42.55 -19.70 -20.12
N LYS A 392 42.81 -20.42 -21.20
CA LYS A 392 43.86 -20.04 -22.15
C LYS A 392 43.27 -19.65 -23.53
N LEU A 393 43.43 -18.38 -23.90
CA LEU A 393 42.64 -17.77 -24.97
C LEU A 393 43.51 -17.17 -26.07
N PRO A 394 43.15 -17.39 -27.35
CA PRO A 394 43.97 -16.85 -28.43
C PRO A 394 43.62 -15.40 -28.72
N ILE A 395 43.54 -14.59 -27.68
CA ILE A 395 43.27 -13.19 -27.85
C ILE A 395 44.23 -12.45 -26.98
N GLN A 396 44.91 -11.50 -27.60
CA GLN A 396 45.86 -10.68 -26.91
C GLN A 396 45.18 -9.94 -25.75
N LYS A 397 45.95 -9.65 -24.71
CA LYS A 397 45.44 -9.02 -23.51
C LYS A 397 44.97 -7.56 -23.76
N GLU A 398 45.62 -6.87 -24.70
CA GLU A 398 45.17 -5.53 -25.05
C GLU A 398 43.93 -5.52 -25.93
N THR A 399 43.80 -6.53 -26.80
CA THR A 399 42.60 -6.63 -27.62
C THR A 399 41.43 -6.68 -26.68
N TRP A 400 41.48 -7.63 -25.75
CA TRP A 400 40.38 -7.81 -24.82
C TRP A 400 40.11 -6.55 -24.01
N GLU A 401 41.18 -5.94 -23.49
CA GLU A 401 41.01 -4.71 -22.73
C GLU A 401 40.32 -3.61 -23.55
N THR A 402 40.71 -3.44 -24.82
CA THR A 402 40.08 -2.44 -25.68
C THR A 402 38.59 -2.72 -25.87
N TRP A 403 38.28 -3.97 -26.20
CA TRP A 403 36.89 -4.35 -26.36
C TRP A 403 36.06 -4.09 -25.11
N TRP A 404 36.41 -4.72 -23.98
CA TRP A 404 35.51 -4.65 -22.83
C TRP A 404 35.41 -3.24 -22.27
N THR A 405 36.51 -2.49 -22.26
CA THR A 405 36.37 -1.15 -21.71
C THR A 405 35.48 -0.30 -22.59
N GLU A 406 35.61 -0.46 -23.91
CA GLU A 406 34.90 0.40 -24.86
C GLU A 406 33.44 0.03 -25.11
N TYR A 407 33.15 -1.27 -25.15
CA TYR A 407 31.79 -1.77 -25.37
C TYR A 407 30.84 -1.14 -24.38
N TRP A 408 29.62 -0.85 -24.82
CA TRP A 408 28.65 -0.17 -23.94
C TRP A 408 27.96 -1.19 -23.04
N GLN A 409 28.19 -2.46 -23.30
CA GLN A 409 27.61 -3.48 -22.45
C GLN A 409 28.58 -4.08 -21.41
N ALA A 410 28.05 -4.43 -20.26
CA ALA A 410 28.85 -5.12 -19.24
C ALA A 410 29.35 -6.43 -19.84
N THR A 411 30.67 -6.61 -19.80
CA THR A 411 31.24 -7.85 -20.29
C THR A 411 32.44 -8.31 -19.48
N TRP A 412 32.56 -9.62 -19.36
CA TRP A 412 33.64 -10.13 -18.55
C TRP A 412 34.06 -11.53 -18.91
N ILE A 413 35.37 -11.78 -18.74
CA ILE A 413 35.94 -13.12 -18.79
C ILE A 413 36.67 -13.34 -17.47
N PRO A 414 36.53 -14.55 -16.89
CA PRO A 414 37.18 -14.96 -15.63
C PRO A 414 38.68 -15.13 -15.84
N GLU A 415 39.44 -15.50 -14.81
CA GLU A 415 40.91 -15.54 -14.92
C GLU A 415 41.37 -16.32 -16.15
N TRP A 416 42.22 -15.68 -16.95
CA TRP A 416 42.62 -16.21 -18.24
C TRP A 416 44.00 -15.65 -18.63
N GLU A 417 44.69 -16.34 -19.52
CA GLU A 417 45.96 -15.85 -20.06
C GLU A 417 46.01 -16.05 -21.56
N PHE A 418 46.88 -15.26 -22.16
CA PHE A 418 47.05 -15.26 -23.59
C PHE A 418 47.78 -16.52 -23.99
N VAL A 419 47.25 -17.23 -24.97
CA VAL A 419 47.99 -18.29 -25.61
C VAL A 419 48.18 -17.89 -27.03
N ASN A 420 49.40 -18.01 -27.50
CA ASN A 420 49.80 -17.44 -28.77
C ASN A 420 49.53 -18.33 -29.97
N THR A 421 48.73 -19.37 -29.78
CA THR A 421 48.26 -20.19 -30.89
C THR A 421 47.36 -19.46 -31.88
N PRO A 422 47.83 -19.23 -33.12
CA PRO A 422 47.00 -18.60 -34.16
C PRO A 422 45.92 -19.54 -34.68
N PRO A 423 44.92 -19.00 -35.41
CA PRO A 423 44.69 -17.58 -35.70
C PRO A 423 44.24 -16.77 -34.47
N LEU A 424 44.82 -15.61 -34.25
CA LEU A 424 44.45 -14.84 -33.07
C LEU A 424 43.15 -14.07 -33.28
N VAL A 425 42.41 -13.89 -32.19
CA VAL A 425 41.22 -13.06 -32.21
C VAL A 425 41.60 -11.59 -32.08
N LYS A 426 41.15 -10.79 -33.05
CA LYS A 426 41.36 -9.35 -33.03
C LYS A 426 40.11 -8.54 -33.33
N LEU A 427 40.20 -7.24 -33.11
CA LEU A 427 39.23 -6.32 -33.65
C LEU A 427 39.72 -5.77 -35.01
N TRP A 428 38.88 -5.88 -36.04
CA TRP A 428 39.33 -5.60 -37.40
C TRP A 428 39.31 -4.14 -37.81
N TYR A 429 38.57 -3.32 -37.07
CA TYR A 429 38.62 -1.87 -37.26
C TYR A 429 38.27 -1.21 -35.94
N GLN A 430 38.56 0.09 -35.87
CA GLN A 430 38.25 0.84 -34.67
C GLN A 430 37.71 2.23 -35.08
N LEU A 431 36.54 2.59 -34.56
CA LEU A 431 35.99 3.91 -34.80
C LEU A 431 36.73 4.99 -34.00
N GLU A 432 37.07 6.11 -34.62
CA GLU A 432 37.70 7.19 -33.87
C GLU A 432 36.73 7.69 -32.81
N LYS A 433 37.26 8.21 -31.70
CA LYS A 433 36.44 8.83 -30.65
C LYS A 433 36.22 10.30 -30.92
N GLU A 434 37.01 10.85 -31.83
CA GLU A 434 36.94 12.26 -32.17
C GLU A 434 37.03 12.49 -33.70
N PRO A 435 36.34 13.53 -34.22
CA PRO A 435 36.36 13.81 -35.66
C PRO A 435 37.77 14.04 -36.16
N ILE A 436 38.03 13.58 -37.37
CA ILE A 436 39.35 13.54 -37.95
C ILE A 436 39.64 14.85 -38.65
N VAL A 437 40.69 15.53 -38.20
CA VAL A 437 41.04 16.80 -38.82
C VAL A 437 41.55 16.52 -40.21
N GLY A 438 41.13 17.35 -41.16
CA GLY A 438 41.61 17.23 -42.53
C GLY A 438 40.96 16.12 -43.35
N ALA A 439 40.07 15.36 -42.74
CA ALA A 439 39.34 14.35 -43.48
C ALA A 439 38.01 14.92 -43.97
N GLU A 440 37.65 14.48 -45.16
CA GLU A 440 36.43 14.94 -45.79
C GLU A 440 35.25 14.48 -44.96
N THR A 441 34.25 15.33 -44.85
CA THR A 441 33.06 15.01 -44.07
C THR A 441 31.86 14.69 -44.97
N PHE A 442 31.37 13.45 -44.91
CA PHE A 442 30.21 13.02 -45.66
C PHE A 442 28.92 13.00 -44.83
N TYR A 443 27.97 13.87 -45.13
CA TYR A 443 26.62 13.73 -44.57
C TYR A 443 25.81 12.76 -45.42
N VAL A 444 25.30 11.70 -44.81
CA VAL A 444 24.67 10.62 -45.57
C VAL A 444 23.19 10.49 -45.21
N ASP A 445 22.35 10.10 -46.16
CA ASP A 445 20.99 9.71 -45.80
C ASP A 445 20.50 8.77 -46.84
N GLY A 446 19.39 8.12 -46.56
CA GLY A 446 18.67 7.39 -47.57
C GLY A 446 17.24 7.26 -47.14
N ALA A 447 16.33 7.19 -48.10
CA ALA A 447 14.93 7.03 -47.78
C ALA A 447 14.36 6.05 -48.75
N ALA A 448 13.19 5.53 -48.45
CA ALA A 448 12.54 4.55 -49.32
C ALA A 448 11.04 4.61 -49.15
N ASN A 449 10.33 4.21 -50.19
CA ASN A 449 8.89 4.32 -50.21
C ASN A 449 8.28 2.99 -49.78
N ARG A 450 7.48 3.03 -48.73
CA ARG A 450 6.86 1.81 -48.20
C ARG A 450 6.07 1.03 -49.24
N GLU A 451 5.37 1.74 -50.13
CA GLU A 451 4.60 1.12 -51.21
C GLU A 451 5.44 0.73 -52.44
N THR A 452 6.28 1.65 -52.92
CA THR A 452 7.11 1.36 -54.09
C THR A 452 8.21 0.37 -53.78
N LYS A 453 8.74 0.45 -52.56
CA LYS A 453 9.94 -0.28 -52.20
C LYS A 453 11.08 0.26 -53.04
N LEU A 454 10.93 1.49 -53.49
CA LEU A 454 11.95 2.15 -54.29
C LEU A 454 12.51 3.19 -53.35
N GLY A 455 13.76 3.55 -53.56
CA GLY A 455 14.39 4.45 -52.62
C GLY A 455 15.64 5.08 -53.15
N LYS A 456 16.22 5.97 -52.36
CA LYS A 456 17.47 6.63 -52.75
C LYS A 456 18.45 6.56 -51.60
N ALA A 457 19.73 6.54 -51.94
CA ALA A 457 20.78 6.61 -50.93
C ALA A 457 21.89 7.54 -51.41
N GLY A 458 22.24 8.53 -50.60
CA GLY A 458 23.21 9.47 -51.09
C GLY A 458 23.95 10.25 -50.06
N TYR A 459 24.71 11.22 -50.52
CA TYR A 459 25.53 12.00 -49.63
C TYR A 459 25.93 13.35 -50.17
N VAL A 460 26.33 14.22 -49.25
CA VAL A 460 26.88 15.53 -49.58
C VAL A 460 28.12 15.72 -48.72
N THR A 461 29.08 16.52 -49.16
CA THR A 461 30.29 16.72 -48.37
C THR A 461 30.73 18.17 -48.34
N ASN A 462 31.61 18.50 -47.40
CA ASN A 462 32.08 19.85 -47.16
C ASN A 462 32.86 20.34 -48.37
N LYS A 463 33.34 19.39 -49.16
CA LYS A 463 34.21 19.67 -50.28
C LYS A 463 33.40 19.83 -51.55
N GLY A 464 32.09 19.69 -51.44
CA GLY A 464 31.21 19.88 -52.57
C GLY A 464 30.79 18.57 -53.17
N ARG A 465 31.52 17.51 -52.88
CA ARG A 465 31.24 16.22 -53.47
C ARG A 465 29.83 15.79 -53.16
N GLN A 466 29.23 15.02 -54.05
CA GLN A 466 27.87 14.61 -53.85
C GLN A 466 27.56 13.34 -54.63
N LYS A 467 26.49 12.65 -54.23
CA LYS A 467 25.98 11.55 -55.06
C LYS A 467 24.59 11.16 -54.62
N VAL A 468 23.81 10.61 -55.55
CA VAL A 468 22.55 9.99 -55.20
C VAL A 468 22.37 8.74 -56.05
N VAL A 469 21.94 7.65 -55.44
CA VAL A 469 21.85 6.40 -56.15
C VAL A 469 20.42 5.91 -56.01
N PRO A 470 19.81 5.50 -57.14
CA PRO A 470 18.45 4.96 -57.13
C PRO A 470 18.46 3.50 -56.69
N LEU A 471 17.45 3.08 -55.98
CA LEU A 471 17.44 1.72 -55.44
C LEU A 471 16.08 1.11 -55.55
N THR A 472 16.08 -0.21 -55.58
CA THR A 472 14.97 -1.01 -56.01
C THR A 472 14.68 -2.02 -54.94
N ASN A 473 13.42 -2.14 -54.57
CA ASN A 473 13.04 -3.22 -53.67
C ASN A 473 13.89 -3.12 -52.41
N THR A 474 13.81 -1.97 -51.76
CA THR A 474 14.64 -1.71 -50.60
C THR A 474 13.76 -1.30 -49.44
N THR A 475 14.40 -0.93 -48.33
CA THR A 475 13.71 -0.47 -47.14
C THR A 475 14.49 0.71 -46.58
N ASN A 476 13.89 1.42 -45.63
CA ASN A 476 14.53 2.58 -45.03
C ASN A 476 15.88 2.28 -44.37
N GLN A 477 15.86 1.21 -43.58
CA GLN A 477 17.06 0.67 -42.94
C GLN A 477 18.15 0.41 -43.97
N LYS A 478 17.81 -0.31 -45.03
CA LYS A 478 18.80 -0.69 -46.02
C LYS A 478 19.44 0.52 -46.66
N THR A 479 18.66 1.58 -46.86
CA THR A 479 19.12 2.78 -47.58
C THR A 479 20.02 3.60 -46.70
N GLU A 480 19.77 3.53 -45.39
CA GLU A 480 20.63 4.25 -44.47
C GLU A 480 22.00 3.57 -44.45
N LEU A 481 21.96 2.23 -44.42
CA LEU A 481 23.21 1.48 -44.43
C LEU A 481 23.97 1.79 -45.72
N GLN A 482 23.21 1.74 -46.82
CA GLN A 482 23.70 2.03 -48.15
C GLN A 482 24.38 3.40 -48.26
N ALA A 483 23.71 4.46 -47.82
CA ALA A 483 24.34 5.78 -47.76
C ALA A 483 25.70 5.72 -47.07
N ILE A 484 25.80 4.95 -45.98
CA ILE A 484 27.11 4.84 -45.31
C ILE A 484 28.13 4.12 -46.19
N TYR A 485 27.71 3.01 -46.79
CA TYR A 485 28.53 2.26 -47.73
C TYR A 485 29.09 3.13 -48.84
N LEU A 486 28.23 3.99 -49.38
CA LEU A 486 28.63 4.88 -50.43
C LEU A 486 29.67 5.84 -49.90
N ALA A 487 29.38 6.47 -48.76
CA ALA A 487 30.34 7.43 -48.22
C ALA A 487 31.71 6.79 -48.01
N LEU A 488 31.71 5.53 -47.59
CA LEU A 488 32.95 4.77 -47.42
C LEU A 488 33.69 4.48 -48.73
N GLN A 489 32.98 3.95 -49.72
CA GLN A 489 33.55 3.71 -51.04
C GLN A 489 34.21 4.94 -51.67
N ASP A 490 33.52 6.06 -51.60
CA ASP A 490 33.95 7.24 -52.35
C ASP A 490 34.90 8.14 -51.59
N SER A 491 35.37 7.71 -50.44
CA SER A 491 36.11 8.60 -49.54
C SER A 491 37.54 8.12 -49.42
N GLY A 492 38.42 9.01 -48.98
CA GLY A 492 39.81 8.63 -48.76
C GLY A 492 39.99 7.71 -47.56
N LEU A 493 41.25 7.43 -47.23
CA LEU A 493 41.60 6.53 -46.13
C LEU A 493 41.19 7.03 -44.74
N GLU A 494 40.90 8.32 -44.62
CA GLU A 494 40.39 8.87 -43.37
C GLU A 494 39.12 9.61 -43.75
N VAL A 495 38.07 9.43 -42.96
CA VAL A 495 36.78 9.97 -43.35
C VAL A 495 35.90 10.25 -42.16
N ASN A 496 35.16 11.34 -42.24
CA ASN A 496 34.09 11.62 -41.27
C ASN A 496 32.75 11.37 -41.92
N ILE A 497 31.95 10.55 -41.29
CA ILE A 497 30.61 10.25 -41.78
C ILE A 497 29.56 10.67 -40.73
N VAL A 498 28.59 11.47 -41.15
CA VAL A 498 27.48 11.84 -40.26
C VAL A 498 26.21 11.20 -40.74
N THR A 499 25.65 10.30 -39.94
CA THR A 499 24.39 9.66 -40.29
C THR A 499 23.37 10.13 -39.30
N ASN A 500 22.11 10.11 -39.68
CA ASN A 500 21.07 10.24 -38.69
C ASN A 500 20.43 8.89 -38.37
N SER A 501 20.96 7.82 -38.95
CA SER A 501 20.39 6.51 -38.69
C SER A 501 20.83 5.88 -37.36
N GLN A 502 19.90 5.65 -36.43
CA GLN A 502 20.24 4.99 -35.15
C GLN A 502 20.58 3.54 -35.40
N TYR A 503 19.71 2.88 -36.16
CA TYR A 503 19.88 1.51 -36.58
C TYR A 503 21.27 1.23 -37.17
N ALA A 504 21.66 2.02 -38.16
CA ALA A 504 22.95 1.81 -38.85
C ALA A 504 24.12 1.98 -37.90
N LEU A 505 24.06 3.09 -37.16
CA LEU A 505 25.10 3.49 -36.24
C LEU A 505 25.33 2.45 -35.16
N GLY A 506 24.24 1.88 -34.66
CA GLY A 506 24.30 0.86 -33.64
C GLY A 506 24.87 -0.43 -34.19
N ILE A 507 24.46 -0.84 -35.38
CA ILE A 507 25.09 -2.00 -35.99
C ILE A 507 26.62 -1.85 -36.09
N ILE A 508 27.09 -0.72 -36.61
CA ILE A 508 28.51 -0.56 -36.93
C ILE A 508 29.37 -0.30 -35.72
N GLN A 509 28.77 0.34 -34.70
CA GLN A 509 29.50 0.77 -33.49
C GLN A 509 30.01 -0.38 -32.60
N ALA A 510 29.38 -1.55 -32.77
CA ALA A 510 29.69 -2.77 -32.06
C ALA A 510 30.77 -3.55 -32.79
N GLN A 511 31.39 -2.92 -33.78
CA GLN A 511 32.52 -3.49 -34.51
C GLN A 511 32.35 -4.93 -34.96
N PRO A 512 31.29 -5.21 -35.77
CA PRO A 512 31.07 -6.54 -36.33
C PRO A 512 32.16 -6.92 -37.31
N ASP A 513 32.61 -8.18 -37.26
CA ASP A 513 33.43 -8.73 -38.31
C ASP A 513 32.71 -9.69 -39.25
N LYS A 514 31.43 -9.97 -38.98
CA LYS A 514 30.65 -10.96 -39.72
C LYS A 514 29.20 -10.52 -39.68
N SER A 515 28.45 -10.74 -40.75
CA SER A 515 27.05 -10.33 -40.78
C SER A 515 26.20 -11.32 -41.58
N GLU A 516 24.93 -11.44 -41.25
CA GLU A 516 24.04 -12.19 -42.12
C GLU A 516 23.83 -11.37 -43.38
N SER A 517 23.85 -10.05 -43.22
CA SER A 517 23.57 -9.10 -44.30
C SER A 517 24.77 -8.88 -45.23
N GLU A 518 24.56 -9.04 -46.53
CA GLU A 518 25.64 -8.85 -47.48
C GLU A 518 26.11 -7.40 -47.57
N LEU A 519 25.16 -6.49 -47.42
CA LEU A 519 25.45 -5.05 -47.45
C LEU A 519 26.30 -4.68 -46.23
N VAL A 520 25.99 -5.27 -45.08
CA VAL A 520 26.79 -5.01 -43.88
C VAL A 520 28.19 -5.59 -44.05
N ASN A 521 28.29 -6.80 -44.59
CA ASN A 521 29.61 -7.38 -44.92
C ASN A 521 30.47 -6.49 -45.80
N GLN A 522 29.86 -5.85 -46.78
CA GLN A 522 30.61 -4.93 -47.64
C GLN A 522 31.04 -3.69 -46.86
N ILE A 523 30.13 -3.20 -45.99
CA ILE A 523 30.47 -2.06 -45.15
C ILE A 523 31.68 -2.44 -44.30
N ILE A 524 31.61 -3.61 -43.63
CA ILE A 524 32.70 -4.16 -42.82
C ILE A 524 33.99 -4.22 -43.63
N GLU A 525 33.92 -4.84 -44.80
CA GLU A 525 35.06 -4.94 -45.69
C GLU A 525 35.71 -3.58 -45.98
N GLN A 526 34.90 -2.53 -46.11
CA GLN A 526 35.43 -1.19 -46.36
C GLN A 526 36.00 -0.56 -45.11
N LEU A 527 35.31 -0.68 -43.99
CA LEU A 527 35.80 -0.20 -42.69
C LEU A 527 37.22 -0.74 -42.41
N ILE A 528 37.42 -2.04 -42.66
CA ILE A 528 38.74 -2.63 -42.46
C ILE A 528 39.83 -1.99 -43.32
N LYS A 529 39.45 -1.43 -44.47
CA LYS A 529 40.43 -0.82 -45.39
C LYS A 529 40.82 0.60 -45.02
N LYS A 530 39.99 1.29 -44.26
CA LYS A 530 40.29 2.67 -43.89
C LYS A 530 41.38 2.75 -42.81
N GLU A 531 42.10 3.86 -42.81
CA GLU A 531 42.98 4.17 -41.70
C GLU A 531 42.22 4.83 -40.53
N LYS A 532 41.33 5.77 -40.81
CA LYS A 532 40.55 6.41 -39.77
C LYS A 532 39.07 6.63 -40.14
N VAL A 533 38.15 6.11 -39.36
CA VAL A 533 36.75 6.40 -39.60
C VAL A 533 36.13 7.04 -38.36
N TYR A 534 35.55 8.22 -38.51
CA TYR A 534 34.73 8.77 -37.44
C TYR A 534 33.28 8.85 -37.86
N LEU A 535 32.43 8.09 -37.19
CA LEU A 535 30.98 8.06 -37.39
C LEU A 535 30.26 8.91 -36.35
N ALA A 536 29.40 9.82 -36.78
CA ALA A 536 28.70 10.70 -35.84
C ALA A 536 27.20 10.71 -36.12
N TRP A 537 26.41 10.94 -35.09
CA TRP A 537 24.95 10.91 -35.21
C TRP A 537 24.34 12.27 -34.89
N VAL A 538 23.36 12.65 -35.70
CA VAL A 538 22.57 13.86 -35.48
C VAL A 538 21.12 13.46 -35.61
N PRO A 539 20.21 14.21 -34.99
CA PRO A 539 18.80 13.85 -35.16
C PRO A 539 18.25 14.33 -36.50
N ALA A 540 17.32 13.57 -37.10
CA ALA A 540 16.76 13.97 -38.39
C ALA A 540 15.82 15.16 -38.23
N HIS A 541 15.66 15.92 -39.29
CA HIS A 541 14.63 16.94 -39.34
C HIS A 541 14.87 18.01 -38.31
N LYS A 542 16.12 18.21 -37.92
CA LYS A 542 16.40 19.34 -37.03
C LYS A 542 16.97 20.54 -37.76
N GLY A 543 17.05 20.43 -39.08
CA GLY A 543 17.62 21.49 -39.88
C GLY A 543 19.10 21.61 -39.56
N ILE A 544 19.74 20.45 -39.44
CA ILE A 544 21.17 20.43 -39.15
C ILE A 544 21.96 20.42 -40.45
N GLY A 545 22.80 21.42 -40.64
CA GLY A 545 23.97 21.24 -41.48
C GLY A 545 23.69 20.53 -42.78
N GLY A 546 24.52 19.52 -43.05
CA GLY A 546 24.42 18.75 -44.28
C GLY A 546 23.29 17.75 -44.22
N ASN A 547 22.89 17.37 -43.01
CA ASN A 547 21.86 16.36 -42.85
C ASN A 547 20.55 16.77 -43.53
N GLU A 548 20.21 18.06 -43.42
CA GLU A 548 19.03 18.61 -44.08
C GLU A 548 19.14 18.47 -45.61
N GLN A 549 20.30 18.87 -46.15
CA GLN A 549 20.55 18.86 -47.59
C GLN A 549 20.43 17.48 -48.22
N VAL A 550 21.03 16.49 -47.58
CA VAL A 550 20.99 15.14 -48.11
C VAL A 550 19.62 14.47 -47.80
N ASP A 551 18.92 14.99 -46.80
CA ASP A 551 17.55 14.52 -46.57
C ASP A 551 16.68 14.95 -47.76
N LYS A 552 16.84 16.21 -48.17
CA LYS A 552 16.24 16.72 -49.39
C LYS A 552 16.58 15.80 -50.57
N LEU A 553 17.87 15.69 -50.91
CA LEU A 553 18.27 14.87 -52.05
C LEU A 553 17.60 13.50 -52.06
N VAL A 554 17.49 12.85 -50.91
CA VAL A 554 16.98 11.48 -50.94
C VAL A 554 15.46 11.27 -50.78
N SER A 555 14.71 12.29 -50.40
CA SER A 555 13.27 12.16 -50.64
C SER A 555 12.94 12.32 -52.15
N ALA A 556 13.43 13.40 -52.76
CA ALA A 556 13.14 13.75 -54.15
C ALA A 556 12.92 12.53 -55.07
N PRO B 4 4.30 -25.09 18.31
CA PRO B 4 2.87 -24.99 18.65
C PRO B 4 2.33 -23.55 18.57
N ILE B 5 2.07 -23.09 17.35
CA ILE B 5 1.49 -21.77 17.10
C ILE B 5 0.38 -21.89 16.02
N GLU B 6 -0.44 -20.86 15.87
CA GLU B 6 -1.53 -20.88 14.89
C GLU B 6 -1.10 -20.46 13.48
N THR B 7 -1.19 -21.39 12.53
CA THR B 7 -0.68 -21.13 11.18
C THR B 7 -1.68 -20.31 10.37
N VAL B 8 -1.24 -19.12 9.96
CA VAL B 8 -2.04 -18.23 9.13
C VAL B 8 -2.18 -18.82 7.72
N PRO B 9 -3.44 -18.98 7.25
CA PRO B 9 -3.64 -19.61 5.94
C PRO B 9 -3.13 -18.68 4.85
N VAL B 10 -2.77 -19.25 3.70
CA VAL B 10 -2.30 -18.44 2.59
C VAL B 10 -2.75 -19.02 1.28
N LYS B 11 -3.19 -18.16 0.38
CA LYS B 11 -3.57 -18.60 -0.94
C LYS B 11 -2.80 -17.81 -1.98
N LEU B 12 -2.64 -18.43 -3.15
CA LEU B 12 -2.02 -17.77 -4.29
C LEU B 12 -3.00 -16.78 -4.87
N LYS B 13 -2.49 -15.83 -5.65
CA LYS B 13 -3.37 -14.88 -6.31
C LYS B 13 -4.43 -15.68 -7.05
N PRO B 14 -5.63 -15.11 -7.18
CA PRO B 14 -6.74 -15.76 -7.88
C PRO B 14 -6.34 -16.28 -9.26
N GLY B 15 -6.74 -17.51 -9.56
CA GLY B 15 -6.46 -18.15 -10.85
C GLY B 15 -4.97 -18.24 -11.18
N MET B 16 -4.21 -18.83 -10.27
CA MET B 16 -2.75 -18.88 -10.43
C MET B 16 -2.16 -20.12 -9.78
N ASP B 17 -1.04 -20.60 -10.32
CA ASP B 17 -0.43 -21.83 -9.83
C ASP B 17 0.99 -21.60 -9.30
N GLY B 18 1.47 -22.51 -8.47
CA GLY B 18 2.79 -22.37 -7.86
C GLY B 18 3.95 -22.36 -8.84
N PRO B 19 5.12 -21.90 -8.38
CA PRO B 19 6.34 -21.73 -9.18
C PRO B 19 6.94 -23.05 -9.63
N LYS B 20 7.27 -23.23 -10.90
CA LYS B 20 8.11 -24.35 -11.25
C LYS B 20 9.34 -23.86 -11.99
N VAL B 21 10.47 -23.74 -11.30
CA VAL B 21 11.65 -23.11 -11.89
C VAL B 21 12.88 -24.00 -11.73
N LYS B 22 13.54 -24.34 -12.83
CA LYS B 22 14.70 -25.22 -12.77
C LYS B 22 15.83 -24.72 -11.83
N GLN B 23 16.46 -25.65 -11.11
CA GLN B 23 17.62 -25.26 -10.33
C GLN B 23 18.83 -25.04 -11.25
N TRP B 24 19.60 -23.99 -11.00
CA TRP B 24 20.76 -23.78 -11.84
C TRP B 24 21.97 -24.46 -11.21
N PRO B 25 22.94 -24.86 -12.07
CA PRO B 25 24.17 -25.50 -11.60
C PRO B 25 24.80 -24.72 -10.45
N LEU B 26 25.31 -25.40 -9.43
CA LEU B 26 25.99 -24.69 -8.36
C LEU B 26 27.45 -25.10 -8.26
N THR B 27 28.26 -24.16 -7.78
CA THR B 27 29.68 -24.40 -7.56
C THR B 27 29.77 -25.39 -6.42
N GLU B 28 30.92 -26.02 -6.28
CA GLU B 28 31.10 -27.00 -5.23
C GLU B 28 31.03 -26.35 -3.86
N GLU B 29 31.60 -25.16 -3.73
CA GLU B 29 31.54 -24.55 -2.40
C GLU B 29 30.11 -24.18 -1.99
N LYS B 30 29.32 -23.71 -2.95
CA LYS B 30 27.93 -23.40 -2.64
C LYS B 30 27.11 -24.68 -2.38
N ILE B 31 27.42 -25.76 -3.07
CA ILE B 31 26.76 -27.04 -2.81
C ILE B 31 27.10 -27.60 -1.42
N LYS B 32 28.35 -27.45 -0.99
CA LYS B 32 28.71 -27.90 0.34
C LYS B 32 28.01 -27.05 1.39
N ALA B 33 28.13 -25.73 1.26
CA ALA B 33 27.49 -24.82 2.20
C ALA B 33 26.01 -25.12 2.34
N LEU B 34 25.36 -25.41 1.23
CA LEU B 34 23.94 -25.74 1.27
C LEU B 34 23.67 -27.10 1.88
N VAL B 35 24.41 -28.12 1.48
CA VAL B 35 24.24 -29.45 2.08
C VAL B 35 24.33 -29.40 3.62
N GLU B 36 25.29 -28.63 4.13
CA GLU B 36 25.43 -28.47 5.56
C GLU B 36 24.33 -27.63 6.23
N ILE B 37 24.05 -26.45 5.67
CA ILE B 37 22.95 -25.58 6.13
C ILE B 37 21.63 -26.35 6.19
N CYS B 38 21.34 -27.13 5.16
CA CYS B 38 20.09 -27.88 5.07
C CYS B 38 20.07 -29.08 5.98
N THR B 39 21.21 -29.74 6.15
CA THR B 39 21.27 -30.80 7.14
C THR B 39 20.82 -30.25 8.50
N GLU B 40 21.53 -29.24 8.99
CA GLU B 40 21.22 -28.70 10.31
C GLU B 40 19.85 -28.03 10.38
N MET B 41 19.33 -27.61 9.24
CA MET B 41 18.01 -27.00 9.18
C MET B 41 16.97 -28.10 9.28
N GLU B 42 17.33 -29.31 8.85
CA GLU B 42 16.43 -30.45 8.97
C GLU B 42 16.35 -30.94 10.41
N LYS B 43 17.50 -31.22 11.02
CA LYS B 43 17.48 -31.81 12.34
C LYS B 43 16.82 -30.84 13.32
N GLU B 44 16.62 -29.60 12.89
CA GLU B 44 15.87 -28.62 13.66
C GLU B 44 14.40 -28.52 13.24
N GLY B 45 13.99 -29.37 12.31
CA GLY B 45 12.60 -29.41 11.85
C GLY B 45 12.10 -28.23 11.01
N LYS B 46 13.02 -27.32 10.63
CA LYS B 46 12.67 -26.16 9.79
C LYS B 46 12.32 -26.53 8.34
N ILE B 47 12.95 -27.56 7.81
CA ILE B 47 12.60 -28.08 6.49
C ILE B 47 12.59 -29.58 6.52
N SER B 48 11.96 -30.19 5.51
CA SER B 48 11.93 -31.64 5.47
C SER B 48 11.86 -32.19 4.05
N LYS B 49 12.53 -33.32 3.84
CA LYS B 49 12.68 -33.87 2.51
C LYS B 49 11.31 -34.21 1.96
N ILE B 50 11.20 -34.30 0.66
CA ILE B 50 9.94 -34.58 -0.01
C ILE B 50 10.31 -35.31 -1.27
N GLY B 51 9.39 -35.46 -2.19
CA GLY B 51 9.67 -36.29 -3.34
C GLY B 51 9.04 -35.72 -4.57
N PRO B 52 9.30 -36.34 -5.72
CA PRO B 52 8.92 -35.93 -7.07
C PRO B 52 7.41 -35.75 -7.23
N GLU B 53 6.64 -36.28 -6.28
CA GLU B 53 5.19 -36.12 -6.23
C GLU B 53 4.80 -34.62 -6.30
N ASN B 54 5.51 -33.82 -5.50
CA ASN B 54 5.34 -32.37 -5.47
C ASN B 54 5.97 -31.70 -6.72
N PRO B 55 5.11 -31.14 -7.60
CA PRO B 55 5.41 -30.56 -8.91
C PRO B 55 6.17 -29.24 -8.89
N TYR B 56 6.27 -28.61 -7.72
CA TYR B 56 6.77 -27.25 -7.58
C TYR B 56 8.27 -27.16 -7.28
N ASN B 57 8.93 -26.16 -7.83
CA ASN B 57 10.34 -25.91 -7.50
C ASN B 57 10.81 -24.45 -7.56
N THR B 58 11.63 -24.08 -6.59
CA THR B 58 12.27 -22.78 -6.56
C THR B 58 13.79 -22.95 -6.52
N PRO B 59 14.52 -22.05 -7.20
CA PRO B 59 15.98 -22.13 -7.21
C PRO B 59 16.60 -21.67 -5.90
N VAL B 60 17.70 -22.30 -5.52
CA VAL B 60 18.34 -22.03 -4.24
C VAL B 60 19.83 -21.85 -4.47
N PHE B 61 20.47 -21.09 -3.62
CA PHE B 61 21.92 -20.92 -3.71
C PHE B 61 22.45 -20.27 -2.44
N ALA B 62 23.72 -19.95 -2.40
CA ALA B 62 24.26 -19.38 -1.16
C ALA B 62 25.09 -18.13 -1.43
N ILE B 63 25.21 -17.29 -0.42
CA ILE B 63 25.94 -16.06 -0.58
C ILE B 63 26.66 -15.70 0.70
N LYS B 64 27.61 -14.77 0.62
CA LYS B 64 28.19 -14.22 1.82
C LYS B 64 27.90 -12.74 1.82
N LYS B 65 27.29 -12.25 2.90
CA LYS B 65 26.97 -10.84 2.99
C LYS B 65 28.27 -10.05 2.99
N LYS B 66 28.18 -8.77 2.73
CA LYS B 66 29.38 -7.99 2.53
C LYS B 66 30.22 -8.04 3.80
N ASP B 67 31.44 -8.56 3.67
CA ASP B 67 32.38 -8.73 4.78
C ASP B 67 32.16 -9.98 5.68
N SER B 68 31.13 -10.77 5.38
CA SER B 68 30.70 -11.87 6.22
C SER B 68 31.63 -13.09 6.43
N THR B 69 32.03 -13.77 5.36
CA THR B 69 32.78 -15.04 5.55
C THR B 69 31.95 -16.27 6.00
N LYS B 70 30.75 -16.05 6.51
CA LYS B 70 29.87 -17.17 6.78
C LYS B 70 28.82 -17.28 5.69
N TRP B 71 28.53 -18.49 5.24
CA TRP B 71 27.56 -18.70 4.19
C TRP B 71 26.14 -18.48 4.65
N ARG B 72 25.31 -17.94 3.78
CA ARG B 72 23.88 -17.73 4.03
C ARG B 72 23.09 -18.48 2.97
N LYS B 73 22.02 -19.15 3.35
CA LYS B 73 21.17 -19.76 2.35
C LYS B 73 20.28 -18.65 1.79
N LEU B 74 20.08 -18.70 0.48
CA LEU B 74 19.24 -17.77 -0.26
C LEU B 74 18.33 -18.48 -1.26
N VAL B 75 17.03 -18.30 -1.09
CA VAL B 75 16.10 -18.86 -2.05
C VAL B 75 15.61 -17.78 -3.01
N ASP B 76 15.41 -18.13 -4.27
CA ASP B 76 14.96 -17.13 -5.20
C ASP B 76 13.46 -17.32 -5.33
N PHE B 77 12.75 -16.51 -4.56
CA PHE B 77 11.32 -16.64 -4.41
C PHE B 77 10.57 -15.71 -5.34
N ARG B 78 11.29 -15.02 -6.22
CA ARG B 78 10.69 -13.98 -7.05
C ARG B 78 9.43 -14.50 -7.72
N GLU B 79 9.50 -15.73 -8.20
CA GLU B 79 8.37 -16.34 -8.89
C GLU B 79 7.27 -16.72 -7.91
N LEU B 80 7.63 -17.10 -6.69
CA LEU B 80 6.62 -17.37 -5.67
C LEU B 80 6.01 -16.07 -5.23
N ASN B 81 6.85 -15.12 -4.82
CA ASN B 81 6.39 -13.80 -4.40
C ASN B 81 5.44 -13.13 -5.41
N LYS B 82 5.71 -13.32 -6.69
CA LYS B 82 4.79 -12.79 -7.69
C LYS B 82 3.40 -13.42 -7.57
N ARG B 83 3.35 -14.65 -7.07
CA ARG B 83 2.10 -15.38 -6.96
C ARG B 83 1.44 -15.35 -5.57
N THR B 84 2.09 -14.71 -4.61
CA THR B 84 1.48 -14.39 -3.33
C THR B 84 1.05 -12.91 -3.23
N GLN B 85 1.25 -12.15 -4.32
CA GLN B 85 1.14 -10.66 -4.37
C GLN B 85 -0.12 -10.05 -3.69
N ASP B 86 -1.26 -10.72 -3.91
CA ASP B 86 -2.50 -10.43 -3.21
C ASP B 86 -2.23 -10.23 -1.72
N PHE B 87 -1.78 -11.31 -1.09
CA PHE B 87 -1.49 -11.41 0.34
C PHE B 87 -0.63 -10.27 0.91
N TRP B 88 0.59 -10.15 0.42
CA TRP B 88 1.58 -9.20 0.97
C TRP B 88 1.49 -7.75 0.44
N GLU B 89 0.58 -7.49 -0.50
CA GLU B 89 0.23 -6.10 -0.83
C GLU B 89 -1.09 -5.67 -0.17
N VAL B 90 -2.18 -6.35 -0.53
CA VAL B 90 -3.55 -6.04 -0.09
C VAL B 90 -3.93 -6.34 1.38
N GLN B 91 -3.49 -7.47 1.92
CA GLN B 91 -4.00 -7.90 3.23
C GLN B 91 -3.12 -7.56 4.46
N LEU B 92 -1.97 -8.22 4.57
CA LEU B 92 -1.08 -8.08 5.73
C LEU B 92 0.13 -7.11 5.59
N GLY B 93 0.20 -6.37 4.48
CA GLY B 93 1.37 -5.56 4.16
C GLY B 93 1.74 -4.44 5.14
N ILE B 94 2.85 -3.74 4.85
CA ILE B 94 3.44 -2.76 5.78
C ILE B 94 3.41 -1.33 5.22
N PRO B 95 3.15 -0.33 6.11
CA PRO B 95 3.15 1.09 5.72
C PRO B 95 4.57 1.64 5.60
N HIS B 96 4.78 2.64 4.75
CA HIS B 96 6.12 3.14 4.53
C HIS B 96 6.43 4.52 5.12
N PRO B 97 7.45 4.56 5.98
CA PRO B 97 8.00 5.63 6.81
C PRO B 97 8.72 6.67 5.98
N ALA B 98 7.99 7.67 5.52
CA ALA B 98 8.59 8.69 4.66
C ALA B 98 9.75 9.43 5.32
N GLY B 99 9.97 9.18 6.61
CA GLY B 99 11.05 9.83 7.32
C GLY B 99 12.35 9.06 7.33
N LEU B 100 12.26 7.76 7.08
CA LEU B 100 13.45 6.91 7.06
C LEU B 100 14.54 7.53 6.18
N LYS B 101 14.15 7.96 4.98
CA LYS B 101 15.11 8.47 4.01
C LYS B 101 15.76 9.77 4.47
N LYS B 102 15.12 10.45 5.43
CA LYS B 102 15.61 11.73 5.93
C LYS B 102 16.61 11.58 7.07
N LYS B 103 16.66 10.39 7.67
CA LYS B 103 17.52 10.16 8.83
C LYS B 103 18.99 10.19 8.45
N LYS B 104 19.82 10.71 9.35
CA LYS B 104 21.24 10.89 9.05
C LYS B 104 22.01 9.58 9.04
N SER B 105 21.44 8.54 9.65
CA SER B 105 22.03 7.21 9.54
C SER B 105 20.98 6.12 9.56
N VAL B 106 21.26 5.05 8.82
CA VAL B 106 20.35 3.90 8.80
C VAL B 106 21.14 2.60 8.81
N THR B 107 20.83 1.70 9.72
CA THR B 107 21.47 0.40 9.73
C THR B 107 20.51 -0.68 9.29
N VAL B 108 21.02 -1.63 8.53
CA VAL B 108 20.22 -2.74 8.08
C VAL B 108 20.65 -3.99 8.85
N LEU B 109 19.68 -4.63 9.48
CA LEU B 109 19.94 -5.84 10.26
C LEU B 109 19.24 -7.05 9.67
N ASP B 110 19.86 -8.22 9.78
CA ASP B 110 19.21 -9.43 9.32
C ASP B 110 18.46 -10.02 10.51
N VAL B 111 17.15 -9.87 10.49
CA VAL B 111 16.29 -10.39 11.52
C VAL B 111 15.68 -11.68 11.05
N GLY B 112 16.08 -12.10 9.86
CA GLY B 112 15.42 -13.21 9.18
C GLY B 112 15.28 -14.48 9.99
N ASP B 113 16.20 -14.69 10.92
CA ASP B 113 16.18 -15.90 11.72
C ASP B 113 14.88 -16.02 12.53
N ALA B 114 14.36 -14.87 12.95
CA ALA B 114 13.08 -14.80 13.63
C ALA B 114 12.01 -15.58 12.89
N TYR B 115 12.00 -15.50 11.57
CA TYR B 115 10.92 -16.11 10.80
C TYR B 115 10.87 -17.61 10.97
N PHE B 116 11.98 -18.21 11.40
CA PHE B 116 12.02 -19.65 11.58
C PHE B 116 11.16 -20.09 12.75
N SER B 117 11.05 -19.21 13.75
CA SER B 117 10.15 -19.38 14.92
C SER B 117 8.73 -19.78 14.54
N VAL B 118 8.03 -18.88 13.86
CA VAL B 118 6.67 -19.20 13.41
C VAL B 118 6.63 -20.39 12.47
N PRO B 119 5.59 -21.23 12.60
CA PRO B 119 5.31 -22.29 11.62
C PRO B 119 4.51 -21.75 10.45
N LEU B 120 4.28 -22.59 9.45
CA LEU B 120 3.71 -22.16 8.18
C LEU B 120 2.44 -22.94 7.85
N ASP B 121 1.47 -22.27 7.24
CA ASP B 121 0.27 -22.98 6.85
C ASP B 121 0.69 -24.25 6.10
N GLU B 122 0.11 -25.38 6.45
CA GLU B 122 0.53 -26.65 5.90
C GLU B 122 0.15 -26.83 4.43
N ASP B 123 -0.94 -26.22 4.02
CA ASP B 123 -1.38 -26.36 2.63
C ASP B 123 -0.47 -25.59 1.70
N PHE B 124 0.29 -24.68 2.29
CA PHE B 124 1.24 -23.86 1.55
C PHE B 124 2.61 -24.51 1.24
N ARG B 125 3.12 -25.30 2.18
CA ARG B 125 4.47 -25.85 2.09
C ARG B 125 4.76 -26.55 0.76
N LYS B 126 3.74 -27.10 0.13
CA LYS B 126 3.91 -27.71 -1.18
C LYS B 126 4.58 -26.73 -2.17
N TYR B 127 4.40 -25.43 -1.94
CA TYR B 127 4.93 -24.40 -2.81
C TYR B 127 6.32 -23.90 -2.45
N THR B 128 6.87 -24.28 -1.29
CA THR B 128 8.22 -23.84 -0.93
C THR B 128 9.31 -24.80 -1.41
N ALA B 129 8.92 -25.75 -2.25
CA ALA B 129 9.79 -26.79 -2.76
C ALA B 129 11.07 -26.27 -3.42
N PHE B 130 12.21 -26.84 -3.01
CA PHE B 130 13.49 -26.50 -3.63
C PHE B 130 14.46 -27.68 -3.72
N THR B 131 15.12 -27.86 -4.85
CA THR B 131 16.06 -28.97 -5.03
C THR B 131 17.54 -28.62 -4.82
N ILE B 132 18.26 -29.45 -4.09
CA ILE B 132 19.72 -29.28 -3.97
C ILE B 132 20.39 -30.16 -5.01
N PRO B 133 21.21 -29.55 -5.88
CA PRO B 133 21.89 -30.23 -6.98
C PRO B 133 23.14 -30.98 -6.49
N SER B 134 23.62 -31.94 -7.27
CA SER B 134 24.91 -32.54 -6.93
C SER B 134 26.01 -32.27 -7.97
N ILE B 135 27.25 -32.21 -7.51
CA ILE B 135 28.34 -32.04 -8.45
C ILE B 135 28.47 -33.25 -9.36
N ASN B 136 28.54 -32.97 -10.65
CA ASN B 136 28.59 -33.96 -11.71
C ASN B 136 27.40 -34.91 -11.74
N ASN B 137 26.27 -34.47 -11.18
CA ASN B 137 25.08 -35.31 -11.15
C ASN B 137 25.34 -36.69 -10.59
N GLU B 138 26.20 -36.74 -9.57
CA GLU B 138 26.50 -37.95 -8.84
C GLU B 138 25.18 -38.51 -8.33
N THR B 139 24.40 -37.67 -7.66
CA THR B 139 23.12 -38.02 -7.08
C THR B 139 22.01 -37.24 -7.77
N PRO B 140 20.79 -37.78 -7.84
CA PRO B 140 19.66 -36.91 -8.19
C PRO B 140 19.44 -35.81 -7.16
N GLY B 141 18.48 -34.93 -7.44
CA GLY B 141 18.28 -33.75 -6.62
C GLY B 141 17.74 -34.10 -5.25
N ILE B 142 18.28 -33.48 -4.21
CA ILE B 142 17.74 -33.73 -2.89
C ILE B 142 16.69 -32.65 -2.67
N ARG B 143 15.42 -33.05 -2.74
CA ARG B 143 14.30 -32.11 -2.62
C ARG B 143 13.94 -31.82 -1.18
N TYR B 144 13.47 -30.61 -0.91
CA TYR B 144 13.00 -30.26 0.42
C TYR B 144 11.72 -29.43 0.33
N GLN B 145 11.14 -29.11 1.48
CA GLN B 145 10.14 -28.05 1.57
C GLN B 145 10.14 -27.45 2.97
N TYR B 146 9.59 -26.26 3.07
CA TYR B 146 9.67 -25.47 4.30
C TYR B 146 8.51 -25.78 5.26
N ASN B 147 8.85 -26.03 6.52
CA ASN B 147 7.84 -26.23 7.56
C ASN B 147 7.56 -24.95 8.35
N VAL B 148 8.43 -23.96 8.18
CA VAL B 148 8.27 -22.68 8.89
C VAL B 148 8.26 -21.53 7.88
N LEU B 149 8.26 -20.30 8.37
CA LEU B 149 8.34 -19.11 7.52
C LEU B 149 9.71 -19.03 6.84
N PRO B 150 9.74 -19.09 5.50
CA PRO B 150 10.99 -19.06 4.76
C PRO B 150 11.62 -17.66 4.72
N GLN B 151 12.95 -17.61 4.67
CA GLN B 151 13.63 -16.36 4.42
C GLN B 151 13.44 -15.97 2.96
N GLY B 152 13.24 -14.68 2.72
CA GLY B 152 13.06 -14.18 1.38
C GLY B 152 11.74 -14.47 0.71
N TRP B 153 10.76 -14.93 1.47
CA TRP B 153 9.38 -14.99 0.98
C TRP B 153 8.72 -13.72 1.44
N LYS B 154 7.83 -13.15 0.62
CA LYS B 154 7.24 -11.88 0.99
C LYS B 154 6.09 -12.03 1.99
N GLY B 155 5.57 -13.25 2.10
CA GLY B 155 4.55 -13.55 3.08
C GLY B 155 5.12 -13.61 4.48
N SER B 156 6.41 -13.90 4.59
CA SER B 156 7.01 -14.09 5.89
C SER B 156 7.08 -12.85 6.76
N PRO B 157 7.62 -11.75 6.23
CA PRO B 157 7.68 -10.57 7.10
C PRO B 157 6.29 -10.01 7.40
N ALA B 158 5.30 -10.32 6.56
CA ALA B 158 3.92 -9.91 6.80
C ALA B 158 3.28 -10.70 7.94
N ILE B 159 3.36 -12.02 7.85
CA ILE B 159 2.76 -12.89 8.83
C ILE B 159 3.37 -12.71 10.21
N PHE B 160 4.66 -12.40 10.26
CA PHE B 160 5.37 -12.28 11.52
C PHE B 160 5.29 -10.84 11.99
N GLN B 161 4.55 -10.03 11.24
CA GLN B 161 4.46 -8.60 11.54
C GLN B 161 3.92 -8.29 12.95
N SER B 162 2.90 -9.01 13.38
CA SER B 162 2.33 -8.81 14.72
C SER B 162 3.36 -9.13 15.79
N SER B 163 4.02 -10.27 15.63
CA SER B 163 5.08 -10.66 16.55
C SER B 163 6.14 -9.56 16.56
N MET B 164 6.57 -9.15 15.39
CA MET B 164 7.59 -8.14 15.29
C MET B 164 7.16 -6.90 16.06
N THR B 165 6.02 -6.34 15.68
CA THR B 165 5.55 -5.10 16.26
C THR B 165 5.53 -5.19 17.78
N LYS B 166 5.14 -6.37 18.29
CA LYS B 166 5.13 -6.58 19.73
C LYS B 166 6.53 -6.53 20.32
N ILE B 167 7.48 -7.25 19.70
CA ILE B 167 8.86 -7.26 20.20
C ILE B 167 9.51 -5.88 20.13
N LEU B 168 9.07 -5.09 19.16
CA LEU B 168 9.63 -3.77 18.89
C LEU B 168 9.07 -2.68 19.80
N GLU B 169 7.77 -2.77 20.09
CA GLU B 169 7.03 -1.72 20.79
C GLU B 169 7.73 -1.14 22.03
N PRO B 170 8.36 -2.00 22.87
CA PRO B 170 9.14 -1.49 24.01
C PRO B 170 10.23 -0.49 23.60
N PHE B 171 11.00 -0.79 22.54
CA PHE B 171 12.07 0.09 22.08
C PHE B 171 11.54 1.29 21.28
N LYS B 172 10.38 1.10 20.66
CA LYS B 172 9.69 2.20 20.01
C LYS B 172 9.21 3.20 21.06
N LYS B 173 8.94 2.70 22.26
CA LYS B 173 8.45 3.54 23.36
C LYS B 173 9.67 4.13 24.06
N GLN B 174 10.71 3.33 24.24
CA GLN B 174 11.94 3.79 24.88
C GLN B 174 12.67 4.86 24.06
N ASN B 175 12.75 4.65 22.75
CA ASN B 175 13.33 5.65 21.84
C ASN B 175 12.28 6.15 20.86
N PRO B 176 11.49 7.14 21.31
CA PRO B 176 10.27 7.59 20.63
C PRO B 176 10.48 8.04 19.17
N ASP B 177 11.62 8.65 18.87
CA ASP B 177 11.86 9.25 17.54
C ASP B 177 12.70 8.46 16.51
N ILE B 178 13.21 7.29 16.90
CA ILE B 178 14.01 6.48 15.99
C ILE B 178 13.13 5.66 15.04
N VAL B 179 13.28 5.89 13.74
CA VAL B 179 12.41 5.27 12.76
C VAL B 179 12.82 3.84 12.41
N ILE B 180 11.80 2.99 12.29
CA ILE B 180 12.02 1.58 12.05
C ILE B 180 11.14 1.12 10.90
N TYR B 181 11.76 0.46 9.93
CA TYR B 181 11.08 -0.08 8.78
C TYR B 181 11.45 -1.55 8.60
N GLN B 182 10.50 -2.34 8.10
CA GLN B 182 10.78 -3.72 7.82
C GLN B 182 10.53 -4.02 6.34
N TYR B 183 11.59 -4.40 5.64
CA TYR B 183 11.44 -4.89 4.27
C TYR B 183 12.03 -6.28 4.20
N MET B 184 11.16 -7.25 4.00
CA MET B 184 11.56 -8.65 3.98
C MET B 184 12.52 -9.07 5.10
N ASP B 185 13.55 -9.85 4.78
CA ASP B 185 14.40 -10.37 5.84
C ASP B 185 15.15 -9.26 6.58
N ASP B 186 15.04 -8.02 6.13
CA ASP B 186 15.78 -6.94 6.76
C ASP B 186 14.96 -5.97 7.61
N LEU B 187 15.60 -5.46 8.65
CA LEU B 187 15.04 -4.38 9.41
C LEU B 187 15.91 -3.14 9.19
N TYR B 188 15.31 -2.08 8.67
CA TYR B 188 16.01 -0.82 8.42
C TYR B 188 15.75 0.10 9.60
N VAL B 189 16.81 0.67 10.17
CA VAL B 189 16.66 1.41 11.42
C VAL B 189 17.43 2.71 11.38
N GLY B 190 16.79 3.84 11.64
CA GLY B 190 17.51 5.07 11.45
C GLY B 190 17.25 6.21 12.41
N SER B 191 18.24 7.07 12.49
CA SER B 191 18.34 8.06 13.55
C SER B 191 19.15 9.26 13.12
N ASP B 192 18.88 10.38 13.79
CA ASP B 192 19.68 11.58 13.62
C ASP B 192 20.73 11.68 14.72
N LEU B 193 20.82 10.63 15.53
CA LEU B 193 21.83 10.56 16.59
C LEU B 193 23.21 10.55 15.96
N GLU B 194 24.21 10.96 16.72
CA GLU B 194 25.59 10.87 16.26
C GLU B 194 25.97 9.38 16.17
N ILE B 195 27.05 9.10 15.45
CA ILE B 195 27.50 7.73 15.18
C ILE B 195 27.60 6.77 16.39
N GLY B 196 28.21 7.23 17.48
CA GLY B 196 28.34 6.43 18.69
C GLY B 196 27.02 6.11 19.36
N GLN B 197 26.21 7.14 19.57
CA GLN B 197 24.85 6.99 20.08
C GLN B 197 24.08 6.00 19.24
N HIS B 198 24.10 6.22 17.91
CA HIS B 198 23.40 5.36 16.97
C HIS B 198 23.83 3.90 17.10
N ARG B 199 25.12 3.64 16.89
CA ARG B 199 25.66 2.28 16.99
C ARG B 199 25.24 1.60 18.31
N THR B 200 25.36 2.34 19.41
CA THR B 200 24.91 1.89 20.73
C THR B 200 23.46 1.44 20.72
N LYS B 201 22.58 2.34 20.27
CA LYS B 201 21.15 2.09 20.28
C LYS B 201 20.82 0.87 19.43
N ILE B 202 21.63 0.62 18.40
CA ILE B 202 21.47 -0.58 17.59
C ILE B 202 21.75 -1.81 18.44
N GLU B 203 22.87 -1.76 19.18
CA GLU B 203 23.21 -2.84 20.13
C GLU B 203 22.07 -3.13 21.13
N GLU B 204 21.46 -2.06 21.67
CA GLU B 204 20.29 -2.22 22.53
C GLU B 204 19.14 -2.92 21.80
N LEU B 205 18.86 -2.51 20.57
CA LEU B 205 17.83 -3.19 19.79
C LEU B 205 18.18 -4.65 19.57
N ARG B 206 19.48 -4.94 19.59
CA ARG B 206 19.96 -6.30 19.39
C ARG B 206 19.63 -7.14 20.61
N GLN B 207 20.17 -6.76 21.77
CA GLN B 207 19.84 -7.48 23.01
C GLN B 207 18.32 -7.62 23.10
N HIS B 208 17.63 -6.50 22.92
CA HIS B 208 16.17 -6.45 22.97
C HIS B 208 15.54 -7.48 22.04
N LEU B 209 16.24 -7.79 20.95
CA LEU B 209 15.79 -8.84 20.05
C LEU B 209 16.16 -10.22 20.59
N LEU B 210 17.23 -10.27 21.38
CA LEU B 210 17.77 -11.52 21.91
C LEU B 210 16.84 -12.20 22.92
N ARG B 211 16.34 -11.44 23.89
CA ARG B 211 15.46 -11.99 24.93
C ARG B 211 14.06 -12.37 24.42
N TRP B 212 13.79 -12.05 23.16
CA TRP B 212 12.64 -12.59 22.45
C TRP B 212 13.01 -13.84 21.62
N GLY B 213 14.24 -14.31 21.80
CA GLY B 213 14.76 -15.46 21.07
C GLY B 213 15.14 -15.28 19.60
N LEU B 214 16.02 -14.30 19.32
CA LEU B 214 16.56 -14.12 17.96
C LEU B 214 18.05 -13.67 17.93
N THR B 215 18.75 -14.06 16.85
CA THR B 215 20.13 -13.60 16.60
C THR B 215 20.22 -12.52 15.48
N THR B 216 21.42 -11.98 15.26
CA THR B 216 21.63 -11.01 14.19
C THR B 216 23.04 -11.10 13.57
N PRO B 217 23.26 -12.09 12.69
CA PRO B 217 24.62 -12.36 12.16
C PRO B 217 25.48 -11.10 11.98
N GLY B 231 26.71 -4.45 10.87
CA GLY B 231 25.51 -3.89 10.28
C GLY B 231 25.79 -2.87 9.19
N TYR B 232 25.07 -3.00 8.08
CA TYR B 232 25.22 -2.07 6.97
C TYR B 232 24.77 -0.68 7.39
N GLU B 233 25.63 0.32 7.19
CA GLU B 233 25.27 1.70 7.51
C GLU B 233 25.10 2.56 6.24
N LEU B 234 23.87 3.01 5.99
CA LEU B 234 23.60 3.95 4.92
C LEU B 234 23.46 5.34 5.52
N HIS B 235 23.41 6.34 4.66
CA HIS B 235 23.26 7.73 5.09
C HIS B 235 22.44 8.48 4.07
N PRO B 236 21.13 8.22 4.04
CA PRO B 236 20.21 8.71 3.01
C PRO B 236 20.30 10.22 2.73
N ASP B 237 20.80 10.99 3.68
CA ASP B 237 20.94 12.43 3.49
C ASP B 237 22.24 12.77 2.76
N LYS B 238 23.08 11.76 2.52
CA LYS B 238 24.25 11.93 1.66
C LYS B 238 23.87 11.68 0.20
N TRP B 239 22.70 11.08 0.00
CA TRP B 239 22.34 10.58 -1.31
C TRP B 239 21.97 11.73 -2.22
N THR B 240 22.69 11.81 -3.35
CA THR B 240 22.58 12.96 -4.22
C THR B 240 21.98 12.61 -5.56
N VAL B 241 21.71 13.63 -6.36
CA VAL B 241 21.21 13.36 -7.70
C VAL B 241 22.28 13.61 -8.75
N GLN B 242 21.95 13.25 -9.97
CA GLN B 242 22.88 13.33 -11.07
C GLN B 242 22.15 14.07 -12.17
N PRO B 243 22.31 15.40 -12.19
CA PRO B 243 21.57 16.23 -13.14
C PRO B 243 22.21 16.15 -14.54
N ILE B 244 21.43 16.49 -15.55
CA ILE B 244 21.97 16.59 -16.91
C ILE B 244 22.80 17.86 -17.00
N VAL B 245 24.02 17.73 -17.53
CA VAL B 245 24.92 18.86 -17.66
C VAL B 245 25.45 19.04 -19.08
N LEU B 246 25.41 20.30 -19.54
CA LEU B 246 25.99 20.69 -20.82
C LEU B 246 27.44 21.11 -20.63
N PRO B 247 28.27 20.85 -21.63
CA PRO B 247 29.71 21.15 -21.63
C PRO B 247 30.03 22.64 -21.63
N GLU B 248 31.30 22.94 -21.34
CA GLU B 248 31.81 24.30 -21.28
C GLU B 248 33.01 24.39 -22.20
N LYS B 249 32.92 25.19 -23.25
CA LYS B 249 34.05 25.27 -24.17
C LYS B 249 34.36 26.70 -24.55
N ASP B 250 35.64 27.00 -24.78
CA ASP B 250 36.01 28.32 -25.28
C ASP B 250 35.85 28.44 -26.79
N SER B 251 36.15 27.36 -27.50
CA SER B 251 35.80 27.26 -28.93
C SER B 251 34.97 26.01 -29.20
N TRP B 252 34.04 26.14 -30.15
CA TRP B 252 33.16 25.03 -30.52
C TRP B 252 33.36 24.60 -31.96
N THR B 253 33.59 23.32 -32.20
CA THR B 253 33.66 22.84 -33.58
C THR B 253 32.26 22.48 -34.03
N VAL B 254 32.13 22.12 -35.31
CA VAL B 254 30.82 21.80 -35.86
C VAL B 254 30.32 20.57 -35.14
N ASN B 255 31.21 19.59 -35.02
CA ASN B 255 30.95 18.38 -34.24
C ASN B 255 30.43 18.68 -32.86
N ASP B 256 31.09 19.58 -32.15
CA ASP B 256 30.71 19.93 -30.79
C ASP B 256 29.26 20.39 -30.72
N ILE B 257 28.86 21.26 -31.64
CA ILE B 257 27.50 21.79 -31.68
C ILE B 257 26.49 20.78 -32.18
N GLN B 258 26.94 19.84 -32.99
CA GLN B 258 26.05 18.78 -33.44
C GLN B 258 25.73 17.85 -32.28
N LYS B 259 26.77 17.48 -31.54
CA LYS B 259 26.61 16.63 -30.38
C LYS B 259 25.76 17.33 -29.33
N LEU B 260 25.96 18.65 -29.22
CA LEU B 260 25.24 19.45 -28.25
C LEU B 260 23.75 19.53 -28.58
N VAL B 261 23.43 19.76 -29.84
CA VAL B 261 22.04 19.83 -30.29
C VAL B 261 21.35 18.47 -30.17
N GLY B 262 22.12 17.42 -30.40
CA GLY B 262 21.55 16.09 -30.29
C GLY B 262 21.15 15.84 -28.87
N LYS B 263 22.07 16.16 -27.95
CA LYS B 263 21.85 16.03 -26.51
C LYS B 263 20.66 16.87 -26.06
N LEU B 264 20.68 18.17 -26.32
CA LEU B 264 19.58 19.07 -25.97
C LEU B 264 18.23 18.65 -26.56
N ASN B 265 18.28 18.12 -27.76
CA ASN B 265 17.09 17.64 -28.41
C ASN B 265 16.52 16.47 -27.62
N TRP B 266 17.38 15.59 -27.14
CA TRP B 266 16.89 14.44 -26.38
C TRP B 266 16.44 14.88 -25.00
N ALA B 267 17.17 15.81 -24.41
CA ALA B 267 16.84 16.38 -23.12
C ALA B 267 15.49 17.07 -23.17
N SER B 268 15.04 17.43 -24.37
CA SER B 268 13.77 18.14 -24.50
C SER B 268 12.52 17.29 -24.26
N GLN B 269 12.67 15.96 -24.20
CA GLN B 269 11.52 15.13 -23.89
C GLN B 269 11.35 15.05 -22.37
N ILE B 270 12.24 15.72 -21.67
CA ILE B 270 12.21 15.74 -20.23
C ILE B 270 11.88 17.15 -19.77
N TYR B 271 12.78 18.07 -20.07
CA TYR B 271 12.53 19.48 -19.84
C TYR B 271 12.00 20.08 -21.15
N PRO B 272 10.70 20.37 -21.21
CA PRO B 272 10.13 20.82 -22.50
C PRO B 272 10.59 22.22 -22.91
N GLY B 273 11.05 23.03 -21.95
CA GLY B 273 11.57 24.36 -22.26
C GLY B 273 12.74 24.43 -23.22
N ILE B 274 13.52 23.35 -23.32
CA ILE B 274 14.75 23.32 -24.11
C ILE B 274 14.54 23.78 -25.54
N LYS B 275 15.40 24.68 -26.01
CA LYS B 275 15.32 25.22 -27.36
C LYS B 275 16.57 24.95 -28.17
N VAL B 276 16.41 24.40 -29.37
CA VAL B 276 17.55 24.24 -30.29
C VAL B 276 17.72 25.23 -31.47
N ARG B 277 16.76 26.16 -31.67
CA ARG B 277 16.71 26.94 -32.92
C ARG B 277 17.94 27.81 -33.21
N GLN B 278 18.35 28.60 -32.22
CA GLN B 278 19.53 29.47 -32.33
C GLN B 278 20.84 28.69 -32.45
N LEU B 279 20.90 27.52 -31.81
CA LEU B 279 22.08 26.67 -31.92
C LEU B 279 22.08 25.92 -33.24
N SER B 280 20.91 25.43 -33.63
CA SER B 280 20.72 24.84 -34.96
C SER B 280 21.21 25.79 -36.09
N LYS B 281 20.84 27.07 -35.98
CA LYS B 281 21.24 28.06 -36.97
C LYS B 281 22.72 27.97 -37.31
N LEU B 282 23.56 27.88 -36.27
CA LEU B 282 25.00 27.86 -36.46
C LEU B 282 25.45 26.77 -37.42
N LEU B 283 24.65 25.72 -37.56
CA LEU B 283 25.07 24.55 -38.32
C LEU B 283 24.68 24.60 -39.79
N ARG B 284 24.13 25.73 -40.23
CA ARG B 284 23.39 25.81 -41.50
C ARG B 284 24.02 25.26 -42.80
N GLY B 285 25.33 25.43 -42.99
CA GLY B 285 25.95 24.97 -44.23
C GLY B 285 26.17 23.46 -44.35
N THR B 286 27.07 23.05 -45.24
CA THR B 286 27.58 21.69 -45.19
C THR B 286 29.05 21.79 -44.84
N LYS B 287 29.37 21.59 -43.56
CA LYS B 287 30.68 22.02 -43.03
C LYS B 287 31.48 20.87 -42.48
N ALA B 288 32.80 21.03 -42.47
CA ALA B 288 33.67 20.02 -41.89
C ALA B 288 33.54 20.02 -40.35
N LEU B 289 33.54 18.82 -39.78
CA LEU B 289 33.30 18.63 -38.36
C LEU B 289 34.29 19.38 -37.49
N THR B 290 35.55 19.43 -37.91
CA THR B 290 36.59 20.02 -37.07
C THR B 290 36.65 21.53 -37.18
N GLU B 291 35.93 22.11 -38.12
CA GLU B 291 35.91 23.56 -38.32
C GLU B 291 35.29 24.34 -37.16
N VAL B 292 36.00 25.34 -36.64
CA VAL B 292 35.47 26.15 -35.54
C VAL B 292 34.34 27.12 -35.93
N ILE B 293 33.25 27.06 -35.17
CA ILE B 293 32.11 27.96 -35.32
C ILE B 293 31.97 28.79 -34.06
N PRO B 294 32.18 30.11 -34.15
CA PRO B 294 31.96 30.96 -32.97
C PRO B 294 30.47 31.20 -32.72
N LEU B 295 30.09 31.43 -31.46
CA LEU B 295 28.67 31.44 -31.08
C LEU B 295 28.02 32.80 -31.19
N THR B 296 26.86 32.82 -31.84
CA THR B 296 26.06 34.05 -31.99
C THR B 296 25.50 34.54 -30.66
N GLU B 297 25.04 35.79 -30.63
CA GLU B 297 24.42 36.34 -29.43
C GLU B 297 23.31 35.43 -28.92
N GLU B 298 22.35 35.16 -29.81
CA GLU B 298 21.11 34.48 -29.47
C GLU B 298 21.28 33.00 -29.20
N ALA B 299 22.35 32.42 -29.73
CA ALA B 299 22.74 31.06 -29.41
C ALA B 299 23.42 30.99 -28.05
N GLU B 300 24.25 31.99 -27.75
CA GLU B 300 24.87 32.07 -26.43
C GLU B 300 23.76 32.19 -25.39
N LEU B 301 22.70 32.90 -25.78
CA LEU B 301 21.55 33.09 -24.89
C LEU B 301 20.69 31.85 -24.75
N GLU B 302 20.35 31.22 -25.87
CA GLU B 302 19.62 29.96 -25.86
C GLU B 302 20.37 28.93 -25.04
N LEU B 303 21.69 28.88 -25.22
CA LEU B 303 22.50 27.95 -24.47
C LEU B 303 22.42 28.28 -22.99
N ALA B 304 22.39 29.57 -22.66
CA ALA B 304 22.23 30.00 -21.27
C ALA B 304 20.90 29.56 -20.65
N GLU B 305 19.79 29.91 -21.29
CA GLU B 305 18.48 29.56 -20.76
C GLU B 305 18.28 28.07 -20.70
N ASN B 306 18.94 27.33 -21.59
CA ASN B 306 18.94 25.88 -21.48
C ASN B 306 19.68 25.40 -20.22
N ARG B 307 20.90 25.90 -20.03
CA ARG B 307 21.68 25.53 -18.86
C ARG B 307 20.87 25.77 -17.61
N GLU B 308 20.09 26.85 -17.64
CA GLU B 308 19.25 27.23 -16.51
C GLU B 308 18.07 26.28 -16.33
N ILE B 309 17.37 25.95 -17.40
CA ILE B 309 16.28 24.98 -17.30
C ILE B 309 16.75 23.65 -16.71
N LEU B 310 17.92 23.20 -17.14
CA LEU B 310 18.46 21.92 -16.66
C LEU B 310 18.84 21.95 -15.16
N LYS B 311 18.77 23.15 -14.58
CA LYS B 311 18.96 23.34 -13.14
C LYS B 311 17.68 23.02 -12.33
N GLU B 312 16.54 23.26 -12.96
CA GLU B 312 15.23 23.05 -12.33
C GLU B 312 14.94 21.60 -11.97
N PRO B 313 13.77 21.36 -11.35
CA PRO B 313 13.14 20.04 -11.25
C PRO B 313 12.39 19.78 -12.54
N VAL B 314 12.11 18.53 -12.86
CA VAL B 314 11.13 18.28 -13.90
C VAL B 314 9.78 18.57 -13.29
N HIS B 315 8.91 19.23 -14.03
CA HIS B 315 7.57 19.54 -13.53
C HIS B 315 6.73 18.27 -13.39
N GLY B 316 6.03 18.17 -12.27
CA GLY B 316 4.94 17.22 -12.12
C GLY B 316 5.34 15.76 -12.10
N VAL B 317 6.51 15.49 -11.53
CA VAL B 317 6.90 14.11 -11.25
C VAL B 317 6.68 13.85 -9.76
N TYR B 318 5.84 12.87 -9.47
CA TYR B 318 5.66 12.42 -8.09
C TYR B 318 5.56 10.89 -8.01
N TYR B 319 5.78 10.32 -6.84
CA TYR B 319 5.74 8.86 -6.74
C TYR B 319 4.30 8.33 -6.58
N ASP B 320 3.91 7.40 -7.44
CA ASP B 320 2.60 6.72 -7.34
C ASP B 320 2.73 5.28 -6.81
N PRO B 321 2.24 5.04 -5.60
CA PRO B 321 2.42 3.72 -4.98
C PRO B 321 1.75 2.59 -5.74
N SER B 322 0.85 2.88 -6.66
CA SER B 322 0.17 1.84 -7.42
C SER B 322 1.05 1.30 -8.54
N LYS B 323 2.15 1.99 -8.83
CA LYS B 323 2.92 1.72 -10.04
C LYS B 323 4.26 1.07 -9.73
N ASP B 324 4.79 0.31 -10.68
CA ASP B 324 6.09 -0.32 -10.49
C ASP B 324 7.20 0.70 -10.65
N LEU B 325 8.28 0.54 -9.90
CA LEU B 325 9.50 1.28 -10.20
C LEU B 325 10.28 0.59 -11.31
N ILE B 326 10.95 1.37 -12.13
CA ILE B 326 11.78 0.87 -13.21
C ILE B 326 13.15 1.52 -13.07
N ALA B 327 14.20 0.73 -13.19
CA ALA B 327 15.54 1.27 -13.07
C ALA B 327 16.33 1.03 -14.34
N GLU B 328 16.93 2.08 -14.88
CA GLU B 328 17.85 1.86 -16.00
C GLU B 328 19.26 2.19 -15.60
N ILE B 329 20.21 1.39 -16.08
CA ILE B 329 21.63 1.63 -15.87
C ILE B 329 22.36 1.75 -17.22
N GLN B 330 23.28 2.72 -17.30
CA GLN B 330 24.20 2.80 -18.43
C GLN B 330 25.62 2.70 -17.94
N LYS B 331 26.40 1.90 -18.65
CA LYS B 331 27.84 1.81 -18.43
C LYS B 331 28.54 2.97 -19.09
N GLN B 332 29.20 3.81 -18.31
CA GLN B 332 29.79 5.03 -18.87
C GLN B 332 31.27 4.88 -19.16
N GLY B 333 31.80 3.69 -18.86
CA GLY B 333 33.23 3.41 -18.97
C GLY B 333 34.05 3.97 -17.82
N GLN B 334 35.30 3.56 -17.75
CA GLN B 334 36.22 4.12 -16.76
C GLN B 334 35.68 4.06 -15.32
N GLY B 335 34.98 2.97 -15.03
CA GLY B 335 34.46 2.71 -13.69
C GLY B 335 33.10 3.30 -13.42
N GLN B 336 32.71 4.34 -14.16
CA GLN B 336 31.48 5.05 -13.90
C GLN B 336 30.21 4.33 -14.37
N TRP B 337 29.13 4.41 -13.58
CA TRP B 337 27.82 3.88 -13.96
C TRP B 337 26.69 4.86 -13.66
N THR B 338 25.84 5.17 -14.63
CA THR B 338 24.73 6.08 -14.35
C THR B 338 23.42 5.30 -14.30
N TYR B 339 22.46 5.79 -13.53
CA TYR B 339 21.15 5.15 -13.49
C TYR B 339 20.01 6.14 -13.31
N GLN B 340 18.81 5.70 -13.64
CA GLN B 340 17.61 6.51 -13.41
C GLN B 340 16.47 5.61 -12.99
N ILE B 341 15.79 6.00 -11.91
CA ILE B 341 14.61 5.30 -11.46
C ILE B 341 13.42 6.16 -11.80
N TYR B 342 12.40 5.50 -12.36
CA TYR B 342 11.24 6.17 -12.91
C TYR B 342 10.04 5.23 -12.94
N GLN B 343 8.87 5.80 -13.14
CA GLN B 343 7.61 5.06 -13.23
C GLN B 343 7.04 5.23 -14.61
N GLU B 344 6.99 6.48 -15.08
CA GLU B 344 6.56 6.78 -16.44
C GLU B 344 7.78 7.28 -17.19
N PRO B 345 7.86 6.95 -18.49
CA PRO B 345 9.06 7.38 -19.21
C PRO B 345 9.24 8.89 -19.14
N PHE B 346 10.46 9.31 -18.84
CA PHE B 346 10.85 10.72 -18.85
C PHE B 346 10.43 11.47 -17.60
N LYS B 347 9.59 10.86 -16.79
CA LYS B 347 9.34 11.44 -15.48
C LYS B 347 10.17 10.62 -14.48
N ASN B 348 11.29 11.19 -14.07
CA ASN B 348 12.29 10.45 -13.32
C ASN B 348 12.19 10.82 -11.86
N LEU B 349 11.98 9.82 -11.01
CA LEU B 349 11.93 10.06 -9.58
C LEU B 349 13.33 10.21 -9.05
N LYS B 350 14.31 9.78 -9.83
CA LYS B 350 15.69 9.98 -9.38
C LYS B 350 16.72 9.57 -10.43
N THR B 351 17.90 10.17 -10.34
CA THR B 351 19.00 9.93 -11.29
C THR B 351 20.26 9.88 -10.46
N GLY B 352 21.23 9.05 -10.88
CA GLY B 352 22.44 8.92 -10.10
C GLY B 352 23.64 8.40 -10.84
N LYS B 353 24.80 8.53 -10.22
CA LYS B 353 26.03 7.97 -10.76
C LYS B 353 26.77 7.24 -9.63
N TYR B 354 27.41 6.14 -9.98
CA TYR B 354 28.28 5.42 -9.08
C TYR B 354 29.65 5.40 -9.72
N ALA B 355 30.70 5.44 -8.91
CA ALA B 355 32.05 5.38 -9.44
C ALA B 355 32.92 4.61 -8.47
N ARG B 356 33.99 4.00 -8.99
CA ARG B 356 34.94 3.27 -8.16
C ARG B 356 34.29 2.31 -7.19
N MET B 357 33.30 1.58 -7.65
CA MET B 357 32.81 0.47 -6.87
C MET B 357 33.81 -0.69 -6.98
N ARG B 358 33.52 -1.78 -6.28
CA ARG B 358 34.37 -2.97 -6.33
C ARG B 358 34.36 -3.59 -7.73
N GLY B 359 35.51 -3.99 -8.22
CA GLY B 359 35.66 -4.38 -9.60
C GLY B 359 35.86 -3.22 -10.58
N ALA B 360 35.91 -1.97 -10.12
CA ALA B 360 36.16 -0.85 -11.03
C ALA B 360 37.41 -1.18 -11.82
N HIS B 361 37.43 -0.88 -13.12
CA HIS B 361 38.65 -1.06 -13.89
C HIS B 361 39.08 -2.52 -14.05
N THR B 362 38.27 -3.46 -13.57
CA THR B 362 38.60 -4.88 -13.73
C THR B 362 37.46 -5.80 -14.18
N ASN B 363 36.35 -5.74 -13.47
CA ASN B 363 35.26 -6.66 -13.69
C ASN B 363 33.90 -5.91 -13.70
N ASP B 364 33.28 -5.83 -14.90
CA ASP B 364 32.01 -5.13 -15.17
C ASP B 364 30.84 -5.80 -14.47
N VAL B 365 30.80 -7.13 -14.54
CA VAL B 365 29.68 -7.89 -14.01
C VAL B 365 29.58 -7.67 -12.49
N LYS B 366 30.73 -7.58 -11.82
CA LYS B 366 30.72 -7.33 -10.39
C LYS B 366 30.23 -5.90 -10.11
N GLN B 367 30.69 -4.94 -10.90
CA GLN B 367 30.23 -3.57 -10.74
C GLN B 367 28.75 -3.38 -11.00
N LEU B 368 28.22 -4.09 -12.00
CA LEU B 368 26.81 -4.03 -12.32
C LEU B 368 26.07 -4.59 -11.14
N THR B 369 26.55 -5.71 -10.62
CA THR B 369 25.94 -6.34 -9.45
C THR B 369 25.88 -5.42 -8.24
N GLU B 370 27.01 -4.75 -7.96
CA GLU B 370 27.08 -3.78 -6.89
C GLU B 370 26.11 -2.64 -7.12
N ALA B 371 26.05 -2.15 -8.37
CA ALA B 371 25.11 -1.09 -8.70
C ALA B 371 23.64 -1.51 -8.51
N VAL B 372 23.26 -2.67 -9.04
CA VAL B 372 21.91 -3.21 -8.86
C VAL B 372 21.52 -3.32 -7.39
N GLN B 373 22.46 -3.74 -6.55
CA GLN B 373 22.19 -3.76 -5.11
C GLN B 373 22.04 -2.36 -4.49
N LYS B 374 22.99 -1.46 -4.73
CA LYS B 374 22.86 -0.10 -4.24
C LYS B 374 21.54 0.60 -4.64
N ILE B 375 21.19 0.49 -5.92
CA ILE B 375 19.96 1.08 -6.46
C ILE B 375 18.75 0.46 -5.75
N THR B 376 18.69 -0.88 -5.72
CA THR B 376 17.61 -1.56 -5.00
C THR B 376 17.47 -1.05 -3.57
N THR B 377 18.61 -0.89 -2.90
CA THR B 377 18.64 -0.48 -1.50
C THR B 377 18.05 0.90 -1.31
N GLU B 378 18.47 1.85 -2.14
CA GLU B 378 17.88 3.19 -2.12
C GLU B 378 16.37 3.16 -2.40
N SER B 379 15.93 2.32 -3.32
CA SER B 379 14.51 2.25 -3.60
C SER B 379 13.73 1.75 -2.40
N ILE B 380 14.31 0.79 -1.68
CA ILE B 380 13.67 0.24 -0.48
C ILE B 380 13.56 1.30 0.61
N VAL B 381 14.68 1.96 0.93
CA VAL B 381 14.65 3.09 1.84
C VAL B 381 13.65 4.19 1.46
N ILE B 382 13.68 4.62 0.19
CA ILE B 382 12.89 5.76 -0.25
C ILE B 382 11.39 5.52 -0.51
N TRP B 383 11.08 4.49 -1.28
CA TRP B 383 9.68 4.11 -1.56
C TRP B 383 9.17 2.81 -0.91
N GLY B 384 10.07 2.07 -0.26
CA GLY B 384 9.77 0.74 0.26
C GLY B 384 9.41 -0.32 -0.76
N LYS B 385 9.96 -0.22 -1.97
CA LYS B 385 9.76 -1.22 -3.02
C LYS B 385 11.08 -1.44 -3.73
N THR B 386 11.19 -2.58 -4.41
CA THR B 386 12.29 -2.80 -5.35
C THR B 386 11.93 -2.43 -6.78
N PRO B 387 12.88 -1.85 -7.51
CA PRO B 387 12.68 -1.58 -8.93
C PRO B 387 12.82 -2.81 -9.80
N LYS B 388 12.25 -2.77 -10.99
CA LYS B 388 12.52 -3.75 -12.03
C LYS B 388 13.62 -3.22 -12.95
N PHE B 389 14.75 -3.92 -13.00
CA PHE B 389 15.93 -3.42 -13.70
C PHE B 389 15.94 -3.70 -15.18
N LYS B 390 16.41 -2.72 -15.94
CA LYS B 390 16.76 -2.95 -17.32
C LYS B 390 18.27 -2.95 -17.40
N LEU B 391 18.86 -4.13 -17.57
CA LEU B 391 20.31 -4.30 -17.39
C LEU B 391 21.13 -4.27 -18.69
N PRO B 392 22.15 -3.38 -18.78
CA PRO B 392 22.98 -3.28 -19.99
C PRO B 392 23.98 -4.45 -20.09
N ILE B 393 23.47 -5.65 -20.33
CA ILE B 393 24.26 -6.86 -20.30
C ILE B 393 23.52 -7.95 -21.07
N GLN B 394 24.24 -8.97 -21.51
CA GLN B 394 23.61 -10.04 -22.27
C GLN B 394 23.14 -11.06 -21.25
N LYS B 395 21.99 -11.65 -21.51
CA LYS B 395 21.36 -12.58 -20.57
C LYS B 395 22.34 -13.65 -20.06
N GLU B 396 23.07 -14.29 -20.99
CA GLU B 396 23.97 -15.37 -20.60
C GLU B 396 25.11 -14.82 -19.77
N THR B 397 25.62 -13.67 -20.15
CA THR B 397 26.72 -13.11 -19.40
C THR B 397 26.32 -12.87 -17.95
N TRP B 398 25.15 -12.34 -17.72
CA TRP B 398 24.69 -12.08 -16.35
C TRP B 398 24.32 -13.35 -15.57
N GLU B 399 23.65 -14.28 -16.24
CA GLU B 399 23.19 -15.48 -15.56
C GLU B 399 24.31 -16.43 -15.20
N THR B 400 25.40 -16.34 -15.95
CA THR B 400 26.59 -17.08 -15.61
C THR B 400 27.24 -16.56 -14.31
N TRP B 401 27.49 -15.26 -14.21
CA TRP B 401 28.20 -14.76 -13.02
C TRP B 401 27.48 -14.05 -11.87
N TRP B 402 26.21 -13.67 -11.97
CA TRP B 402 25.71 -12.68 -10.99
C TRP B 402 25.76 -13.20 -9.55
N THR B 403 25.43 -14.49 -9.37
CA THR B 403 25.43 -15.06 -8.04
C THR B 403 26.78 -14.91 -7.32
N GLU B 404 27.89 -14.97 -8.04
CA GLU B 404 29.19 -14.81 -7.42
C GLU B 404 29.41 -13.49 -6.70
N TYR B 405 28.68 -12.47 -7.11
CA TYR B 405 28.89 -11.16 -6.55
C TYR B 405 27.79 -10.73 -5.65
N TRP B 406 26.77 -11.57 -5.53
CA TRP B 406 25.56 -11.16 -4.84
C TRP B 406 25.71 -11.21 -3.31
N GLN B 407 25.61 -10.06 -2.68
CA GLN B 407 25.76 -9.94 -1.24
C GLN B 407 24.47 -9.68 -0.44
N ALA B 408 23.31 -9.72 -1.09
CA ALA B 408 22.09 -9.22 -0.48
C ALA B 408 21.02 -10.30 -0.33
N THR B 409 20.11 -10.10 0.61
CA THR B 409 19.17 -11.16 0.96
C THR B 409 17.89 -11.16 0.11
N TRP B 410 17.64 -10.06 -0.62
CA TRP B 410 16.56 -10.02 -1.62
C TRP B 410 17.09 -10.10 -3.09
N ILE B 411 16.19 -10.27 -4.06
CA ILE B 411 16.59 -10.37 -5.46
C ILE B 411 15.63 -9.64 -6.39
N PRO B 412 16.00 -8.43 -6.84
CA PRO B 412 14.99 -7.67 -7.59
C PRO B 412 14.70 -8.33 -8.94
N GLU B 413 13.72 -7.82 -9.66
CA GLU B 413 13.38 -8.33 -10.97
C GLU B 413 14.22 -7.60 -12.00
N TRP B 414 14.60 -8.30 -13.08
CA TRP B 414 15.36 -7.66 -14.16
C TRP B 414 14.99 -8.18 -15.54
N GLU B 415 15.41 -7.44 -16.55
CA GLU B 415 15.29 -7.85 -17.95
C GLU B 415 16.51 -7.26 -18.63
N PHE B 416 16.82 -7.74 -19.84
CA PHE B 416 18.07 -7.32 -20.50
C PHE B 416 17.90 -6.44 -21.73
N VAL B 417 18.70 -5.39 -21.81
CA VAL B 417 18.60 -4.43 -22.91
C VAL B 417 19.84 -4.31 -23.78
N ASN B 418 19.65 -4.06 -25.08
CA ASN B 418 20.76 -3.53 -25.88
C ASN B 418 20.47 -2.13 -26.43
N THR B 419 21.11 -1.11 -25.87
CA THR B 419 20.83 0.28 -26.22
C THR B 419 22.11 1.04 -26.39
N PRO B 420 22.71 0.94 -27.57
CA PRO B 420 23.91 1.72 -27.86
C PRO B 420 23.74 3.22 -27.61
N PRO B 421 24.85 3.89 -27.27
CA PRO B 421 24.95 5.29 -26.84
C PRO B 421 25.19 6.22 -28.03
N LEU B 422 24.12 6.51 -28.76
CA LEU B 422 24.17 7.44 -29.88
C LEU B 422 24.39 8.86 -29.37
N VAL B 423 23.99 9.10 -28.12
CA VAL B 423 24.19 10.38 -27.44
C VAL B 423 24.64 10.10 -26.01
N LYS B 424 25.44 11.00 -25.44
CA LYS B 424 25.77 10.84 -24.05
C LYS B 424 24.85 11.83 -23.32
N LEU B 425 23.73 11.31 -22.81
CA LEU B 425 22.77 12.17 -22.11
C LEU B 425 23.10 12.30 -20.64
N TRP B 426 23.42 11.17 -20.01
CA TRP B 426 23.46 11.14 -18.55
C TRP B 426 24.82 11.46 -17.94
N TYR B 427 25.87 11.38 -18.73
CA TYR B 427 27.21 11.67 -18.21
C TYR B 427 28.04 12.32 -19.30
N GLN B 428 28.67 13.44 -18.98
CA GLN B 428 29.57 14.08 -19.92
C GLN B 428 30.62 13.08 -20.42
N VAL C 2 -63.26 -6.52 35.09
CA VAL C 2 -62.00 -6.97 35.70
C VAL C 2 -61.15 -7.77 34.70
N PRO C 3 -60.47 -7.06 33.76
CA PRO C 3 -59.57 -7.66 32.76
C PRO C 3 -58.17 -7.94 33.33
N ILE C 4 -57.23 -8.27 32.44
CA ILE C 4 -55.89 -8.63 32.90
C ILE C 4 -54.77 -7.75 32.36
N SER C 5 -53.57 -7.96 32.90
CA SER C 5 -52.39 -7.13 32.60
C SER C 5 -51.20 -7.90 32.01
N PRO C 6 -50.79 -7.57 30.77
CA PRO C 6 -49.74 -8.36 30.11
C PRO C 6 -48.28 -8.18 30.58
N ILE C 7 -47.83 -6.93 30.67
CA ILE C 7 -46.41 -6.58 30.85
C ILE C 7 -46.31 -5.17 31.43
N GLU C 8 -45.17 -4.87 32.05
CA GLU C 8 -45.00 -3.63 32.78
C GLU C 8 -45.38 -2.41 31.94
N THR C 9 -46.14 -1.49 32.53
CA THR C 9 -46.69 -0.34 31.81
C THR C 9 -45.90 0.95 32.06
N VAL C 10 -45.87 1.83 31.05
CA VAL C 10 -45.07 3.06 31.15
C VAL C 10 -45.92 4.33 31.35
N PRO C 11 -45.74 4.98 32.52
CA PRO C 11 -46.41 6.17 33.04
C PRO C 11 -46.43 7.36 32.10
N VAL C 12 -47.52 8.13 32.10
CA VAL C 12 -47.67 9.24 31.16
C VAL C 12 -48.51 10.39 31.73
N LYS C 13 -48.20 11.61 31.30
CA LYS C 13 -48.92 12.81 31.70
C LYS C 13 -49.28 13.56 30.43
N LEU C 14 -49.84 14.74 30.58
CA LEU C 14 -49.88 15.68 29.49
C LEU C 14 -49.11 16.91 29.92
N LYS C 15 -48.97 17.87 29.01
CA LYS C 15 -48.23 19.08 29.33
C LYS C 15 -48.97 19.82 30.44
N PRO C 16 -48.31 19.97 31.60
CA PRO C 16 -49.03 20.26 32.84
C PRO C 16 -49.96 21.43 32.63
N GLY C 17 -51.10 21.42 33.33
CA GLY C 17 -52.12 22.43 33.14
C GLY C 17 -52.60 22.41 31.70
N MET C 18 -53.02 21.23 31.25
CA MET C 18 -53.59 21.12 29.92
C MET C 18 -54.45 19.87 29.78
N ASP C 19 -55.27 19.86 28.73
CA ASP C 19 -56.31 18.87 28.59
C ASP C 19 -56.48 18.36 27.17
N GLY C 20 -57.25 17.29 27.02
CA GLY C 20 -57.31 16.50 25.79
C GLY C 20 -57.96 17.08 24.54
N PRO C 21 -58.09 16.22 23.52
CA PRO C 21 -58.43 16.38 22.10
C PRO C 21 -59.93 16.46 21.71
N LYS C 22 -60.53 17.65 21.74
CA LYS C 22 -61.90 17.72 21.23
C LYS C 22 -61.96 18.27 19.80
N VAL C 23 -62.18 17.37 18.84
CA VAL C 23 -62.42 17.72 17.43
C VAL C 23 -63.22 16.57 16.82
N LYS C 24 -64.03 16.85 15.81
CA LYS C 24 -64.88 15.78 15.28
C LYS C 24 -64.38 15.17 13.97
N GLN C 25 -65.09 14.14 13.51
CA GLN C 25 -64.62 13.29 12.42
C GLN C 25 -64.45 13.98 11.08
N TRP C 26 -63.49 13.50 10.30
CA TRP C 26 -63.41 13.87 8.91
C TRP C 26 -64.62 13.27 8.23
N PRO C 27 -65.07 13.88 7.11
CA PRO C 27 -66.09 13.26 6.26
C PRO C 27 -65.49 12.09 5.44
N LEU C 28 -65.28 10.95 6.09
CA LEU C 28 -64.61 9.81 5.44
C LEU C 28 -65.53 9.00 4.51
N THR C 29 -64.91 8.37 3.51
CA THR C 29 -65.64 7.66 2.45
C THR C 29 -66.58 6.58 3.00
N GLU C 30 -67.70 6.37 2.32
CA GLU C 30 -68.68 5.36 2.73
C GLU C 30 -68.06 3.96 2.76
N GLU C 31 -67.11 3.71 1.86
CA GLU C 31 -66.40 2.43 1.79
C GLU C 31 -65.33 2.34 2.87
N LYS C 32 -64.65 3.45 3.12
CA LYS C 32 -63.70 3.56 4.22
C LYS C 32 -64.34 3.13 5.54
N ILE C 33 -65.47 3.75 5.87
CA ILE C 33 -66.19 3.52 7.12
C ILE C 33 -66.49 2.04 7.41
N LYS C 34 -67.09 1.37 6.42
CA LYS C 34 -67.41 -0.05 6.52
C LYS C 34 -66.12 -0.88 6.52
N ALA C 35 -65.06 -0.33 5.94
CA ALA C 35 -63.74 -0.97 5.99
C ALA C 35 -63.14 -0.96 7.41
N LEU C 36 -63.31 0.15 8.11
CA LEU C 36 -62.83 0.33 9.48
C LEU C 36 -63.62 -0.47 10.51
N VAL C 37 -64.95 -0.45 10.38
CA VAL C 37 -65.84 -1.17 11.30
C VAL C 37 -65.45 -2.66 11.42
N GLU C 38 -64.97 -3.22 10.31
CA GLU C 38 -64.50 -4.62 10.26
C GLU C 38 -63.40 -4.95 11.28
N ILE C 39 -62.31 -4.20 11.24
CA ILE C 39 -61.15 -4.45 12.12
C ILE C 39 -61.45 -3.95 13.53
N CYS C 40 -62.14 -2.82 13.59
CA CYS C 40 -62.55 -2.21 14.85
C CYS C 40 -63.35 -3.18 15.74
N THR C 41 -64.40 -3.77 15.17
CA THR C 41 -65.23 -4.75 15.88
C THR C 41 -64.39 -5.93 16.38
N GLU C 42 -63.39 -6.29 15.58
CA GLU C 42 -62.45 -7.35 15.93
C GLU C 42 -61.73 -7.00 17.23
N MET C 43 -61.18 -5.78 17.30
CA MET C 43 -60.31 -5.41 18.42
C MET C 43 -60.90 -5.68 19.81
N GLU C 44 -62.07 -5.12 20.11
CA GLU C 44 -62.63 -5.20 21.46
C GLU C 44 -62.73 -6.62 22.01
N LYS C 45 -62.98 -7.59 21.13
CA LYS C 45 -63.07 -8.98 21.54
C LYS C 45 -61.77 -9.39 22.21
N GLU C 46 -60.68 -8.76 21.79
CA GLU C 46 -59.35 -9.09 22.31
C GLU C 46 -58.86 -8.16 23.40
N GLY C 47 -59.62 -7.11 23.70
CA GLY C 47 -59.24 -6.17 24.73
C GLY C 47 -58.36 -5.03 24.24
N LYS C 48 -58.27 -4.88 22.93
CA LYS C 48 -57.48 -3.80 22.35
C LYS C 48 -58.22 -2.49 22.42
N ILE C 49 -59.48 -2.47 22.04
CA ILE C 49 -60.24 -1.23 22.07
C ILE C 49 -61.32 -1.35 23.14
N SER C 50 -62.04 -0.27 23.41
CA SER C 50 -63.10 -0.32 24.41
C SER C 50 -64.21 0.72 24.18
N LYS C 51 -65.44 0.36 24.55
CA LYS C 51 -66.58 1.26 24.44
C LYS C 51 -66.59 2.31 25.55
N ILE C 52 -67.33 3.40 25.34
CA ILE C 52 -67.42 4.46 26.32
C ILE C 52 -68.75 5.21 26.32
N GLY C 53 -69.19 5.63 27.50
CA GLY C 53 -70.38 6.46 27.60
C GLY C 53 -70.15 7.82 27.00
N PRO C 54 -71.19 8.66 27.00
CA PRO C 54 -71.11 10.09 26.63
C PRO C 54 -70.13 10.80 27.55
N GLU C 55 -69.74 10.09 28.61
CA GLU C 55 -68.85 10.58 29.67
C GLU C 55 -67.44 10.96 29.23
N ASN C 56 -67.16 10.75 27.95
CA ASN C 56 -65.80 10.89 27.43
C ASN C 56 -65.73 12.05 26.43
N PRO C 57 -65.57 13.27 26.95
CA PRO C 57 -65.72 14.49 26.15
C PRO C 57 -64.50 14.79 25.28
N TYR C 58 -63.98 13.80 24.57
CA TYR C 58 -62.81 13.97 23.73
C TYR C 58 -62.99 13.27 22.38
N ASN C 59 -62.72 13.98 21.30
CA ASN C 59 -62.76 13.34 19.99
C ASN C 59 -61.57 13.69 19.11
N THR C 60 -61.07 12.69 18.40
CA THR C 60 -60.03 12.85 17.40
C THR C 60 -60.35 11.99 16.17
N PRO C 61 -60.05 12.52 14.97
CA PRO C 61 -60.40 11.81 13.72
C PRO C 61 -59.75 10.43 13.62
N VAL C 62 -59.94 9.78 12.48
CA VAL C 62 -59.36 8.47 12.25
C VAL C 62 -59.68 7.98 10.83
N PHE C 63 -58.85 7.05 10.35
CA PHE C 63 -58.88 6.59 8.95
C PHE C 63 -58.02 5.33 8.80
N ALA C 64 -57.76 4.94 7.57
CA ALA C 64 -56.83 3.84 7.32
C ALA C 64 -56.23 3.92 5.92
N ILE C 65 -55.13 3.21 5.73
CA ILE C 65 -54.54 3.06 4.39
C ILE C 65 -54.06 1.62 4.21
N LYS C 66 -54.13 1.13 2.98
CA LYS C 66 -53.70 -0.22 2.70
C LYS C 66 -52.24 -0.34 3.09
N LYS C 67 -51.91 -1.34 3.90
CA LYS C 67 -50.51 -1.65 4.15
C LYS C 67 -49.92 -1.89 2.78
N LYS C 68 -48.86 -1.16 2.46
CA LYS C 68 -48.31 -1.19 1.11
C LYS C 68 -48.09 -2.64 0.71
N ASP C 69 -48.47 -2.96 -0.52
CA ASP C 69 -48.38 -4.32 -1.05
C ASP C 69 -49.08 -5.32 -0.13
N SER C 70 -50.33 -5.02 0.22
CA SER C 70 -51.14 -5.98 0.94
C SER C 70 -52.62 -5.77 0.74
N THR C 71 -53.35 -6.87 0.82
CA THR C 71 -54.79 -6.88 0.73
C THR C 71 -55.42 -6.29 1.99
N LYS C 72 -54.69 -6.39 3.11
CA LYS C 72 -55.16 -5.91 4.42
C LYS C 72 -55.13 -4.40 4.51
N TRP C 73 -55.61 -3.87 5.63
CA TRP C 73 -55.65 -2.43 5.86
C TRP C 73 -55.00 -2.08 7.20
N ARG C 74 -54.45 -0.88 7.30
CA ARG C 74 -53.90 -0.44 8.58
C ARG C 74 -54.59 0.83 9.07
N LYS C 75 -54.97 0.82 10.34
CA LYS C 75 -55.74 1.89 10.96
C LYS C 75 -54.86 2.98 11.53
N LEU C 76 -55.19 4.23 11.20
CA LEU C 76 -54.40 5.38 11.66
C LEU C 76 -55.29 6.45 12.26
N VAL C 77 -54.98 6.88 13.49
CA VAL C 77 -55.73 7.94 14.15
C VAL C 77 -54.93 9.24 14.17
N ASP C 78 -55.34 10.22 13.40
CA ASP C 78 -54.59 11.47 13.41
C ASP C 78 -54.80 12.13 14.77
N PHE C 79 -53.71 12.20 15.53
CA PHE C 79 -53.71 12.79 16.86
C PHE C 79 -53.17 14.20 16.94
N ARG C 80 -52.91 14.83 15.79
CA ARG C 80 -52.07 16.01 15.73
C ARG C 80 -52.35 16.98 16.88
N GLU C 81 -53.61 17.09 17.28
CA GLU C 81 -53.99 17.90 18.44
C GLU C 81 -53.58 17.30 19.80
N LEU C 82 -53.77 16.00 19.98
CA LEU C 82 -53.37 15.37 21.23
C LEU C 82 -51.85 15.46 21.37
N ASN C 83 -51.17 15.32 20.23
CA ASN C 83 -49.72 15.31 20.22
C ASN C 83 -49.16 16.55 20.88
N LYS C 84 -49.59 17.71 20.43
CA LYS C 84 -49.14 18.98 21.01
C LYS C 84 -49.26 18.96 22.53
N ARG C 85 -50.33 18.36 23.03
CA ARG C 85 -50.67 18.47 24.44
C ARG C 85 -50.11 17.34 25.31
N THR C 86 -49.57 16.32 24.68
CA THR C 86 -48.98 15.18 25.39
C THR C 86 -47.55 15.48 25.87
N GLN C 87 -47.11 14.78 26.91
CA GLN C 87 -45.78 15.00 27.47
C GLN C 87 -44.70 14.67 26.47
N ASP C 88 -43.51 15.24 26.66
CA ASP C 88 -42.37 14.96 25.80
C ASP C 88 -41.69 13.68 26.23
N PHE C 89 -41.30 12.84 25.27
CA PHE C 89 -40.46 11.70 25.59
C PHE C 89 -39.05 11.96 25.14
N TRP C 90 -38.15 11.05 25.49
CA TRP C 90 -36.83 11.05 24.92
C TRP C 90 -36.76 9.85 24.01
N GLU C 91 -36.67 10.10 22.71
CA GLU C 91 -36.64 9.01 21.77
C GLU C 91 -35.50 8.04 22.05
N VAL C 92 -35.79 6.75 22.00
CA VAL C 92 -34.76 5.73 22.15
C VAL C 92 -34.24 5.19 20.81
N GLN C 93 -34.82 5.63 19.69
CA GLN C 93 -34.34 5.18 18.40
C GLN C 93 -33.28 6.18 17.96
N LEU C 94 -32.02 5.76 18.02
CA LEU C 94 -30.89 6.66 17.84
C LEU C 94 -30.40 6.77 16.39
N GLY C 95 -30.91 5.90 15.52
CA GLY C 95 -30.51 5.89 14.12
C GLY C 95 -30.97 4.63 13.40
N ILE C 96 -30.45 4.39 12.21
CA ILE C 96 -30.83 3.23 11.45
C ILE C 96 -29.61 2.34 11.21
N PRO C 97 -29.80 1.01 11.28
CA PRO C 97 -28.71 0.05 11.09
C PRO C 97 -28.39 -0.10 9.61
N HIS C 98 -27.11 -0.26 9.30
CA HIS C 98 -26.70 -0.46 7.91
C HIS C 98 -26.34 -1.89 7.57
N PRO C 99 -26.89 -2.41 6.48
CA PRO C 99 -26.52 -3.77 6.11
C PRO C 99 -25.00 -3.92 6.16
N ALA C 100 -24.27 -2.90 5.74
CA ALA C 100 -22.81 -2.92 5.70
C ALA C 100 -22.15 -3.07 7.05
N GLY C 101 -22.92 -2.90 8.12
CA GLY C 101 -22.39 -3.04 9.46
C GLY C 101 -22.55 -4.43 10.04
N LEU C 102 -23.39 -5.24 9.40
CA LEU C 102 -23.69 -6.60 9.81
C LEU C 102 -22.52 -7.51 9.47
N LYS C 103 -22.17 -8.41 10.39
CA LYS C 103 -21.24 -9.50 10.07
C LYS C 103 -21.92 -10.60 9.27
N LYS C 104 -21.10 -11.40 8.58
CA LYS C 104 -21.58 -12.58 7.88
C LYS C 104 -22.01 -13.64 8.91
N LYS C 105 -23.24 -14.12 8.75
CA LYS C 105 -23.80 -15.12 9.64
C LYS C 105 -24.22 -16.38 8.87
N LYS C 106 -23.90 -17.55 9.44
CA LYS C 106 -24.19 -18.83 8.79
C LYS C 106 -25.69 -19.04 8.57
N SER C 107 -26.49 -18.72 9.59
CA SER C 107 -27.93 -18.87 9.53
C SER C 107 -28.63 -17.55 9.91
N VAL C 108 -29.65 -17.17 9.11
CA VAL C 108 -30.29 -15.87 9.24
C VAL C 108 -31.81 -15.89 9.08
N THR C 109 -32.53 -15.31 10.04
CA THR C 109 -33.99 -15.23 10.00
C THR C 109 -34.50 -13.82 10.22
N VAL C 110 -35.61 -13.47 9.56
CA VAL C 110 -36.20 -12.16 9.74
C VAL C 110 -37.67 -12.29 10.11
N LEU C 111 -38.02 -11.94 11.35
CA LEU C 111 -39.41 -12.09 11.77
C LEU C 111 -40.01 -10.81 12.37
N ASP C 112 -41.30 -10.66 12.15
CA ASP C 112 -41.99 -9.44 12.48
C ASP C 112 -43.03 -9.77 13.54
N VAL C 113 -43.45 -8.78 14.32
CA VAL C 113 -44.41 -9.03 15.39
C VAL C 113 -45.82 -8.65 14.92
N GLY C 114 -46.76 -9.59 15.03
CA GLY C 114 -48.12 -9.39 14.58
C GLY C 114 -48.89 -8.38 15.41
N ASP C 115 -49.45 -7.37 14.75
CA ASP C 115 -50.13 -6.25 15.42
C ASP C 115 -49.34 -5.79 16.63
N ALA C 116 -48.16 -5.25 16.37
CA ALA C 116 -47.15 -4.96 17.38
C ALA C 116 -47.60 -3.93 18.43
N TYR C 117 -47.92 -2.72 17.99
CA TYR C 117 -48.33 -1.68 18.91
C TYR C 117 -49.48 -2.16 19.78
N PHE C 118 -50.44 -2.81 19.12
CA PHE C 118 -51.65 -3.31 19.74
C PHE C 118 -51.39 -4.37 20.81
N SER C 119 -50.20 -4.97 20.80
CA SER C 119 -49.83 -5.96 21.80
C SER C 119 -49.19 -5.34 23.05
N VAL C 120 -49.09 -4.01 23.07
CA VAL C 120 -48.53 -3.31 24.22
C VAL C 120 -49.55 -2.48 24.98
N PRO C 121 -49.68 -2.74 26.29
CA PRO C 121 -50.65 -2.09 27.19
C PRO C 121 -50.43 -0.59 27.29
N LEU C 122 -51.46 0.22 27.11
CA LEU C 122 -51.32 1.66 27.30
C LEU C 122 -51.31 1.97 28.80
N ASP C 123 -51.25 3.25 29.14
CA ASP C 123 -51.25 3.61 30.55
C ASP C 123 -52.68 3.72 31.02
N GLU C 124 -52.94 3.17 32.21
CA GLU C 124 -54.25 3.22 32.82
C GLU C 124 -54.83 4.63 32.65
N ASP C 125 -54.26 5.56 33.40
CA ASP C 125 -54.82 6.89 33.60
C ASP C 125 -54.83 7.76 32.34
N PHE C 126 -54.05 7.37 31.33
CA PHE C 126 -54.02 8.09 30.05
C PHE C 126 -55.14 7.71 29.07
N ARG C 127 -55.59 6.46 29.15
CA ARG C 127 -56.38 5.83 28.08
C ARG C 127 -57.50 6.74 27.58
N LYS C 128 -58.10 7.47 28.51
CA LYS C 128 -59.24 8.34 28.24
C LYS C 128 -59.06 9.32 27.06
N TYR C 129 -57.85 9.81 26.85
CA TYR C 129 -57.62 10.85 25.85
C TYR C 129 -57.61 10.27 24.45
N THR C 130 -57.65 8.95 24.40
CA THR C 130 -57.56 8.24 23.14
C THR C 130 -58.84 8.31 22.32
N ALA C 131 -59.90 8.83 22.93
CA ALA C 131 -61.25 8.73 22.35
C ALA C 131 -61.41 9.17 20.89
N PHE C 132 -62.10 8.34 20.12
CA PHE C 132 -62.50 8.65 18.75
C PHE C 132 -63.91 8.14 18.47
N THR C 133 -64.49 8.57 17.34
CA THR C 133 -65.83 8.09 16.94
C THR C 133 -65.79 7.38 15.58
N ILE C 134 -66.69 6.42 15.38
CA ILE C 134 -66.79 5.62 14.15
C ILE C 134 -68.19 5.62 13.50
N PRO C 135 -68.36 6.48 12.46
CA PRO C 135 -69.58 6.61 11.65
C PRO C 135 -69.98 5.29 10.96
N SER C 136 -71.22 5.23 10.47
CA SER C 136 -71.72 4.08 9.70
C SER C 136 -71.75 4.37 8.19
N ILE C 137 -72.26 3.44 7.39
CA ILE C 137 -72.29 3.59 5.93
C ILE C 137 -72.86 4.96 5.49
N ASN C 138 -73.82 5.46 6.29
CA ASN C 138 -74.40 6.79 6.12
C ASN C 138 -74.01 7.70 7.29
N ASN C 139 -74.58 8.90 7.32
CA ASN C 139 -74.56 9.71 8.54
C ASN C 139 -75.70 9.26 9.46
N GLU C 140 -76.40 8.23 9.01
CA GLU C 140 -77.58 7.66 9.69
C GLU C 140 -77.36 7.29 11.16
N THR C 141 -76.35 6.46 11.43
CA THR C 141 -76.08 5.98 12.79
C THR C 141 -75.33 7.03 13.62
N PRO C 142 -75.67 7.15 14.91
CA PRO C 142 -75.00 8.11 15.81
C PRO C 142 -73.46 7.91 15.85
N GLY C 143 -73.00 6.71 15.46
CA GLY C 143 -71.60 6.40 15.46
C GLY C 143 -71.19 5.73 16.77
N ILE C 144 -70.11 4.95 16.72
CA ILE C 144 -69.64 4.27 17.94
C ILE C 144 -68.31 4.83 18.47
N ARG C 145 -68.32 5.23 19.74
CA ARG C 145 -67.17 5.90 20.33
C ARG C 145 -66.30 4.97 21.18
N TYR C 146 -65.00 5.01 20.91
CA TYR C 146 -64.02 4.06 21.44
C TYR C 146 -62.81 4.71 22.16
N GLN C 147 -62.10 3.91 22.94
CA GLN C 147 -60.85 4.29 23.59
C GLN C 147 -59.83 3.14 23.54
N TYR C 148 -58.56 3.44 23.32
CA TYR C 148 -57.51 2.42 23.25
C TYR C 148 -57.06 1.97 24.65
N ASN C 149 -56.92 0.65 24.82
CA ASN C 149 -56.26 0.07 25.99
C ASN C 149 -54.81 -0.34 25.67
N VAL C 150 -54.40 -0.07 24.43
CA VAL C 150 -53.04 -0.36 23.94
C VAL C 150 -52.48 0.85 23.17
N LEU C 151 -51.29 0.70 22.56
CA LEU C 151 -50.66 1.83 21.87
C LEU C 151 -51.24 2.05 20.47
N PRO C 152 -51.89 3.21 20.25
CA PRO C 152 -52.50 3.58 18.95
C PRO C 152 -51.50 3.98 17.88
N GLN C 153 -51.74 3.59 16.64
CA GLN C 153 -50.89 4.03 15.55
C GLN C 153 -51.22 5.47 15.23
N GLY C 154 -50.20 6.32 15.27
CA GLY C 154 -50.34 7.75 15.07
C GLY C 154 -50.11 8.64 16.29
N TRP C 155 -50.00 8.05 17.48
CA TRP C 155 -49.70 8.85 18.66
C TRP C 155 -48.22 9.24 18.59
N LYS C 156 -47.76 10.09 19.51
CA LYS C 156 -46.36 10.49 19.46
C LYS C 156 -45.49 9.74 20.46
N GLY C 157 -46.12 8.94 21.30
CA GLY C 157 -45.40 8.20 22.31
C GLY C 157 -45.34 6.72 22.06
N SER C 158 -45.99 6.29 20.99
CA SER C 158 -46.10 4.86 20.71
C SER C 158 -44.76 4.23 20.39
N PRO C 159 -44.00 4.86 19.48
CA PRO C 159 -42.77 4.20 19.05
C PRO C 159 -41.75 4.08 20.17
N ALA C 160 -41.58 5.15 20.95
CA ALA C 160 -40.61 5.09 22.02
C ALA C 160 -40.96 3.99 23.00
N ILE C 161 -42.24 3.89 23.34
CA ILE C 161 -42.68 2.94 24.35
C ILE C 161 -42.62 1.51 23.81
N PHE C 162 -42.98 1.34 22.54
CA PHE C 162 -42.89 0.03 21.94
C PHE C 162 -41.46 -0.45 21.92
N GLN C 163 -40.56 0.42 21.44
CA GLN C 163 -39.15 0.09 21.29
C GLN C 163 -38.56 -0.23 22.65
N SER C 164 -38.91 0.58 23.64
CA SER C 164 -38.43 0.43 25.01
C SER C 164 -38.84 -0.91 25.62
N SER C 165 -40.15 -1.18 25.56
CA SER C 165 -40.72 -2.42 26.10
C SER C 165 -40.11 -3.64 25.43
N MET C 166 -40.02 -3.55 24.11
CA MET C 166 -39.48 -4.61 23.25
C MET C 166 -38.06 -4.98 23.67
N THR C 167 -37.23 -3.96 23.88
CA THR C 167 -35.86 -4.21 24.34
C THR C 167 -35.88 -4.91 25.67
N LYS C 168 -36.73 -4.41 26.58
CA LYS C 168 -36.83 -4.97 27.93
C LYS C 168 -37.17 -6.47 27.95
N ILE C 169 -38.11 -6.86 27.10
CA ILE C 169 -38.50 -8.26 26.93
C ILE C 169 -37.38 -9.10 26.31
N LEU C 170 -36.77 -8.59 25.24
CA LEU C 170 -35.75 -9.34 24.52
C LEU C 170 -34.50 -9.55 25.36
N GLU C 171 -34.29 -8.67 26.33
CA GLU C 171 -33.06 -8.69 27.11
C GLU C 171 -32.72 -10.03 27.75
N PRO C 172 -33.66 -10.60 28.48
CA PRO C 172 -33.45 -11.89 29.14
C PRO C 172 -33.02 -12.99 28.18
N PHE C 173 -33.61 -13.03 26.99
CA PHE C 173 -33.24 -14.03 26.01
C PHE C 173 -31.80 -13.87 25.60
N LYS C 174 -31.46 -12.65 25.21
CA LYS C 174 -30.13 -12.32 24.72
C LYS C 174 -29.03 -12.68 25.70
N LYS C 175 -29.36 -12.72 26.99
CA LYS C 175 -28.34 -13.05 28.00
C LYS C 175 -28.07 -14.54 28.02
N GLN C 176 -29.11 -15.35 27.84
CA GLN C 176 -28.95 -16.77 27.83
C GLN C 176 -28.37 -17.19 26.49
N ASN C 177 -28.40 -16.27 25.53
CA ASN C 177 -27.88 -16.55 24.20
C ASN C 177 -26.93 -15.49 23.67
N PRO C 178 -25.75 -15.39 24.27
CA PRO C 178 -24.78 -14.39 23.83
C PRO C 178 -24.43 -14.47 22.34
N ASP C 179 -24.49 -15.66 21.76
CA ASP C 179 -24.01 -15.84 20.40
C ASP C 179 -25.07 -15.73 19.30
N ILE C 180 -26.27 -15.35 19.70
CA ILE C 180 -27.27 -14.96 18.71
C ILE C 180 -27.20 -13.47 18.57
N VAL C 181 -27.38 -12.98 17.34
CA VAL C 181 -27.45 -11.56 17.10
C VAL C 181 -28.89 -11.18 16.80
N ILE C 182 -29.44 -10.24 17.57
CA ILE C 182 -30.77 -9.74 17.27
C ILE C 182 -30.76 -8.25 16.98
N TYR C 183 -31.04 -7.89 15.74
CA TYR C 183 -31.23 -6.50 15.38
C TYR C 183 -32.70 -6.21 15.54
N GLN C 184 -33.01 -5.33 16.47
CA GLN C 184 -34.39 -4.98 16.72
C GLN C 184 -34.62 -3.56 16.27
N TYR C 185 -35.35 -3.42 15.17
CA TYR C 185 -35.73 -2.10 14.71
C TYR C 185 -37.23 -2.05 14.70
N MET C 186 -37.80 -1.26 15.60
CA MET C 186 -39.24 -1.28 15.82
C MET C 186 -39.62 -2.70 16.28
N ASP C 187 -40.53 -3.34 15.56
CA ASP C 187 -40.88 -4.74 15.78
C ASP C 187 -40.18 -5.71 14.81
N ASP C 188 -39.36 -5.18 13.92
CA ASP C 188 -38.62 -6.00 12.96
C ASP C 188 -37.38 -6.62 13.61
N LEU C 189 -37.26 -7.94 13.53
CA LEU C 189 -36.18 -8.64 14.19
C LEU C 189 -35.32 -9.44 13.23
N TYR C 190 -34.03 -9.12 13.18
CA TYR C 190 -33.06 -9.89 12.41
C TYR C 190 -32.31 -10.75 13.40
N VAL C 191 -32.53 -12.06 13.32
CA VAL C 191 -31.80 -12.98 14.17
C VAL C 191 -30.77 -13.68 13.31
N GLY C 192 -29.54 -13.78 13.79
CA GLY C 192 -28.56 -14.52 13.05
C GLY C 192 -27.54 -15.14 13.97
N SER C 193 -26.98 -16.26 13.49
CA SER C 193 -26.06 -17.05 14.30
C SER C 193 -25.21 -17.93 13.41
N ASP C 194 -24.15 -18.48 13.99
CA ASP C 194 -23.34 -19.47 13.29
C ASP C 194 -23.68 -20.95 13.60
N LEU C 195 -24.77 -21.17 14.34
CA LEU C 195 -25.33 -22.51 14.55
C LEU C 195 -25.74 -23.14 13.22
N GLU C 196 -25.72 -24.46 13.15
CA GLU C 196 -26.17 -25.14 11.93
C GLU C 196 -27.65 -24.87 11.69
N ILE C 197 -28.06 -24.88 10.42
CA ILE C 197 -29.39 -24.39 10.05
C ILE C 197 -30.55 -24.98 10.85
N GLY C 198 -30.36 -26.19 11.41
CA GLY C 198 -31.35 -26.77 12.30
C GLY C 198 -31.38 -26.24 13.73
N GLN C 199 -30.22 -26.21 14.38
CA GLN C 199 -30.13 -25.77 15.78
C GLN C 199 -30.51 -24.30 15.88
N HIS C 200 -30.41 -23.64 14.73
CA HIS C 200 -30.77 -22.25 14.57
C HIS C 200 -32.29 -22.18 14.70
N ARG C 201 -33.01 -22.80 13.77
CA ARG C 201 -34.48 -22.79 13.84
C ARG C 201 -35.01 -23.25 15.19
N THR C 202 -34.25 -24.12 15.86
CA THR C 202 -34.48 -24.40 17.27
C THR C 202 -34.49 -23.10 18.06
N LYS C 203 -33.35 -22.40 18.10
CA LYS C 203 -33.26 -21.10 18.78
C LYS C 203 -34.29 -20.05 18.35
N ILE C 204 -34.72 -20.10 17.09
CA ILE C 204 -35.71 -19.17 16.55
C ILE C 204 -37.09 -19.43 17.11
N GLU C 205 -37.49 -20.70 17.15
CA GLU C 205 -38.79 -21.08 17.70
C GLU C 205 -38.78 -20.85 19.20
N GLU C 206 -37.66 -21.23 19.80
CA GLU C 206 -37.38 -21.05 21.20
C GLU C 206 -37.55 -19.58 21.59
N LEU C 207 -37.17 -18.69 20.67
CA LEU C 207 -37.41 -17.26 20.86
C LEU C 207 -38.89 -16.94 20.71
N ARG C 208 -39.51 -17.48 19.67
CA ARG C 208 -40.94 -17.24 19.43
C ARG C 208 -41.80 -17.47 20.67
N GLN C 209 -41.50 -18.54 21.41
CA GLN C 209 -42.18 -18.81 22.68
C GLN C 209 -42.03 -17.64 23.65
N HIS C 210 -40.77 -17.27 23.89
CA HIS C 210 -40.41 -16.18 24.79
C HIS C 210 -41.18 -14.92 24.45
N LEU C 211 -41.26 -14.58 23.17
CA LEU C 211 -42.05 -13.42 22.75
C LEU C 211 -43.53 -13.67 23.01
N LEU C 212 -43.92 -14.93 23.04
CA LEU C 212 -45.31 -15.30 23.35
C LEU C 212 -45.70 -14.97 24.81
N ARG C 213 -44.85 -15.40 25.75
CA ARG C 213 -45.14 -15.20 27.17
C ARG C 213 -45.56 -13.76 27.47
N TRP C 214 -45.12 -12.81 26.65
CA TRP C 214 -45.53 -11.42 26.80
C TRP C 214 -46.68 -11.03 25.87
N GLY C 215 -47.22 -12.01 25.14
CA GLY C 215 -48.34 -11.77 24.26
C GLY C 215 -47.95 -11.14 22.94
N LEU C 216 -46.78 -11.54 22.44
CA LEU C 216 -46.27 -11.04 21.17
C LEU C 216 -46.34 -12.09 20.06
N THR C 217 -47.24 -11.83 19.10
CA THR C 217 -47.48 -12.69 17.94
C THR C 217 -46.28 -12.73 17.00
N THR C 218 -45.97 -13.91 16.46
CA THR C 218 -44.98 -14.03 15.38
C THR C 218 -45.47 -14.90 14.22
N PRO C 219 -46.33 -14.32 13.35
CA PRO C 219 -47.00 -15.07 12.27
C PRO C 219 -46.01 -15.73 11.32
N ASP C 220 -46.52 -16.32 10.24
CA ASP C 220 -45.65 -16.87 9.21
C ASP C 220 -44.96 -15.80 8.38
N LYS C 221 -45.25 -14.55 8.69
CA LYS C 221 -44.65 -13.40 8.02
C LYS C 221 -43.12 -13.49 8.03
N LYS C 222 -42.58 -14.36 8.87
CA LYS C 222 -41.13 -14.56 8.94
C LYS C 222 -40.51 -15.24 7.71
N HIS C 223 -39.38 -14.69 7.24
CA HIS C 223 -38.50 -15.31 6.23
C HIS C 223 -37.66 -16.37 6.95
N GLN C 224 -37.67 -17.60 6.48
CA GLN C 224 -36.97 -18.64 7.25
C GLN C 224 -35.64 -19.06 6.61
N LYS C 225 -35.71 -19.90 5.59
CA LYS C 225 -34.51 -20.32 4.86
C LYS C 225 -34.29 -19.53 3.58
N GLU C 226 -35.03 -18.45 3.40
CA GLU C 226 -35.20 -17.95 2.04
C GLU C 226 -34.53 -16.61 1.75
N PRO C 227 -33.18 -16.63 1.60
CA PRO C 227 -32.50 -15.50 0.99
C PRO C 227 -33.09 -15.36 -0.39
N PRO C 228 -33.09 -14.15 -0.96
CA PRO C 228 -32.63 -12.98 -0.19
C PRO C 228 -33.66 -12.60 0.86
N PHE C 229 -33.21 -12.19 2.05
CA PHE C 229 -34.13 -11.69 3.07
C PHE C 229 -34.41 -10.21 2.85
N LEU C 230 -35.66 -9.81 3.04
CA LEU C 230 -35.99 -8.41 2.92
C LEU C 230 -35.84 -7.79 4.30
N TRP C 231 -34.86 -6.90 4.43
CA TRP C 231 -34.59 -6.20 5.68
C TRP C 231 -34.25 -4.73 5.46
N MET C 232 -35.07 -3.84 6.01
CA MET C 232 -34.80 -2.40 5.97
C MET C 232 -34.69 -1.83 4.56
N GLY C 233 -35.27 -2.50 3.57
CA GLY C 233 -35.19 -2.00 2.21
C GLY C 233 -34.02 -2.57 1.44
N TYR C 234 -33.39 -3.58 2.00
CA TYR C 234 -32.28 -4.27 1.34
C TYR C 234 -32.63 -5.75 1.18
N GLU C 235 -31.93 -6.41 0.27
CA GLU C 235 -32.01 -7.85 0.13
C GLU C 235 -30.69 -8.38 0.62
N LEU C 236 -30.75 -9.25 1.63
CA LEU C 236 -29.55 -9.84 2.18
C LEU C 236 -29.38 -11.25 1.66
N HIS C 237 -28.28 -11.48 0.96
CA HIS C 237 -27.91 -12.82 0.49
C HIS C 237 -26.88 -13.32 1.48
N PRO C 238 -26.40 -14.55 1.30
CA PRO C 238 -25.47 -15.06 2.32
C PRO C 238 -24.16 -14.29 2.36
N ASP C 239 -23.56 -14.04 1.19
CA ASP C 239 -22.32 -13.29 1.13
C ASP C 239 -22.34 -11.83 0.66
N LYS C 240 -23.51 -11.33 0.27
CA LYS C 240 -23.62 -9.98 -0.26
C LYS C 240 -25.00 -9.38 0.02
N TRP C 241 -25.13 -8.06 -0.14
CA TRP C 241 -26.40 -7.37 0.09
C TRP C 241 -26.63 -6.29 -0.93
N THR C 242 -27.89 -5.91 -1.14
CA THR C 242 -28.14 -4.82 -2.08
C THR C 242 -29.42 -4.06 -1.75
N VAL C 243 -29.56 -2.83 -2.25
CA VAL C 243 -30.82 -2.12 -2.13
C VAL C 243 -31.89 -2.72 -3.03
N GLN C 244 -33.12 -2.73 -2.54
CA GLN C 244 -34.23 -3.17 -3.34
C GLN C 244 -34.38 -2.16 -4.46
N PRO C 245 -34.92 -2.60 -5.60
CA PRO C 245 -34.85 -1.84 -6.85
C PRO C 245 -35.30 -0.40 -6.73
N ILE C 246 -34.47 0.50 -7.23
CA ILE C 246 -34.78 1.92 -7.24
C ILE C 246 -35.40 2.32 -8.58
N VAL C 247 -36.68 2.67 -8.53
CA VAL C 247 -37.39 3.16 -9.69
C VAL C 247 -37.18 4.67 -9.79
N LEU C 248 -36.64 5.14 -10.92
CA LEU C 248 -36.49 6.56 -11.14
C LEU C 248 -37.59 7.14 -12.04
N PRO C 249 -38.22 8.23 -11.59
CA PRO C 249 -39.32 8.91 -12.28
C PRO C 249 -39.01 9.24 -13.75
N GLU C 250 -39.95 8.93 -14.63
CA GLU C 250 -39.79 9.16 -16.06
C GLU C 250 -40.42 10.46 -16.60
N LYS C 251 -40.95 11.29 -15.70
CA LYS C 251 -41.70 12.50 -16.10
C LYS C 251 -40.98 13.38 -17.13
N ASP C 252 -41.73 13.88 -18.10
CA ASP C 252 -41.21 14.72 -19.19
C ASP C 252 -41.04 16.19 -18.77
N SER C 253 -42.17 16.81 -18.41
CA SER C 253 -42.17 18.12 -17.75
C SER C 253 -41.91 17.90 -16.25
N TRP C 254 -40.83 18.49 -15.75
CA TRP C 254 -40.43 18.32 -14.36
C TRP C 254 -40.89 19.50 -13.50
N THR C 255 -41.40 19.22 -12.31
CA THR C 255 -41.76 20.25 -11.34
C THR C 255 -40.84 20.21 -10.11
N VAL C 256 -41.02 21.14 -9.18
CA VAL C 256 -40.18 21.19 -7.98
C VAL C 256 -40.25 19.89 -7.19
N ASN C 257 -41.47 19.45 -6.89
CA ASN C 257 -41.71 18.19 -6.18
C ASN C 257 -41.18 16.97 -6.95
N ASP C 258 -41.25 17.02 -8.27
CA ASP C 258 -40.65 15.98 -9.11
C ASP C 258 -39.14 15.86 -8.85
N ILE C 259 -38.45 16.99 -8.93
CA ILE C 259 -37.01 17.03 -8.68
C ILE C 259 -36.69 16.57 -7.26
N CYS C 260 -37.55 16.92 -6.30
CA CYS C 260 -37.38 16.42 -4.95
C CYS C 260 -37.36 14.90 -4.92
N LYS C 261 -38.43 14.28 -5.40
CA LYS C 261 -38.50 12.83 -5.37
C LYS C 261 -37.23 12.26 -6.02
N LEU C 262 -36.89 12.80 -7.19
CA LEU C 262 -35.69 12.40 -7.92
C LEU C 262 -34.39 12.42 -7.10
N VAL C 263 -34.00 13.61 -6.66
CA VAL C 263 -32.82 13.78 -5.83
C VAL C 263 -32.83 12.87 -4.61
N GLY C 264 -33.94 12.84 -3.88
CA GLY C 264 -34.05 11.99 -2.70
C GLY C 264 -33.79 10.53 -3.01
N LYS C 265 -34.36 10.05 -4.11
CA LYS C 265 -34.10 8.70 -4.58
C LYS C 265 -32.61 8.50 -4.84
N LEU C 266 -31.96 9.47 -5.47
CA LEU C 266 -30.53 9.36 -5.77
C LEU C 266 -29.62 9.37 -4.54
N ASN C 267 -29.96 10.19 -3.54
CA ASN C 267 -29.27 10.18 -2.25
C ASN C 267 -29.45 8.84 -1.56
N TRP C 268 -30.63 8.25 -1.76
CA TRP C 268 -30.87 6.91 -1.24
C TRP C 268 -29.94 5.94 -1.96
N ALA C 269 -29.85 6.08 -3.29
CA ALA C 269 -29.00 5.23 -4.11
C ALA C 269 -27.50 5.32 -3.76
N SER C 270 -27.04 6.50 -3.37
CA SER C 270 -25.60 6.77 -3.27
C SER C 270 -24.90 5.95 -2.20
N GLN C 271 -25.65 5.19 -1.42
CA GLN C 271 -25.05 4.43 -0.34
C GLN C 271 -24.39 3.16 -0.90
N ILE C 272 -25.00 2.59 -1.93
CA ILE C 272 -24.32 1.53 -2.68
C ILE C 272 -23.79 1.83 -4.10
N TYR C 273 -24.30 2.87 -4.77
CA TYR C 273 -23.92 3.11 -6.17
C TYR C 273 -22.83 4.16 -6.25
N PRO C 274 -21.60 3.76 -6.59
CA PRO C 274 -20.54 4.78 -6.51
C PRO C 274 -20.77 5.90 -7.52
N GLY C 275 -20.31 7.09 -7.19
CA GLY C 275 -20.27 8.17 -8.15
C GLY C 275 -21.51 9.01 -8.39
N ILE C 276 -22.62 8.73 -7.71
CA ILE C 276 -23.82 9.57 -7.88
C ILE C 276 -23.54 11.02 -7.50
N LYS C 277 -24.04 11.93 -8.32
CA LYS C 277 -23.90 13.37 -8.10
C LYS C 277 -25.27 14.05 -8.12
N VAL C 278 -25.60 14.78 -7.06
CA VAL C 278 -26.81 15.58 -7.04
C VAL C 278 -26.72 17.13 -7.20
N ARG C 279 -25.51 17.70 -7.25
CA ARG C 279 -25.31 19.16 -7.17
C ARG C 279 -26.21 20.04 -8.09
N GLN C 280 -26.18 19.72 -9.38
CA GLN C 280 -26.87 20.51 -10.40
C GLN C 280 -28.39 20.31 -10.44
N LEU C 281 -28.85 19.10 -10.18
CA LEU C 281 -30.28 18.84 -10.01
C LEU C 281 -30.85 19.57 -8.79
N SER C 282 -29.99 19.85 -7.80
CA SER C 282 -30.36 20.59 -6.60
C SER C 282 -30.37 22.10 -6.82
N LYS C 283 -29.45 22.59 -7.65
CA LYS C 283 -29.49 24.01 -8.03
C LYS C 283 -30.86 24.39 -8.59
N LEU C 284 -31.53 23.44 -9.26
CA LEU C 284 -32.83 23.69 -9.86
C LEU C 284 -33.88 24.11 -8.84
N LEU C 285 -33.66 23.73 -7.58
CA LEU C 285 -34.66 23.92 -6.54
C LEU C 285 -34.56 25.21 -5.74
N ARG C 286 -33.49 25.97 -5.91
CA ARG C 286 -33.19 27.05 -4.97
C ARG C 286 -34.08 28.28 -5.09
N GLY C 287 -34.75 28.64 -3.99
CA GLY C 287 -35.55 29.84 -3.90
C GLY C 287 -36.98 29.74 -4.43
N THR C 288 -37.32 28.62 -5.05
CA THR C 288 -38.64 28.46 -5.65
C THR C 288 -39.77 28.54 -4.62
N LYS C 289 -40.91 29.08 -5.05
CA LYS C 289 -42.09 29.21 -4.19
C LYS C 289 -42.90 27.90 -4.14
N ALA C 290 -43.52 27.55 -5.27
CA ALA C 290 -44.47 26.45 -5.33
C ALA C 290 -43.80 25.09 -5.45
N LEU C 291 -44.27 24.14 -4.65
CA LEU C 291 -43.84 22.77 -4.77
C LEU C 291 -44.39 22.20 -6.06
N THR C 292 -45.55 22.71 -6.47
CA THR C 292 -46.27 22.23 -7.65
C THR C 292 -45.77 22.85 -8.96
N GLU C 293 -45.10 23.99 -8.85
CA GLU C 293 -44.64 24.73 -10.02
C GLU C 293 -43.77 23.88 -10.93
N VAL C 294 -43.93 24.06 -12.24
CA VAL C 294 -43.11 23.37 -13.23
C VAL C 294 -41.82 24.14 -13.51
N ILE C 295 -40.74 23.40 -13.74
CA ILE C 295 -39.43 24.00 -13.97
C ILE C 295 -38.66 23.22 -15.04
N PRO C 296 -37.89 23.92 -15.88
CA PRO C 296 -37.26 23.31 -17.05
C PRO C 296 -36.00 22.50 -16.75
N LEU C 297 -35.69 21.57 -17.64
CA LEU C 297 -34.45 20.80 -17.58
C LEU C 297 -33.30 21.68 -18.02
N THR C 298 -32.32 21.89 -17.15
CA THR C 298 -31.11 22.59 -17.56
C THR C 298 -30.18 21.70 -18.37
N GLU C 299 -29.26 22.30 -19.12
CA GLU C 299 -28.28 21.54 -19.86
C GLU C 299 -27.25 20.96 -18.89
N GLU C 300 -27.05 21.67 -17.78
CA GLU C 300 -26.15 21.20 -16.73
C GLU C 300 -26.66 19.91 -16.05
N ALA C 301 -27.89 19.94 -15.55
CA ALA C 301 -28.46 18.80 -14.84
C ALA C 301 -28.89 17.65 -15.77
N GLU C 302 -28.89 17.91 -17.08
CA GLU C 302 -29.25 16.88 -18.05
C GLU C 302 -28.16 15.81 -18.08
N LEU C 303 -26.92 16.27 -18.15
CA LEU C 303 -25.77 15.38 -18.15
C LEU C 303 -25.76 14.59 -16.85
N GLU C 304 -26.00 15.29 -15.74
CA GLU C 304 -26.04 14.67 -14.42
C GLU C 304 -27.04 13.53 -14.41
N LEU C 305 -28.31 13.84 -14.59
CA LEU C 305 -29.37 12.84 -14.61
C LEU C 305 -29.01 11.68 -15.55
N ALA C 306 -28.53 12.02 -16.74
CA ALA C 306 -28.17 11.02 -17.73
C ALA C 306 -27.16 10.00 -17.20
N GLU C 307 -26.02 10.50 -16.73
CA GLU C 307 -24.94 9.61 -16.28
C GLU C 307 -25.22 8.93 -14.94
N ASN C 308 -26.01 9.56 -14.07
CA ASN C 308 -26.49 8.88 -12.86
C ASN C 308 -27.37 7.66 -13.26
N ARG C 309 -28.20 7.84 -14.28
CA ARG C 309 -28.96 6.72 -14.82
C ARG C 309 -28.01 5.66 -15.35
N GLU C 310 -26.95 6.11 -16.03
CA GLU C 310 -25.95 5.18 -16.55
C GLU C 310 -25.31 4.37 -15.43
N ILE C 311 -25.20 4.97 -14.25
CA ILE C 311 -24.66 4.27 -13.08
C ILE C 311 -25.66 3.24 -12.54
N LEU C 312 -26.92 3.65 -12.45
CA LEU C 312 -27.97 2.79 -11.92
C LEU C 312 -28.32 1.61 -12.83
N LYS C 313 -28.02 1.74 -14.13
CA LYS C 313 -28.24 0.66 -15.08
C LYS C 313 -27.68 -0.65 -14.56
N GLU C 314 -26.36 -0.69 -14.39
CA GLU C 314 -25.67 -1.90 -13.97
C GLU C 314 -25.86 -2.17 -12.48
N PRO C 315 -26.43 -3.34 -12.14
CA PRO C 315 -26.68 -3.67 -10.72
C PRO C 315 -25.38 -3.91 -9.97
N VAL C 316 -25.33 -3.49 -8.70
CA VAL C 316 -24.16 -3.66 -7.85
C VAL C 316 -24.58 -4.04 -6.45
N HIS C 317 -23.63 -4.46 -5.63
CA HIS C 317 -23.93 -4.97 -4.31
C HIS C 317 -22.86 -4.61 -3.29
N GLY C 318 -23.20 -4.70 -2.01
CA GLY C 318 -22.24 -4.53 -0.94
C GLY C 318 -21.84 -5.84 -0.30
N VAL C 319 -20.81 -5.79 0.54
CA VAL C 319 -20.35 -6.98 1.24
C VAL C 319 -20.52 -6.73 2.72
N TYR C 320 -20.05 -7.66 3.55
CA TYR C 320 -20.29 -7.56 4.98
C TYR C 320 -19.02 -7.29 5.74
N TYR C 321 -19.16 -7.11 7.04
CA TYR C 321 -18.08 -6.61 7.85
C TYR C 321 -17.30 -7.76 8.50
N ASP C 322 -15.99 -7.69 8.38
CA ASP C 322 -15.11 -8.70 8.89
C ASP C 322 -14.21 -8.05 9.92
N PRO C 323 -14.66 -8.05 11.18
CA PRO C 323 -14.00 -7.36 12.29
C PRO C 323 -12.51 -7.68 12.37
N SER C 324 -12.07 -8.78 11.78
CA SER C 324 -10.63 -9.05 11.73
C SER C 324 -9.86 -8.05 10.84
N LYS C 325 -10.29 -7.88 9.59
CA LYS C 325 -9.53 -7.04 8.67
C LYS C 325 -9.77 -5.56 8.95
N ASP C 326 -9.01 -4.72 8.27
CA ASP C 326 -9.08 -3.27 8.45
C ASP C 326 -10.24 -2.56 7.74
N LEU C 327 -10.56 -1.36 8.21
CA LEU C 327 -11.51 -0.49 7.50
C LEU C 327 -10.78 0.53 6.62
N ILE C 328 -11.10 0.54 5.33
CA ILE C 328 -10.48 1.48 4.41
C ILE C 328 -11.53 2.38 3.79
N ALA C 329 -11.34 3.69 3.93
CA ALA C 329 -12.17 4.69 3.23
C ALA C 329 -11.35 5.46 2.20
N GLU C 330 -11.72 5.34 0.93
CA GLU C 330 -11.07 6.09 -0.13
C GLU C 330 -12.00 7.17 -0.69
N ILE C 331 -11.44 8.35 -0.96
CA ILE C 331 -12.21 9.50 -1.43
C ILE C 331 -11.73 9.97 -2.80
N GLN C 332 -12.66 10.27 -3.70
CA GLN C 332 -12.38 10.92 -4.98
C GLN C 332 -12.99 12.31 -5.08
N LYS C 333 -12.24 13.24 -5.66
CA LYS C 333 -12.75 14.57 -5.96
C LYS C 333 -13.53 14.59 -7.27
N GLN C 334 -14.79 15.00 -7.20
CA GLN C 334 -15.65 15.03 -8.38
C GLN C 334 -15.89 16.38 -9.07
N GLY C 335 -15.30 17.44 -8.53
CA GLY C 335 -15.42 18.76 -9.12
C GLY C 335 -16.60 19.53 -8.57
N GLN C 336 -16.47 20.86 -8.55
CA GLN C 336 -17.53 21.72 -8.04
C GLN C 336 -17.85 21.37 -6.60
N GLY C 337 -16.81 21.27 -5.78
CA GLY C 337 -17.02 20.90 -4.40
C GLY C 337 -17.89 19.67 -4.22
N GLN C 338 -17.63 18.63 -5.00
CA GLN C 338 -18.33 17.36 -4.87
C GLN C 338 -17.36 16.22 -4.58
N TRP C 339 -17.77 15.27 -3.76
CA TRP C 339 -16.85 14.23 -3.34
C TRP C 339 -17.55 12.89 -3.27
N THR C 340 -16.91 11.83 -3.75
CA THR C 340 -17.46 10.50 -3.53
C THR C 340 -16.48 9.72 -2.72
N TYR C 341 -16.96 8.66 -2.10
CA TYR C 341 -16.11 7.81 -1.31
C TYR C 341 -16.64 6.39 -1.29
N GLN C 342 -15.69 5.46 -1.18
CA GLN C 342 -16.00 4.05 -1.00
C GLN C 342 -15.35 3.58 0.29
N ILE C 343 -16.08 2.78 1.06
CA ILE C 343 -15.54 2.12 2.23
C ILE C 343 -15.58 0.62 1.98
N TYR C 344 -14.41 0.02 2.13
CA TYR C 344 -14.21 -1.38 1.83
C TYR C 344 -13.18 -1.99 2.76
N GLN C 345 -12.98 -3.29 2.61
CA GLN C 345 -12.00 -4.05 3.38
C GLN C 345 -11.04 -4.80 2.48
N GLU C 346 -11.59 -5.63 1.60
CA GLU C 346 -10.83 -6.17 0.49
C GLU C 346 -11.07 -5.27 -0.71
N PRO C 347 -10.00 -4.87 -1.40
CA PRO C 347 -10.12 -3.88 -2.48
C PRO C 347 -11.18 -4.30 -3.45
N PHE C 348 -11.87 -3.35 -4.07
CA PHE C 348 -12.83 -3.65 -5.13
C PHE C 348 -14.14 -4.26 -4.61
N LYS C 349 -14.17 -4.63 -3.33
CA LYS C 349 -15.42 -5.07 -2.73
C LYS C 349 -15.86 -4.09 -1.65
N ASN C 350 -16.87 -3.28 -1.97
CA ASN C 350 -17.33 -2.22 -1.07
C ASN C 350 -18.29 -2.69 0.04
N LEU C 351 -18.01 -2.27 1.27
CA LEU C 351 -19.00 -2.31 2.33
C LEU C 351 -20.10 -1.28 2.03
N LYS C 352 -19.71 -0.04 1.74
CA LYS C 352 -20.70 0.94 1.27
C LYS C 352 -20.05 2.10 0.55
N THR C 353 -20.86 3.00 0.00
CA THR C 353 -20.31 4.16 -0.68
C THR C 353 -21.05 5.39 -0.19
N GLY C 354 -20.69 6.57 -0.70
CA GLY C 354 -21.38 7.78 -0.27
C GLY C 354 -20.81 9.02 -0.90
N LYS C 355 -21.54 10.13 -0.78
CA LYS C 355 -21.11 11.41 -1.35
C LYS C 355 -21.08 12.49 -0.27
N TYR C 356 -20.12 13.42 -0.38
CA TYR C 356 -20.14 14.64 0.42
C TYR C 356 -20.18 15.82 -0.58
N ALA C 357 -21.34 16.47 -0.65
CA ALA C 357 -21.53 17.61 -1.54
C ALA C 357 -21.53 18.99 -0.87
N ARG C 358 -21.46 19.05 0.45
CA ARG C 358 -21.77 20.27 1.19
C ARG C 358 -20.82 21.47 1.02
N MET C 359 -21.37 22.62 0.68
CA MET C 359 -20.58 23.84 0.61
C MET C 359 -20.72 24.61 1.93
N ARG C 360 -19.63 24.67 2.68
CA ARG C 360 -19.63 25.30 3.98
C ARG C 360 -18.62 26.45 4.02
N GLY C 361 -19.16 27.66 4.12
CA GLY C 361 -18.39 28.89 4.02
C GLY C 361 -18.69 29.64 2.72
N ALA C 362 -18.43 30.94 2.74
CA ALA C 362 -18.51 31.76 1.54
C ALA C 362 -17.23 31.55 0.70
N HIS C 363 -16.12 31.38 1.39
CA HIS C 363 -14.85 31.11 0.75
C HIS C 363 -14.25 29.86 1.37
N THR C 364 -13.65 29.03 0.54
CA THR C 364 -13.19 27.72 0.94
C THR C 364 -12.12 27.24 -0.04
N ASN C 365 -11.44 26.16 0.30
CA ASN C 365 -10.63 25.47 -0.70
C ASN C 365 -10.88 23.97 -0.70
N ASP C 366 -10.17 23.25 -1.57
CA ASP C 366 -10.33 21.81 -1.67
C ASP C 366 -9.80 21.06 -0.44
N VAL C 367 -8.73 21.59 0.16
CA VAL C 367 -8.13 21.01 1.35
C VAL C 367 -9.11 21.03 2.54
N LYS C 368 -9.78 22.18 2.73
CA LYS C 368 -10.80 22.31 3.75
C LYS C 368 -11.94 21.34 3.51
N GLN C 369 -12.41 21.25 2.27
CA GLN C 369 -13.53 20.37 1.97
C GLN C 369 -13.17 18.90 2.10
N LEU C 370 -11.91 18.57 1.86
CA LEU C 370 -11.47 17.20 2.02
C LEU C 370 -11.49 16.90 3.49
N THR C 371 -10.93 17.80 4.30
CA THR C 371 -10.95 17.63 5.77
C THR C 371 -12.38 17.39 6.25
N GLU C 372 -13.31 18.19 5.71
CA GLU C 372 -14.73 18.03 6.02
C GLU C 372 -15.32 16.66 5.64
N ALA C 373 -15.00 16.16 4.43
CA ALA C 373 -15.50 14.83 4.03
C ALA C 373 -14.92 13.74 4.93
N VAL C 374 -13.64 13.86 5.25
CA VAL C 374 -13.01 12.95 6.18
C VAL C 374 -13.73 12.94 7.53
N GLN C 375 -14.12 14.11 8.05
CA GLN C 375 -14.85 14.11 9.30
C GLN C 375 -16.24 13.48 9.16
N LYS C 376 -16.94 13.79 8.08
CA LYS C 376 -18.24 13.21 7.81
C LYS C 376 -18.17 11.69 7.83
N ILE C 377 -17.28 11.16 6.99
CA ILE C 377 -17.00 9.74 6.88
C ILE C 377 -16.56 9.09 8.17
N THR C 378 -15.77 9.78 8.97
CA THR C 378 -15.39 9.25 10.27
C THR C 378 -16.61 9.07 11.15
N THR C 379 -17.36 10.14 11.39
CA THR C 379 -18.57 10.01 12.20
C THR C 379 -19.51 8.90 11.72
N GLU C 380 -19.69 8.82 10.40
CA GLU C 380 -20.52 7.78 9.82
C GLU C 380 -19.98 6.39 10.17
N SER C 381 -18.67 6.25 10.01
CA SER C 381 -17.99 5.00 10.31
C SER C 381 -18.08 4.61 11.77
N ILE C 382 -17.93 5.58 12.67
CA ILE C 382 -18.02 5.26 14.08
C ILE C 382 -19.43 4.75 14.38
N VAL C 383 -20.44 5.42 13.85
CA VAL C 383 -21.80 4.90 14.05
C VAL C 383 -21.91 3.45 13.59
N ILE C 384 -21.48 3.14 12.37
CA ILE C 384 -21.70 1.78 11.83
C ILE C 384 -20.79 0.65 12.35
N TRP C 385 -19.48 0.85 12.33
CA TRP C 385 -18.54 -0.17 12.79
C TRP C 385 -17.91 0.09 14.15
N GLY C 386 -18.19 1.24 14.73
CA GLY C 386 -17.61 1.59 16.02
C GLY C 386 -16.13 1.93 15.99
N LYS C 387 -15.53 1.91 14.80
CA LYS C 387 -14.13 2.31 14.67
C LYS C 387 -13.95 3.29 13.52
N THR C 388 -12.79 3.95 13.47
CA THR C 388 -12.42 4.87 12.39
C THR C 388 -11.68 4.16 11.26
N PRO C 389 -12.06 4.43 10.00
CA PRO C 389 -11.29 3.81 8.93
C PRO C 389 -9.91 4.41 8.71
N LYS C 390 -9.05 3.63 8.07
CA LYS C 390 -7.80 4.15 7.54
C LYS C 390 -8.19 4.77 6.22
N PHE C 391 -7.63 5.94 5.94
CA PHE C 391 -8.07 6.75 4.80
C PHE C 391 -7.13 6.73 3.58
N LYS C 392 -7.69 6.67 2.38
CA LYS C 392 -6.90 6.88 1.16
C LYS C 392 -7.33 8.17 0.43
N LEU C 393 -6.44 9.17 0.39
CA LEU C 393 -6.85 10.50 -0.05
C LEU C 393 -6.08 11.01 -1.25
N PRO C 394 -6.77 11.64 -2.21
CA PRO C 394 -6.05 12.15 -3.38
C PRO C 394 -5.34 13.46 -3.07
N ILE C 395 -4.62 13.50 -1.97
CA ILE C 395 -3.80 14.65 -1.65
C ILE C 395 -2.41 14.15 -1.28
N GLN C 396 -1.42 14.79 -1.88
CA GLN C 396 -0.03 14.51 -1.64
C GLN C 396 0.27 14.85 -0.18
N LYS C 397 1.12 14.06 0.45
CA LYS C 397 1.39 14.19 1.89
C LYS C 397 2.01 15.55 2.25
N GLU C 398 2.69 16.14 1.27
CA GLU C 398 3.44 17.36 1.45
C GLU C 398 2.54 18.60 1.32
N THR C 399 1.50 18.47 0.48
CA THR C 399 0.43 19.47 0.41
C THR C 399 -0.15 19.54 1.82
N TRP C 400 -0.65 18.41 2.31
CA TRP C 400 -1.29 18.41 3.60
C TRP C 400 -0.38 18.97 4.69
N GLU C 401 0.89 18.57 4.71
CA GLU C 401 1.86 19.10 5.68
C GLU C 401 1.92 20.61 5.65
N THR C 402 2.08 21.13 4.43
CA THR C 402 2.09 22.58 4.21
C THR C 402 0.82 23.29 4.73
N TRP C 403 -0.33 22.69 4.45
CA TRP C 403 -1.59 23.29 4.86
C TRP C 403 -1.71 23.31 6.35
N TRP C 404 -1.65 22.12 6.97
CA TRP C 404 -1.97 21.99 8.38
C TRP C 404 -0.98 22.74 9.27
N THR C 405 0.30 22.67 8.94
CA THR C 405 1.26 23.45 9.72
C THR C 405 1.12 24.96 9.53
N GLU C 406 0.89 25.43 8.30
CA GLU C 406 0.74 26.89 8.10
C GLU C 406 -0.56 27.52 8.62
N TYR C 407 -1.69 26.82 8.44
CA TYR C 407 -3.01 27.35 8.74
C TYR C 407 -3.12 27.70 10.20
N TRP C 408 -3.75 28.82 10.54
CA TRP C 408 -3.78 29.28 11.93
C TRP C 408 -4.74 28.50 12.83
N GLN C 409 -5.54 27.63 12.24
CA GLN C 409 -6.48 26.85 13.02
C GLN C 409 -6.00 25.42 13.26
N ALA C 410 -6.36 24.85 14.41
CA ALA C 410 -6.08 23.44 14.70
C ALA C 410 -6.79 22.59 13.66
N THR C 411 -6.07 21.67 13.03
CA THR C 411 -6.67 20.79 12.05
C THR C 411 -5.92 19.48 11.99
N TRP C 412 -6.66 18.41 11.74
CA TRP C 412 -6.04 17.12 11.73
C TRP C 412 -6.83 16.15 10.87
N ILE C 413 -6.13 15.15 10.36
CA ILE C 413 -6.78 14.07 9.66
C ILE C 413 -6.18 12.82 10.28
N PRO C 414 -7.02 11.81 10.55
CA PRO C 414 -6.60 10.53 11.14
C PRO C 414 -5.72 9.77 10.16
N GLU C 415 -5.26 8.59 10.53
CA GLU C 415 -4.26 7.88 9.75
C GLU C 415 -4.66 7.69 8.27
N TRP C 416 -3.80 8.14 7.35
CA TRP C 416 -4.12 8.12 5.93
C TRP C 416 -2.90 7.95 5.04
N GLU C 417 -3.13 7.57 3.80
CA GLU C 417 -2.08 7.46 2.82
C GLU C 417 -2.50 8.19 1.53
N PHE C 418 -1.50 8.65 0.78
CA PHE C 418 -1.75 9.23 -0.53
C PHE C 418 -2.21 8.16 -1.52
N VAL C 419 -3.25 8.47 -2.28
CA VAL C 419 -3.64 7.69 -3.45
C VAL C 419 -3.69 8.61 -4.65
N ASN C 420 -3.17 8.13 -5.78
CA ASN C 420 -2.85 8.97 -6.92
C ASN C 420 -4.02 9.17 -7.82
N THR C 421 -5.22 8.87 -7.34
CA THR C 421 -6.41 9.14 -8.13
C THR C 421 -6.68 10.63 -8.42
N PRO C 422 -6.53 11.05 -9.69
CA PRO C 422 -6.78 12.46 -10.07
C PRO C 422 -8.26 12.78 -10.27
N PRO C 423 -8.61 14.07 -10.21
CA PRO C 423 -7.71 15.20 -9.95
C PRO C 423 -7.23 15.23 -8.50
N LEU C 424 -5.96 15.57 -8.28
CA LEU C 424 -5.44 15.66 -6.93
C LEU C 424 -5.76 17.01 -6.29
N VAL C 425 -5.96 16.95 -4.97
CA VAL C 425 -6.16 18.14 -4.16
C VAL C 425 -4.83 18.84 -3.93
N LYS C 426 -4.80 20.13 -4.26
CA LYS C 426 -3.62 20.95 -4.08
C LYS C 426 -3.97 22.34 -3.55
N LEU C 427 -2.94 23.07 -3.16
CA LEU C 427 -3.11 24.46 -2.81
C LEU C 427 -2.69 25.27 -4.03
N TRP C 428 -3.54 26.19 -4.46
CA TRP C 428 -3.37 26.80 -5.79
C TRP C 428 -2.47 28.02 -5.85
N TYR C 429 -2.18 28.60 -4.70
CA TYR C 429 -1.19 29.65 -4.60
C TYR C 429 -0.71 29.67 -3.17
N GLN C 430 0.41 30.33 -2.95
CA GLN C 430 0.97 30.44 -1.62
C GLN C 430 1.40 31.88 -1.36
N LEU C 431 1.11 32.40 -0.18
CA LEU C 431 1.58 33.73 0.18
C LEU C 431 3.00 33.67 0.75
N GLU C 432 3.86 34.55 0.25
CA GLU C 432 5.23 34.66 0.73
C GLU C 432 5.20 35.01 2.20
N LYS C 433 6.21 34.51 2.93
CA LYS C 433 6.37 34.86 4.33
C LYS C 433 7.08 36.19 4.52
N GLU C 434 7.88 36.56 3.53
CA GLU C 434 8.65 37.79 3.56
C GLU C 434 8.44 38.67 2.30
N PRO C 435 8.66 39.99 2.44
CA PRO C 435 8.60 40.93 1.32
C PRO C 435 9.50 40.48 0.21
N ILE C 436 9.09 40.76 -1.02
CA ILE C 436 9.83 40.33 -2.20
C ILE C 436 10.78 41.44 -2.60
N VAL C 437 12.07 41.16 -2.52
CA VAL C 437 13.03 42.18 -2.95
C VAL C 437 12.86 42.32 -4.43
N GLY C 438 12.77 43.57 -4.89
CA GLY C 438 12.69 43.83 -6.32
C GLY C 438 11.29 43.89 -6.89
N ALA C 439 10.28 43.52 -6.12
CA ALA C 439 8.90 43.58 -6.60
C ALA C 439 8.27 44.91 -6.20
N GLU C 440 7.40 45.42 -7.08
CA GLU C 440 6.78 46.71 -6.84
C GLU C 440 5.89 46.63 -5.59
N THR C 441 5.79 47.72 -4.85
CA THR C 441 5.01 47.68 -3.63
C THR C 441 3.75 48.52 -3.75
N PHE C 442 2.59 47.86 -3.74
CA PHE C 442 1.30 48.53 -3.90
C PHE C 442 0.59 48.78 -2.58
N TYR C 443 0.45 50.02 -2.17
CA TYR C 443 -0.43 50.34 -1.05
C TYR C 443 -1.85 50.54 -1.55
N VAL C 444 -2.77 49.68 -1.10
CA VAL C 444 -4.13 49.72 -1.59
C VAL C 444 -5.13 50.21 -0.54
N ASP C 445 -6.20 50.86 -0.98
CA ASP C 445 -7.30 51.06 -0.04
C ASP C 445 -8.57 51.27 -0.80
N GLY C 446 -9.67 51.33 -0.09
CA GLY C 446 -10.96 51.52 -0.69
C GLY C 446 -11.87 52.03 0.40
N ALA C 447 -12.89 52.76 0.00
CA ALA C 447 -13.83 53.28 0.95
C ALA C 447 -15.16 53.43 0.25
N ALA C 448 -16.24 53.27 0.99
CA ALA C 448 -17.57 53.48 0.44
C ALA C 448 -18.35 54.38 1.37
N ASN C 449 -19.45 54.93 0.87
CA ASN C 449 -20.35 55.76 1.64
C ASN C 449 -21.52 54.92 2.17
N ARG C 450 -21.70 54.91 3.48
CA ARG C 450 -22.70 54.03 4.08
C ARG C 450 -24.11 54.35 3.61
N GLU C 451 -24.32 55.61 3.23
CA GLU C 451 -25.61 56.09 2.73
C GLU C 451 -25.66 56.05 1.20
N THR C 452 -24.78 56.80 0.57
CA THR C 452 -24.65 56.82 -0.89
C THR C 452 -24.52 55.44 -1.53
N LYS C 453 -23.81 54.55 -0.84
CA LYS C 453 -23.40 53.26 -1.40
C LYS C 453 -22.45 53.42 -2.57
N LEU C 454 -21.78 54.56 -2.64
CA LEU C 454 -20.79 54.81 -3.68
C LEU C 454 -19.43 54.79 -3.02
N GLY C 455 -18.41 54.37 -3.76
CA GLY C 455 -17.08 54.31 -3.21
C GLY C 455 -15.96 54.39 -4.23
N LYS C 456 -14.72 54.29 -3.75
CA LYS C 456 -13.53 54.26 -4.60
C LYS C 456 -12.55 53.17 -4.14
N ALA C 457 -11.85 52.58 -5.09
CA ALA C 457 -10.82 51.62 -4.78
C ALA C 457 -9.55 51.99 -5.53
N GLY C 458 -8.54 52.43 -4.77
CA GLY C 458 -7.26 52.82 -5.33
C GLY C 458 -6.03 52.05 -4.91
N TYR C 459 -4.91 52.45 -5.49
CA TYR C 459 -3.58 52.09 -5.00
C TYR C 459 -2.54 53.15 -5.35
N VAL C 460 -1.45 53.16 -4.57
CA VAL C 460 -0.25 53.94 -4.89
C VAL C 460 0.96 53.00 -4.86
N THR C 461 2.02 53.27 -5.61
CA THR C 461 3.21 52.44 -5.50
C THR C 461 4.50 53.24 -5.29
N ASN C 462 5.55 52.54 -4.88
CA ASN C 462 6.85 53.14 -4.64
C ASN C 462 7.43 53.70 -5.94
N LYS C 463 6.87 53.25 -7.06
CA LYS C 463 7.39 53.57 -8.38
C LYS C 463 6.67 54.75 -8.98
N GLY C 464 5.71 55.29 -8.25
CA GLY C 464 4.96 56.46 -8.66
C GLY C 464 3.63 56.14 -9.34
N ARG C 465 3.46 54.87 -9.72
CA ARG C 465 2.22 54.39 -10.31
C ARG C 465 1.05 54.63 -9.36
N GLN C 466 -0.14 54.83 -9.91
CA GLN C 466 -1.27 55.25 -9.11
C GLN C 466 -2.55 54.83 -9.85
N LYS C 467 -3.63 54.60 -9.11
CA LYS C 467 -4.96 54.47 -9.70
C LYS C 467 -6.06 54.70 -8.68
N VAL C 468 -7.21 55.20 -9.10
CA VAL C 468 -8.37 55.23 -8.24
C VAL C 468 -9.55 54.93 -9.13
N VAL C 469 -10.50 54.11 -8.67
CA VAL C 469 -11.64 53.77 -9.51
C VAL C 469 -12.95 54.04 -8.80
N PRO C 470 -13.90 54.70 -9.48
CA PRO C 470 -15.19 54.97 -8.85
C PRO C 470 -16.05 53.73 -8.96
N LEU C 471 -16.82 53.45 -7.92
CA LEU C 471 -17.62 52.26 -7.92
C LEU C 471 -19.02 52.60 -7.50
N THR C 472 -19.96 51.87 -8.09
CA THR C 472 -21.36 52.10 -7.88
C THR C 472 -21.83 51.08 -6.89
N ASN C 473 -22.68 51.48 -5.96
CA ASN C 473 -23.49 50.49 -5.28
C ASN C 473 -22.60 49.40 -4.61
N THR C 474 -21.90 49.78 -3.55
CA THR C 474 -20.86 48.93 -2.98
C THR C 474 -20.79 49.10 -1.47
N THR C 475 -19.83 48.42 -0.85
CA THR C 475 -19.63 48.47 0.60
C THR C 475 -18.16 48.72 0.87
N ASN C 476 -17.82 49.00 2.13
CA ASN C 476 -16.42 49.17 2.50
C ASN C 476 -15.58 47.91 2.22
N GLN C 477 -16.13 46.78 2.67
CA GLN C 477 -15.49 45.49 2.48
C GLN C 477 -15.16 45.24 1.00
N LYS C 478 -16.18 45.44 0.16
CA LYS C 478 -16.04 45.20 -1.26
C LYS C 478 -14.98 46.08 -1.87
N THR C 479 -14.85 47.31 -1.36
CA THR C 479 -13.88 48.24 -1.93
C THR C 479 -12.48 47.82 -1.57
N GLU C 480 -12.31 47.27 -0.37
CA GLU C 480 -10.99 46.82 0.07
C GLU C 480 -10.53 45.62 -0.77
N LEU C 481 -11.47 44.70 -0.97
CA LEU C 481 -11.24 43.59 -1.90
C LEU C 481 -10.87 44.10 -3.29
N GLN C 482 -11.68 45.04 -3.78
CA GLN C 482 -11.50 45.65 -5.09
C GLN C 482 -10.11 46.28 -5.27
N ALA C 483 -9.70 47.09 -4.30
CA ALA C 483 -8.36 47.67 -4.29
C ALA C 483 -7.28 46.57 -4.43
N ILE C 484 -7.43 45.47 -3.70
CA ILE C 484 -6.45 44.40 -3.84
C ILE C 484 -6.47 43.85 -5.27
N TYR C 485 -7.66 43.60 -5.79
CA TYR C 485 -7.83 43.17 -7.19
C TYR C 485 -7.09 44.05 -8.19
N LEU C 486 -7.19 45.37 -8.02
CA LEU C 486 -6.50 46.29 -8.91
C LEU C 486 -5.01 46.12 -8.81
N ALA C 487 -4.51 46.18 -7.58
CA ALA C 487 -3.10 45.92 -7.30
C ALA C 487 -2.59 44.63 -7.98
N LEU C 488 -3.41 43.59 -7.95
CA LEU C 488 -3.08 42.33 -8.62
C LEU C 488 -3.06 42.49 -10.15
N GLN C 489 -4.08 43.11 -10.72
CA GLN C 489 -4.17 43.23 -12.19
C GLN C 489 -3.01 44.01 -12.80
N ASP C 490 -2.61 45.08 -12.14
CA ASP C 490 -1.69 46.07 -12.70
C ASP C 490 -0.23 45.83 -12.36
N SER C 491 0.07 44.67 -11.80
CA SER C 491 1.40 44.40 -11.27
C SER C 491 2.07 43.26 -12.03
N GLY C 492 3.38 43.14 -11.91
CA GLY C 492 4.09 42.07 -12.57
C GLY C 492 3.83 40.74 -11.92
N LEU C 493 4.62 39.72 -12.28
CA LEU C 493 4.44 38.39 -11.72
C LEU C 493 4.84 38.27 -10.25
N GLU C 494 5.50 39.30 -9.74
CA GLU C 494 5.76 39.37 -8.31
C GLU C 494 5.27 40.69 -7.77
N VAL C 495 4.56 40.66 -6.66
CA VAL C 495 4.09 41.90 -6.09
C VAL C 495 4.03 41.89 -4.53
N ASN C 496 4.31 43.05 -3.93
CA ASN C 496 3.97 43.28 -2.53
C ASN C 496 2.74 44.15 -2.49
N ILE C 497 1.74 43.72 -1.74
CA ILE C 497 0.55 44.51 -1.51
C ILE C 497 0.44 44.80 0.00
N VAL C 498 0.24 46.06 0.36
CA VAL C 498 -0.03 46.44 1.75
C VAL C 498 -1.47 46.91 1.84
N THR C 499 -2.29 46.20 2.61
CA THR C 499 -3.67 46.58 2.80
C THR C 499 -3.83 46.93 4.24
N ASN C 500 -4.81 47.74 4.56
CA ASN C 500 -5.22 47.88 5.92
C ASN C 500 -6.53 47.12 6.22
N SER C 501 -6.96 46.29 5.28
CA SER C 501 -8.21 45.55 5.49
C SER C 501 -8.01 44.20 6.15
N GLN C 502 -8.37 44.13 7.43
CA GLN C 502 -8.28 42.90 8.20
C GLN C 502 -9.18 41.87 7.54
N TYR C 503 -10.39 42.31 7.20
CA TYR C 503 -11.36 41.51 6.47
C TYR C 503 -10.80 40.85 5.21
N ALA C 504 -10.21 41.65 4.32
CA ALA C 504 -9.75 41.15 3.02
C ALA C 504 -8.58 40.21 3.21
N LEU C 505 -7.70 40.61 4.10
CA LEU C 505 -6.50 39.87 4.39
C LEU C 505 -6.82 38.49 4.98
N GLY C 506 -7.82 38.45 5.84
CA GLY C 506 -8.31 37.20 6.38
C GLY C 506 -8.88 36.31 5.30
N ILE C 507 -9.64 36.87 4.37
CA ILE C 507 -10.17 36.03 3.30
C ILE C 507 -9.07 35.38 2.47
N ILE C 508 -8.10 36.19 2.05
CA ILE C 508 -7.07 35.75 1.11
C ILE C 508 -6.06 34.83 1.76
N GLN C 509 -5.84 35.04 3.07
CA GLN C 509 -4.80 34.34 3.82
C GLN C 509 -5.06 32.85 4.04
N ALA C 510 -6.34 32.51 4.05
CA ALA C 510 -6.84 31.15 4.15
C ALA C 510 -6.84 30.42 2.81
N GLN C 511 -6.25 31.03 1.79
CA GLN C 511 -6.01 30.40 0.50
C GLN C 511 -7.22 29.76 -0.16
N PRO C 512 -8.26 30.56 -0.43
CA PRO C 512 -9.45 29.95 -1.02
C PRO C 512 -9.20 29.57 -2.48
N ASP C 513 -9.75 28.46 -2.95
CA ASP C 513 -9.79 28.23 -4.38
C ASP C 513 -11.15 28.52 -4.99
N LYS C 514 -12.14 28.82 -4.15
CA LYS C 514 -13.49 29.10 -4.64
C LYS C 514 -14.28 30.01 -3.71
N SER C 515 -15.17 30.82 -4.28
CA SER C 515 -15.92 31.80 -3.49
C SER C 515 -17.38 31.88 -3.94
N GLU C 516 -18.24 32.35 -3.06
CA GLU C 516 -19.59 32.72 -3.49
C GLU C 516 -19.57 34.13 -4.05
N SER C 517 -18.40 34.72 -4.13
CA SER C 517 -18.27 36.11 -4.51
C SER C 517 -17.44 36.21 -5.78
N GLU C 518 -18.04 36.73 -6.84
CA GLU C 518 -17.37 36.81 -8.12
C GLU C 518 -16.09 37.62 -8.00
N LEU C 519 -16.14 38.64 -7.17
CA LEU C 519 -14.98 39.49 -6.93
C LEU C 519 -13.83 38.66 -6.34
N VAL C 520 -14.15 37.86 -5.34
CA VAL C 520 -13.10 37.06 -4.73
C VAL C 520 -12.56 36.04 -5.71
N ASN C 521 -13.43 35.39 -6.48
CA ASN C 521 -13.00 34.47 -7.53
C ASN C 521 -12.03 35.11 -8.52
N GLN C 522 -12.28 36.36 -8.85
CA GLN C 522 -11.39 37.07 -9.75
C GLN C 522 -10.04 37.26 -9.07
N ILE C 523 -10.09 37.60 -7.78
CA ILE C 523 -8.87 37.80 -7.02
C ILE C 523 -8.06 36.50 -6.98
N ILE C 524 -8.74 35.41 -6.65
CA ILE C 524 -8.16 34.07 -6.67
C ILE C 524 -7.48 33.74 -8.01
N GLU C 525 -8.16 34.04 -9.11
CA GLU C 525 -7.60 33.76 -10.42
C GLU C 525 -6.31 34.57 -10.65
N GLN C 526 -6.34 35.83 -10.22
CA GLN C 526 -5.15 36.66 -10.27
C GLN C 526 -4.03 36.08 -9.43
N LEU C 527 -4.36 35.54 -8.25
CA LEU C 527 -3.33 35.04 -7.33
C LEU C 527 -2.67 33.80 -7.91
N ILE C 528 -3.49 32.96 -8.53
CA ILE C 528 -2.96 31.76 -9.17
C ILE C 528 -2.04 32.13 -10.31
N LYS C 529 -2.26 33.32 -10.88
CA LYS C 529 -1.36 33.79 -11.96
C LYS C 529 0.05 34.23 -11.53
N LYS C 530 0.20 34.75 -10.32
CA LYS C 530 1.48 35.33 -9.93
C LYS C 530 2.56 34.29 -9.61
N GLU C 531 3.82 34.68 -9.71
CA GLU C 531 4.87 33.87 -9.11
C GLU C 531 5.05 34.12 -7.61
N LYS C 532 5.01 35.38 -7.19
CA LYS C 532 5.14 35.69 -5.78
C LYS C 532 4.20 36.81 -5.31
N VAL C 533 3.45 36.56 -4.25
CA VAL C 533 2.64 37.62 -3.66
C VAL C 533 2.93 37.72 -2.17
N TYR C 534 3.47 38.86 -1.77
CA TYR C 534 3.54 39.16 -0.37
C TYR C 534 2.41 40.12 -0.03
N LEU C 535 1.57 39.74 0.91
CA LEU C 535 0.45 40.58 1.29
C LEU C 535 0.61 40.94 2.76
N ALA C 536 0.68 42.22 3.08
CA ALA C 536 0.96 42.66 4.46
C ALA C 536 -0.09 43.62 4.99
N TRP C 537 -0.31 43.62 6.30
CA TRP C 537 -1.31 44.47 6.92
C TRP C 537 -0.66 45.59 7.70
N VAL C 538 -1.28 46.77 7.69
CA VAL C 538 -0.89 47.88 8.58
C VAL C 538 -2.17 48.47 9.13
N PRO C 539 -2.09 49.19 10.24
CA PRO C 539 -3.35 49.79 10.73
C PRO C 539 -3.76 51.06 9.99
N ALA C 540 -5.06 51.28 9.86
CA ALA C 540 -5.53 52.52 9.23
C ALA C 540 -5.36 53.72 10.15
N HIS C 541 -5.13 54.89 9.56
CA HIS C 541 -5.08 56.15 10.29
C HIS C 541 -3.98 56.15 11.34
N LYS C 542 -2.90 55.44 11.03
CA LYS C 542 -1.73 55.55 11.88
C LYS C 542 -0.66 56.43 11.29
N GLY C 543 -0.96 57.04 10.16
CA GLY C 543 -0.02 57.94 9.52
C GLY C 543 1.09 57.14 8.88
N ILE C 544 0.75 55.96 8.38
CA ILE C 544 1.76 55.08 7.79
C ILE C 544 1.97 55.45 6.34
N GLY C 545 3.22 55.57 5.93
CA GLY C 545 3.52 56.34 4.75
C GLY C 545 2.68 56.07 3.51
N GLY C 546 2.63 54.86 2.98
CA GLY C 546 1.89 54.67 1.73
C GLY C 546 0.38 54.67 1.94
N ASN C 547 -0.04 53.98 2.99
CA ASN C 547 -1.44 53.85 3.39
C ASN C 547 -2.20 55.19 3.49
N GLU C 548 -1.54 56.20 4.04
CA GLU C 548 -2.13 57.51 4.24
C GLU C 548 -2.54 58.16 2.91
N GLN C 549 -1.60 58.16 1.95
CA GLN C 549 -1.78 58.69 0.59
C GLN C 549 -3.06 58.19 -0.09
N VAL C 550 -3.20 56.87 -0.11
CA VAL C 550 -4.29 56.24 -0.77
C VAL C 550 -5.59 56.25 0.07
N ASP C 551 -5.47 56.46 1.37
CA ASP C 551 -6.69 56.59 2.16
C ASP C 551 -7.35 57.89 1.78
N LYS C 552 -6.50 58.91 1.66
CA LYS C 552 -6.91 60.21 1.12
C LYS C 552 -7.58 60.00 -0.23
N LEU C 553 -6.80 59.48 -1.18
CA LEU C 553 -7.28 59.29 -2.53
C LEU C 553 -8.67 58.67 -2.54
N VAL C 554 -8.89 57.68 -1.70
CA VAL C 554 -10.16 56.95 -1.82
C VAL C 554 -11.31 57.41 -0.93
N SER C 555 -11.12 58.43 -0.10
CA SER C 555 -12.34 59.16 0.33
C SER C 555 -12.78 60.20 -0.73
N ALA C 556 -12.02 61.29 -0.84
CA ALA C 556 -12.27 62.35 -1.82
C ALA C 556 -13.74 62.46 -2.28
N PRO D 4 -29.94 4.84 52.98
CA PRO D 4 -29.72 4.72 54.43
C PRO D 4 -29.49 6.09 55.08
N ILE D 5 -28.72 6.95 54.39
CA ILE D 5 -28.43 8.33 54.83
C ILE D 5 -29.42 9.31 54.20
N GLU D 6 -29.74 10.38 54.93
CA GLU D 6 -30.68 11.39 54.44
C GLU D 6 -30.29 12.05 53.11
N THR D 7 -31.29 12.33 52.28
CA THR D 7 -31.05 12.91 50.95
C THR D 7 -31.37 14.41 50.94
N VAL D 8 -30.35 15.22 50.66
CA VAL D 8 -30.54 16.67 50.52
C VAL D 8 -31.49 16.96 49.36
N PRO D 9 -32.58 17.69 49.64
CA PRO D 9 -33.48 18.08 48.54
C PRO D 9 -32.77 19.06 47.60
N VAL D 10 -33.03 18.94 46.30
CA VAL D 10 -32.37 19.76 45.30
C VAL D 10 -33.35 20.33 44.30
N LYS D 11 -33.09 21.55 43.83
CA LYS D 11 -33.98 22.17 42.86
C LYS D 11 -33.24 22.90 41.76
N LEU D 12 -33.89 22.96 40.59
CA LEU D 12 -33.40 23.73 39.46
C LEU D 12 -33.59 25.22 39.71
N LYS D 13 -32.82 26.03 38.99
CA LYS D 13 -33.04 27.46 39.00
C LYS D 13 -34.42 27.71 38.42
N PRO D 14 -35.03 28.87 38.76
CA PRO D 14 -36.38 29.19 38.28
C PRO D 14 -36.42 29.42 36.77
N GLY D 15 -37.54 29.05 36.14
CA GLY D 15 -37.69 29.19 34.71
C GLY D 15 -36.66 28.37 33.95
N MET D 16 -36.21 27.28 34.59
CA MET D 16 -35.17 26.44 34.02
C MET D 16 -35.54 24.96 34.08
N ASP D 17 -35.31 24.26 32.98
CA ASP D 17 -35.76 22.90 32.82
C ASP D 17 -34.55 21.98 32.69
N GLY D 18 -34.76 20.69 32.94
CA GLY D 18 -33.69 19.73 32.80
C GLY D 18 -33.09 19.62 31.41
N PRO D 19 -31.88 19.06 31.33
CA PRO D 19 -31.13 18.92 30.08
C PRO D 19 -31.76 17.96 29.07
N LYS D 20 -31.97 18.38 27.83
CA LYS D 20 -32.29 17.40 26.81
C LYS D 20 -31.26 17.50 25.69
N VAL D 21 -30.31 16.58 25.71
CA VAL D 21 -29.11 16.66 24.89
C VAL D 21 -28.82 15.30 24.28
N LYS D 22 -28.84 15.21 22.95
CA LYS D 22 -28.62 13.92 22.28
C LYS D 22 -27.28 13.26 22.64
N GLN D 23 -27.28 11.93 22.70
CA GLN D 23 -26.04 11.20 22.87
C GLN D 23 -25.28 11.18 21.52
N TRP D 24 -23.97 11.44 21.59
CA TRP D 24 -23.15 11.41 20.38
C TRP D 24 -22.64 9.98 20.16
N PRO D 25 -22.38 9.63 18.89
CA PRO D 25 -21.95 8.27 18.56
C PRO D 25 -20.71 7.87 19.33
N LEU D 26 -20.63 6.62 19.79
CA LEU D 26 -19.44 6.17 20.51
C LEU D 26 -18.66 5.06 19.80
N THR D 27 -17.35 5.03 20.03
CA THR D 27 -16.49 3.97 19.49
C THR D 27 -16.85 2.65 20.14
N GLU D 28 -16.51 1.54 19.50
CA GLU D 28 -16.86 0.25 20.08
C GLU D 28 -16.21 0.02 21.43
N GLU D 29 -14.95 0.37 21.56
CA GLU D 29 -14.27 0.21 22.84
C GLU D 29 -14.91 1.03 23.96
N LYS D 30 -15.36 2.25 23.66
CA LYS D 30 -16.04 3.07 24.65
C LYS D 30 -17.44 2.54 25.01
N ILE D 31 -18.11 1.92 24.06
CA ILE D 31 -19.39 1.28 24.34
C ILE D 31 -19.22 0.00 25.18
N LYS D 32 -18.17 -0.76 24.93
CA LYS D 32 -17.94 -1.94 25.75
C LYS D 32 -17.59 -1.56 27.19
N ALA D 33 -16.71 -0.57 27.35
CA ALA D 33 -16.36 -0.08 28.69
C ALA D 33 -17.57 0.50 29.42
N LEU D 34 -18.40 1.25 28.72
CA LEU D 34 -19.60 1.79 29.34
C LEU D 34 -20.64 0.72 29.70
N VAL D 35 -20.81 -0.30 28.87
CA VAL D 35 -21.77 -1.36 29.18
C VAL D 35 -21.30 -2.16 30.39
N GLU D 36 -20.01 -2.41 30.48
CA GLU D 36 -19.45 -3.05 31.67
C GLU D 36 -19.63 -2.21 32.95
N ILE D 37 -19.10 -0.99 32.92
CA ILE D 37 -19.23 -0.07 34.04
C ILE D 37 -20.67 0.10 34.49
N CYS D 38 -21.59 0.13 33.55
CA CYS D 38 -23.00 0.37 33.84
C CYS D 38 -23.75 -0.86 34.38
N THR D 39 -23.46 -2.02 33.79
CA THR D 39 -23.93 -3.28 34.35
C THR D 39 -23.58 -3.33 35.85
N GLU D 40 -22.30 -3.14 36.16
CA GLU D 40 -21.89 -3.20 37.55
C GLU D 40 -22.38 -2.03 38.44
N MET D 41 -22.64 -0.86 37.88
CA MET D 41 -23.20 0.23 38.68
C MET D 41 -24.67 -0.01 38.97
N GLU D 42 -25.30 -0.86 38.17
CA GLU D 42 -26.68 -1.24 38.43
C GLU D 42 -26.74 -2.30 39.51
N LYS D 43 -25.83 -3.27 39.44
CA LYS D 43 -25.73 -4.28 40.49
C LYS D 43 -25.69 -3.65 41.91
N GLU D 44 -24.89 -2.61 42.09
CA GLU D 44 -24.78 -1.91 43.37
C GLU D 44 -25.85 -0.86 43.56
N GLY D 45 -26.76 -0.77 42.59
CA GLY D 45 -27.91 0.11 42.69
C GLY D 45 -27.60 1.60 42.68
N LYS D 46 -26.44 1.96 42.13
CA LYS D 46 -26.08 3.37 41.95
C LYS D 46 -26.84 4.00 40.78
N ILE D 47 -27.20 3.18 39.80
CA ILE D 47 -28.03 3.63 38.69
C ILE D 47 -29.11 2.61 38.50
N SER D 48 -30.18 3.00 37.83
CA SER D 48 -31.20 2.02 37.47
C SER D 48 -31.87 2.36 36.15
N LYS D 49 -32.24 1.31 35.42
CA LYS D 49 -32.79 1.49 34.09
C LYS D 49 -34.07 2.29 34.14
N ILE D 50 -34.40 2.92 33.03
CA ILE D 50 -35.59 3.72 32.96
C ILE D 50 -36.07 3.64 31.52
N GLY D 51 -37.05 4.46 31.18
CA GLY D 51 -37.74 4.30 29.93
C GLY D 51 -38.10 5.67 29.42
N PRO D 52 -38.63 5.71 28.20
CA PRO D 52 -38.84 6.89 27.37
C PRO D 52 -39.76 7.93 28.00
N GLU D 53 -40.51 7.53 29.04
CA GLU D 53 -41.35 8.47 29.78
C GLU D 53 -40.52 9.67 30.22
N ASN D 54 -39.33 9.40 30.76
CA ASN D 54 -38.36 10.43 31.15
C ASN D 54 -37.81 11.25 29.96
N PRO D 55 -38.17 12.53 29.89
CA PRO D 55 -37.90 13.47 28.80
C PRO D 55 -36.44 13.91 28.73
N TYR D 56 -35.68 13.61 29.78
CA TYR D 56 -34.35 14.15 29.97
C TYR D 56 -33.21 13.25 29.50
N ASN D 57 -32.18 13.86 28.91
CA ASN D 57 -30.96 13.13 28.61
C ASN D 57 -29.67 13.94 28.65
N THR D 58 -28.63 13.31 29.19
CA THR D 58 -27.29 13.86 29.18
C THR D 58 -26.33 12.89 28.44
N PRO D 59 -25.36 13.44 27.70
CA PRO D 59 -24.41 12.60 26.94
C PRO D 59 -23.42 11.94 27.88
N VAL D 60 -22.99 10.74 27.54
CA VAL D 60 -22.04 10.00 28.35
C VAL D 60 -20.92 9.45 27.47
N PHE D 61 -19.75 9.24 28.05
CA PHE D 61 -18.70 8.53 27.34
C PHE D 61 -17.66 8.00 28.31
N ALA D 62 -16.58 7.44 27.77
CA ALA D 62 -15.53 6.91 28.63
C ALA D 62 -14.16 7.51 28.33
N ILE D 63 -13.30 7.53 29.35
CA ILE D 63 -11.96 8.04 29.20
C ILE D 63 -10.96 7.18 29.95
N LYS D 64 -9.68 7.42 29.73
CA LYS D 64 -8.63 6.84 30.57
C LYS D 64 -7.72 7.98 31.00
N LYS D 65 -7.52 8.14 32.30
CA LYS D 65 -6.59 9.16 32.78
C LYS D 65 -5.15 8.77 32.38
N LYS D 66 -4.22 9.71 32.48
CA LYS D 66 -2.82 9.40 32.16
C LYS D 66 -2.36 8.13 32.88
N ASP D 67 -1.81 7.16 32.15
CA ASP D 67 -1.30 5.91 32.74
C ASP D 67 -2.39 4.91 33.13
N SER D 68 -3.65 5.34 33.13
CA SER D 68 -4.74 4.54 33.67
C SER D 68 -4.92 3.15 33.04
N THR D 69 -5.25 3.12 31.75
CA THR D 69 -5.52 1.88 30.99
C THR D 69 -6.78 1.15 31.50
N LYS D 70 -7.29 1.60 32.64
CA LYS D 70 -8.60 1.20 33.15
C LYS D 70 -9.59 2.30 32.77
N TRP D 71 -10.74 1.91 32.23
CA TRP D 71 -11.71 2.90 31.79
C TRP D 71 -12.41 3.56 32.96
N ARG D 72 -12.95 4.74 32.71
CA ARG D 72 -13.61 5.54 33.71
C ARG D 72 -14.85 6.12 33.04
N LYS D 73 -16.01 5.96 33.63
CA LYS D 73 -17.20 6.55 33.04
C LYS D 73 -17.18 8.05 33.29
N LEU D 74 -17.60 8.81 32.28
CA LEU D 74 -17.61 10.27 32.33
C LEU D 74 -18.89 10.88 31.71
N VAL D 75 -19.59 11.70 32.49
CA VAL D 75 -20.85 12.27 32.04
C VAL D 75 -20.72 13.77 31.76
N ASP D 76 -21.40 14.25 30.72
CA ASP D 76 -21.25 15.64 30.40
C ASP D 76 -22.43 16.37 30.98
N PHE D 77 -22.21 16.92 32.18
CA PHE D 77 -23.29 17.50 32.97
C PHE D 77 -23.37 19.00 32.75
N ARG D 78 -22.56 19.51 31.83
CA ARG D 78 -22.46 20.95 31.67
C ARG D 78 -23.84 21.59 31.64
N GLU D 79 -24.78 20.94 30.96
CA GLU D 79 -26.11 21.50 30.81
C GLU D 79 -26.86 21.46 32.15
N LEU D 80 -26.78 20.32 32.83
CA LEU D 80 -27.34 20.18 34.16
C LEU D 80 -26.66 21.17 35.12
N ASN D 81 -25.34 21.15 35.18
CA ASN D 81 -24.60 22.06 36.05
C ASN D 81 -24.95 23.51 35.84
N LYS D 82 -25.27 23.89 34.61
CA LYS D 82 -25.70 25.26 34.36
C LYS D 82 -27.09 25.46 34.92
N ARG D 83 -27.88 24.39 34.93
CA ARG D 83 -29.25 24.49 35.45
C ARG D 83 -29.43 24.20 36.96
N THR D 84 -28.38 23.73 37.63
CA THR D 84 -28.40 23.53 39.08
C THR D 84 -27.71 24.68 39.84
N GLN D 85 -27.14 25.62 39.09
CA GLN D 85 -26.09 26.56 39.55
C GLN D 85 -26.28 27.30 40.90
N ASP D 86 -27.43 27.95 41.08
CA ASP D 86 -27.71 28.66 42.34
C ASP D 86 -27.57 27.73 43.55
N PHE D 87 -27.93 26.46 43.36
CA PHE D 87 -27.79 25.45 44.40
C PHE D 87 -26.35 25.35 44.91
N TRP D 88 -25.40 25.14 43.99
CA TRP D 88 -23.99 24.98 44.38
C TRP D 88 -23.21 26.29 44.57
N GLU D 89 -23.87 27.43 44.28
CA GLU D 89 -23.27 28.74 44.58
C GLU D 89 -23.76 29.37 45.90
N VAL D 90 -25.03 29.78 45.93
CA VAL D 90 -25.57 30.56 47.04
C VAL D 90 -25.69 29.77 48.35
N GLN D 91 -25.66 28.44 48.28
CA GLN D 91 -25.85 27.64 49.50
C GLN D 91 -24.70 26.68 49.87
N LEU D 92 -24.54 25.59 49.14
CA LEU D 92 -23.63 24.50 49.54
C LEU D 92 -22.19 24.53 48.96
N GLY D 93 -21.84 25.61 48.24
CA GLY D 93 -20.55 25.71 47.58
C GLY D 93 -19.31 25.78 48.48
N ILE D 94 -18.15 25.96 47.85
CA ILE D 94 -16.85 25.93 48.54
C ILE D 94 -16.09 27.26 48.43
N PRO D 95 -15.36 27.64 49.50
CA PRO D 95 -14.47 28.83 49.51
C PRO D 95 -13.14 28.60 48.78
N HIS D 96 -12.47 29.67 48.33
CA HIS D 96 -11.19 29.49 47.64
C HIS D 96 -9.91 29.89 48.40
N PRO D 97 -9.02 28.90 48.62
CA PRO D 97 -7.70 28.98 49.25
C PRO D 97 -6.72 29.76 48.41
N ALA D 98 -6.74 31.07 48.52
CA ALA D 98 -5.81 31.91 47.79
C ALA D 98 -4.36 31.42 47.92
N GLY D 99 -4.07 30.64 48.96
CA GLY D 99 -2.73 30.14 49.16
C GLY D 99 -2.36 28.90 48.38
N LEU D 100 -3.34 28.26 47.75
CA LEU D 100 -3.11 26.98 47.07
C LEU D 100 -2.16 27.12 45.86
N LYS D 101 -2.33 28.22 45.12
CA LYS D 101 -1.46 28.56 44.01
C LYS D 101 -0.03 28.82 44.45
N LYS D 102 0.17 29.14 45.73
CA LYS D 102 1.47 29.55 46.27
C LYS D 102 2.28 28.37 46.76
N LYS D 103 1.65 27.20 46.85
CA LYS D 103 2.29 26.04 47.44
C LYS D 103 3.26 25.38 46.47
N LYS D 104 4.41 24.98 46.96
CA LYS D 104 5.47 24.46 46.10
C LYS D 104 5.09 23.17 45.36
N SER D 105 4.14 22.40 45.90
CA SER D 105 3.62 21.25 45.17
C SER D 105 2.14 20.97 45.44
N VAL D 106 1.41 20.58 44.40
CA VAL D 106 -0.02 20.31 44.54
C VAL D 106 -0.39 19.01 43.85
N THR D 107 -0.96 18.04 44.57
CA THR D 107 -1.37 16.81 43.92
C THR D 107 -2.89 16.74 43.72
N VAL D 108 -3.32 16.07 42.66
CA VAL D 108 -4.76 15.95 42.39
C VAL D 108 -5.17 14.49 42.51
N LEU D 109 -6.16 14.25 43.35
CA LEU D 109 -6.66 12.90 43.62
C LEU D 109 -8.13 12.74 43.28
N ASP D 110 -8.52 11.56 42.83
CA ASP D 110 -9.90 11.35 42.44
C ASP D 110 -10.68 10.83 43.66
N VAL D 111 -11.49 11.71 44.24
CA VAL D 111 -12.32 11.37 45.38
C VAL D 111 -13.71 11.01 44.92
N GLY D 112 -13.88 10.91 43.61
CA GLY D 112 -15.19 10.73 43.00
C GLY D 112 -16.02 9.62 43.62
N ASP D 113 -15.36 8.51 43.96
CA ASP D 113 -16.06 7.34 44.47
C ASP D 113 -16.88 7.58 45.75
N ALA D 114 -16.38 8.45 46.62
CA ALA D 114 -17.11 8.86 47.81
C ALA D 114 -18.52 9.34 47.48
N TYR D 115 -18.66 10.05 46.38
CA TYR D 115 -19.97 10.57 45.97
C TYR D 115 -21.01 9.45 45.86
N PHE D 116 -20.56 8.24 45.51
CA PHE D 116 -21.42 7.08 45.37
C PHE D 116 -22.03 6.59 46.70
N SER D 117 -21.31 6.82 47.81
CA SER D 117 -21.80 6.57 49.16
C SER D 117 -23.16 7.21 49.41
N VAL D 118 -23.19 8.54 49.39
CA VAL D 118 -24.43 9.28 49.62
C VAL D 118 -25.50 8.97 48.58
N PRO D 119 -26.78 8.96 49.01
CA PRO D 119 -27.92 8.84 48.11
C PRO D 119 -28.37 10.20 47.57
N LEU D 120 -29.33 10.17 46.65
CA LEU D 120 -29.73 11.39 45.96
C LEU D 120 -31.21 11.59 46.06
N ASP D 121 -31.63 12.86 46.09
CA ASP D 121 -33.03 13.20 46.21
C ASP D 121 -33.88 12.46 45.16
N GLU D 122 -34.92 11.78 45.61
CA GLU D 122 -35.78 11.01 44.71
C GLU D 122 -36.37 11.88 43.61
N ASP D 123 -36.66 13.13 43.93
CA ASP D 123 -37.29 14.03 42.98
C ASP D 123 -36.31 14.47 41.91
N PHE D 124 -35.02 14.40 42.22
CA PHE D 124 -33.97 14.86 41.32
C PHE D 124 -33.53 13.89 40.20
N ARG D 125 -33.65 12.59 40.47
CA ARG D 125 -33.09 11.57 39.59
C ARG D 125 -33.58 11.60 38.13
N LYS D 126 -34.75 12.19 37.91
CA LYS D 126 -35.28 12.30 36.56
C LYS D 126 -34.33 13.09 35.67
N TYR D 127 -33.47 13.90 36.30
CA TYR D 127 -32.56 14.79 35.58
C TYR D 127 -31.18 14.22 35.30
N THR D 128 -30.85 13.06 35.87
CA THR D 128 -29.55 12.45 35.62
C THR D 128 -29.60 11.46 34.46
N ALA D 129 -30.73 11.46 33.74
CA ALA D 129 -30.98 10.50 32.66
C ALA D 129 -29.88 10.49 31.61
N PHE D 130 -29.45 9.29 31.25
CA PHE D 130 -28.46 9.11 30.20
C PHE D 130 -28.66 7.85 29.35
N THR D 131 -28.52 7.98 28.03
CA THR D 131 -28.68 6.85 27.13
C THR D 131 -27.35 6.22 26.70
N ILE D 132 -27.31 4.90 26.66
CA ILE D 132 -26.15 4.20 26.11
C ILE D 132 -26.51 3.73 24.73
N PRO D 133 -25.73 4.17 23.72
CA PRO D 133 -25.94 3.96 22.29
C PRO D 133 -25.46 2.58 21.86
N SER D 134 -25.95 2.06 20.74
CA SER D 134 -25.44 0.76 20.31
C SER D 134 -24.78 0.81 18.93
N ILE D 135 -23.75 -0.01 18.77
CA ILE D 135 -23.06 -0.09 17.51
C ILE D 135 -24.03 -0.49 16.39
N ASN D 136 -23.98 0.28 15.32
CA ASN D 136 -24.84 0.12 14.15
C ASN D 136 -26.34 0.16 14.46
N ASN D 137 -26.70 0.76 15.59
CA ASN D 137 -28.10 0.81 16.00
C ASN D 137 -28.77 -0.55 16.04
N GLU D 138 -28.04 -1.52 16.57
CA GLU D 138 -28.53 -2.88 16.75
C GLU D 138 -29.73 -2.83 17.71
N THR D 139 -29.56 -2.11 18.80
CA THR D 139 -30.54 -1.97 19.86
C THR D 139 -30.97 -0.52 19.95
N PRO D 140 -32.17 -0.27 20.52
CA PRO D 140 -32.47 1.11 20.90
C PRO D 140 -31.51 1.58 22.00
N GLY D 141 -31.63 2.84 22.39
CA GLY D 141 -30.79 3.36 23.45
C GLY D 141 -31.18 2.74 24.78
N ILE D 142 -30.19 2.28 25.54
CA ILE D 142 -30.45 1.73 26.86
C ILE D 142 -30.33 2.84 27.91
N ARG D 143 -31.44 3.27 28.46
CA ARG D 143 -31.45 4.42 29.37
C ARG D 143 -31.23 4.05 30.82
N TYR D 144 -30.51 4.89 31.54
CA TYR D 144 -30.39 4.74 33.00
C TYR D 144 -30.71 6.07 33.68
N GLN D 145 -30.71 6.06 35.01
CA GLN D 145 -30.65 7.30 35.79
C GLN D 145 -29.96 7.02 37.11
N TYR D 146 -29.53 8.09 37.77
CA TYR D 146 -28.69 7.97 38.97
C TYR D 146 -29.48 7.85 40.29
N ASN D 147 -29.14 6.82 41.08
CA ASN D 147 -29.71 6.64 42.42
C ASN D 147 -28.85 7.25 43.54
N VAL D 148 -27.63 7.63 43.20
CA VAL D 148 -26.68 8.18 44.15
C VAL D 148 -26.20 9.54 43.64
N LEU D 149 -25.19 10.11 44.28
CA LEU D 149 -24.56 11.33 43.81
C LEU D 149 -23.67 11.00 42.62
N PRO D 150 -23.94 11.62 41.46
CA PRO D 150 -23.23 11.35 40.22
C PRO D 150 -21.85 12.00 40.18
N GLN D 151 -20.89 11.34 39.54
CA GLN D 151 -19.62 12.00 39.26
C GLN D 151 -19.82 13.12 38.22
N GLY D 152 -19.16 14.25 38.43
CA GLY D 152 -19.20 15.30 37.44
C GLY D 152 -20.38 16.24 37.54
N TRP D 153 -21.32 15.93 38.42
CA TRP D 153 -22.37 16.90 38.75
C TRP D 153 -21.77 17.89 39.74
N LYS D 154 -22.25 19.13 39.72
CA LYS D 154 -21.68 20.15 40.61
C LYS D 154 -22.39 20.23 41.95
N GLY D 155 -23.51 19.53 42.06
CA GLY D 155 -24.22 19.40 43.31
C GLY D 155 -23.58 18.32 44.16
N SER D 156 -22.95 17.35 43.52
CA SER D 156 -22.31 16.26 44.24
C SER D 156 -21.30 16.73 45.26
N PRO D 157 -20.31 17.53 44.84
CA PRO D 157 -19.29 17.91 45.83
C PRO D 157 -19.80 18.85 46.93
N ALA D 158 -20.90 19.57 46.69
CA ALA D 158 -21.45 20.49 47.69
C ALA D 158 -22.21 19.73 48.76
N ILE D 159 -23.06 18.82 48.30
CA ILE D 159 -23.88 17.98 49.16
C ILE D 159 -23.04 17.06 50.05
N PHE D 160 -21.93 16.57 49.52
CA PHE D 160 -21.07 15.64 50.23
C PHE D 160 -19.96 16.38 50.95
N GLN D 161 -20.04 17.72 50.94
CA GLN D 161 -19.00 18.52 51.58
C GLN D 161 -18.98 18.38 53.09
N SER D 162 -20.15 18.23 53.72
CA SER D 162 -20.21 17.99 55.15
C SER D 162 -19.46 16.70 55.48
N SER D 163 -19.84 15.63 54.81
CA SER D 163 -19.17 14.35 54.98
C SER D 163 -17.67 14.49 54.70
N MET D 164 -17.32 15.30 53.70
CA MET D 164 -15.92 15.46 53.32
C MET D 164 -15.12 16.16 54.41
N THR D 165 -15.56 17.37 54.76
CA THR D 165 -14.85 18.20 55.71
C THR D 165 -14.71 17.46 57.02
N LYS D 166 -15.73 16.67 57.37
CA LYS D 166 -15.64 15.76 58.51
C LYS D 166 -14.54 14.70 58.36
N ILE D 167 -14.60 13.92 57.27
CA ILE D 167 -13.54 12.94 56.98
C ILE D 167 -12.13 13.57 56.94
N LEU D 168 -12.08 14.87 56.70
CA LEU D 168 -10.83 15.63 56.53
C LEU D 168 -10.22 16.15 57.83
N GLU D 169 -10.97 16.98 58.56
CA GLU D 169 -10.45 17.73 59.72
C GLU D 169 -9.50 16.95 60.65
N PRO D 170 -9.77 15.66 60.91
CA PRO D 170 -8.71 14.87 61.57
C PRO D 170 -7.33 15.01 60.90
N PHE D 171 -7.28 14.98 59.57
CA PHE D 171 -6.03 15.14 58.81
C PHE D 171 -5.60 16.60 58.64
N LYS D 172 -6.56 17.48 58.45
CA LYS D 172 -6.29 18.92 58.34
C LYS D 172 -5.64 19.47 59.61
N LYS D 173 -6.09 18.96 60.76
CA LYS D 173 -5.57 19.42 62.06
C LYS D 173 -4.23 18.79 62.44
N GLN D 174 -3.89 17.65 61.83
CA GLN D 174 -2.59 17.01 62.05
C GLN D 174 -1.47 17.61 61.17
N ASN D 175 -1.86 18.29 60.09
CA ASN D 175 -0.94 19.02 59.23
C ASN D 175 -1.56 20.35 58.85
N PRO D 176 -1.66 21.27 59.82
CA PRO D 176 -2.42 22.52 59.65
C PRO D 176 -1.83 23.42 58.55
N ASP D 177 -0.60 23.11 58.12
CA ASP D 177 0.07 23.88 57.07
C ASP D 177 -0.11 23.32 55.64
N ILE D 178 -0.69 22.13 55.52
CA ILE D 178 -1.05 21.55 54.22
C ILE D 178 -2.42 22.07 53.79
N VAL D 179 -2.47 22.71 52.64
CA VAL D 179 -3.72 23.30 52.15
C VAL D 179 -4.47 22.32 51.28
N ILE D 180 -5.79 22.34 51.43
CA ILE D 180 -6.67 21.40 50.73
C ILE D 180 -7.83 22.11 50.06
N TYR D 181 -8.11 21.69 48.83
CA TYR D 181 -9.17 22.25 48.03
C TYR D 181 -9.97 21.17 47.29
N GLN D 182 -11.26 21.41 47.11
CA GLN D 182 -12.11 20.45 46.41
C GLN D 182 -12.77 21.09 45.20
N TYR D 183 -12.47 20.56 44.01
CA TYR D 183 -13.21 20.94 42.82
C TYR D 183 -13.84 19.71 42.22
N MET D 184 -15.15 19.63 42.30
CA MET D 184 -15.87 18.45 41.82
C MET D 184 -15.20 17.13 42.19
N ASP D 185 -15.03 16.21 41.25
CA ASP D 185 -14.51 14.89 41.60
C ASP D 185 -13.10 14.90 42.14
N ASP D 186 -12.46 16.07 42.13
CA ASP D 186 -11.05 16.17 42.46
C ASP D 186 -10.73 16.83 43.81
N LEU D 187 -9.65 16.33 44.42
CA LEU D 187 -9.10 16.92 45.63
C LEU D 187 -7.70 17.43 45.28
N TYR D 188 -7.52 18.74 45.42
CA TYR D 188 -6.23 19.42 45.19
C TYR D 188 -5.54 19.60 46.54
N VAL D 189 -4.39 18.97 46.71
CA VAL D 189 -3.67 18.93 47.98
C VAL D 189 -2.28 19.55 47.88
N GLY D 190 -2.11 20.74 48.43
CA GLY D 190 -0.83 21.42 48.37
C GLY D 190 0.01 21.42 49.62
N SER D 191 1.32 21.56 49.43
CA SER D 191 2.29 21.60 50.52
C SER D 191 3.58 22.28 50.08
N ASP D 192 4.33 22.79 51.04
CA ASP D 192 5.67 23.30 50.79
C ASP D 192 6.72 22.24 51.11
N LEU D 193 6.25 21.05 51.43
CA LEU D 193 7.12 19.93 51.77
C LEU D 193 7.98 19.54 50.57
N GLU D 194 9.06 18.81 50.84
CA GLU D 194 9.91 18.26 49.81
C GLU D 194 9.18 17.12 49.08
N ILE D 195 9.62 16.81 47.85
CA ILE D 195 8.92 15.87 46.98
C ILE D 195 8.56 14.50 47.61
N GLY D 196 9.56 13.81 48.18
CA GLY D 196 9.32 12.53 48.83
C GLY D 196 8.44 12.61 50.07
N GLN D 197 8.72 13.60 50.92
CA GLN D 197 7.90 13.88 52.10
C GLN D 197 6.46 14.20 51.69
N HIS D 198 6.33 15.02 50.62
CA HIS D 198 5.04 15.38 50.04
C HIS D 198 4.24 14.17 49.55
N ARG D 199 4.84 13.40 48.65
CA ARG D 199 4.21 12.19 48.14
C ARG D 199 3.77 11.27 49.29
N THR D 200 4.58 11.23 50.35
CA THR D 200 4.24 10.44 51.54
C THR D 200 3.03 10.98 52.32
N LYS D 201 2.97 12.29 52.57
CA LYS D 201 1.79 12.89 53.20
C LYS D 201 0.51 12.66 52.38
N ILE D 202 0.69 12.57 51.06
CA ILE D 202 -0.43 12.22 50.17
C ILE D 202 -0.83 10.76 50.34
N GLU D 203 0.16 9.89 50.54
CA GLU D 203 -0.10 8.51 50.93
C GLU D 203 -0.89 8.43 52.26
N GLU D 204 -0.53 9.28 53.21
CA GLU D 204 -1.23 9.36 54.49
C GLU D 204 -2.68 9.83 54.34
N LEU D 205 -2.92 10.87 53.55
CA LEU D 205 -4.30 11.33 53.30
C LEU D 205 -5.06 10.35 52.42
N ARG D 206 -4.32 9.51 51.70
CA ARG D 206 -4.89 8.47 50.86
C ARG D 206 -5.46 7.37 51.77
N GLN D 207 -4.59 6.74 52.57
CA GLN D 207 -5.01 5.74 53.57
C GLN D 207 -6.06 6.29 54.53
N HIS D 208 -5.80 7.48 55.05
CA HIS D 208 -6.74 8.16 55.93
C HIS D 208 -8.12 8.29 55.26
N LEU D 209 -8.13 8.57 53.96
CA LEU D 209 -9.38 8.52 53.19
C LEU D 209 -9.94 7.10 53.09
N LEU D 210 -9.05 6.11 53.14
CA LEU D 210 -9.43 4.70 53.01
C LEU D 210 -10.18 4.13 54.23
N ARG D 211 -9.70 4.45 55.44
CA ARG D 211 -10.36 3.94 56.65
C ARG D 211 -11.69 4.66 56.98
N TRP D 212 -11.95 5.76 56.27
CA TRP D 212 -13.23 6.48 56.34
C TRP D 212 -14.22 6.02 55.25
N GLY D 213 -13.84 4.96 54.54
CA GLY D 213 -14.66 4.39 53.48
C GLY D 213 -14.63 5.12 52.14
N LEU D 214 -13.42 5.44 51.67
CA LEU D 214 -13.24 6.13 50.39
C LEU D 214 -12.02 5.62 49.58
N THR D 215 -12.24 5.29 48.31
CA THR D 215 -11.19 4.78 47.40
C THR D 215 -10.57 5.86 46.48
N THR D 216 -9.25 5.79 46.28
CA THR D 216 -8.50 6.83 45.58
C THR D 216 -7.58 6.35 44.43
N PRO D 217 -8.07 6.37 43.18
CA PRO D 217 -7.23 6.05 42.01
C PRO D 217 -6.30 7.19 41.56
N GLY D 231 -1.34 10.82 42.10
CA GLY D 231 -0.87 10.71 40.74
C GLY D 231 -0.38 12.01 40.10
N TYR D 232 -1.32 12.91 39.80
CA TYR D 232 -1.01 14.17 39.11
C TYR D 232 -0.36 15.21 40.04
N GLU D 233 0.83 15.68 39.67
CA GLU D 233 1.54 16.71 40.44
C GLU D 233 1.74 18.03 39.69
N LEU D 234 1.19 19.13 40.22
CA LEU D 234 1.44 20.44 39.66
C LEU D 234 2.39 21.23 40.57
N HIS D 235 2.85 22.38 40.09
CA HIS D 235 3.85 23.18 40.80
C HIS D 235 3.67 24.69 40.59
N PRO D 236 2.57 25.24 41.11
CA PRO D 236 2.02 26.59 40.94
C PRO D 236 2.96 27.77 41.17
N ASP D 237 4.05 27.61 41.90
CA ASP D 237 5.03 28.69 41.99
C ASP D 237 5.90 28.73 40.72
N LYS D 238 6.19 27.55 40.17
CA LYS D 238 6.91 27.44 38.91
C LYS D 238 6.24 28.28 37.82
N TRP D 239 4.90 28.23 37.80
CA TRP D 239 4.07 28.89 36.80
C TRP D 239 4.38 30.38 36.64
N THR D 240 4.64 30.82 35.41
CA THR D 240 4.92 32.23 35.13
C THR D 240 4.06 32.80 33.99
N VAL D 241 4.33 34.04 33.62
CA VAL D 241 3.56 34.68 32.57
C VAL D 241 4.36 34.93 31.30
N GLN D 242 3.67 35.48 30.30
CA GLN D 242 4.17 35.59 28.95
C GLN D 242 4.11 37.07 28.50
N PRO D 243 5.21 37.82 28.68
CA PRO D 243 5.10 39.24 28.35
C PRO D 243 5.00 39.48 26.83
N ILE D 244 4.38 40.60 26.45
CA ILE D 244 4.45 41.04 25.06
C ILE D 244 5.88 41.51 24.90
N VAL D 245 6.53 41.09 23.82
CA VAL D 245 7.94 41.38 23.66
C VAL D 245 8.28 41.81 22.25
N LEU D 246 9.05 42.89 22.17
CA LEU D 246 9.40 43.51 20.91
C LEU D 246 10.72 42.98 20.43
N PRO D 247 10.79 42.62 19.15
CA PRO D 247 12.03 42.06 18.61
C PRO D 247 13.13 43.08 18.68
N GLU D 248 14.32 42.67 18.30
CA GLU D 248 15.39 43.63 18.22
C GLU D 248 16.13 43.33 16.95
N LYS D 249 16.05 44.25 16.00
CA LYS D 249 16.66 43.99 14.73
C LYS D 249 17.91 44.84 14.70
N ASP D 250 18.95 44.33 14.05
CA ASP D 250 20.11 45.15 13.87
C ASP D 250 19.85 46.20 12.82
N SER D 251 19.23 45.79 11.71
CA SER D 251 18.79 46.73 10.69
C SER D 251 17.27 46.58 10.44
N TRP D 252 16.61 47.64 10.03
CA TRP D 252 15.15 47.58 9.87
C TRP D 252 14.62 47.90 8.47
N THR D 253 13.97 46.94 7.80
CA THR D 253 13.27 47.20 6.54
C THR D 253 11.98 47.93 6.83
N VAL D 254 11.39 48.54 5.79
CA VAL D 254 10.11 49.22 5.93
C VAL D 254 9.09 48.26 6.52
N ASN D 255 9.11 47.04 5.97
CA ASN D 255 8.23 45.97 6.37
C ASN D 255 8.33 45.70 7.87
N ASP D 256 9.56 45.61 8.35
CA ASP D 256 9.84 45.48 9.78
C ASP D 256 9.15 46.54 10.63
N ILE D 257 9.31 47.80 10.29
CA ILE D 257 8.71 48.88 11.05
C ILE D 257 7.20 48.91 10.95
N GLN D 258 6.70 48.42 9.83
CA GLN D 258 5.25 48.34 9.66
C GLN D 258 4.66 47.30 10.59
N LYS D 259 5.26 46.10 10.57
CA LYS D 259 4.88 45.06 11.53
C LYS D 259 4.98 45.60 12.96
N LEU D 260 6.07 46.31 13.26
CA LEU D 260 6.33 46.80 14.60
C LEU D 260 5.30 47.83 15.07
N VAL D 261 4.93 48.75 14.18
CA VAL D 261 3.90 49.74 14.47
C VAL D 261 2.55 49.07 14.65
N GLY D 262 2.30 48.02 13.88
CA GLY D 262 1.03 47.32 13.96
C GLY D 262 0.87 46.64 15.29
N LYS D 263 1.93 45.93 15.69
CA LYS D 263 2.05 45.28 17.00
C LYS D 263 1.89 46.27 18.14
N LEU D 264 2.80 47.24 18.20
CA LEU D 264 2.75 48.33 19.18
C LEU D 264 1.38 48.98 19.27
N ASN D 265 0.76 49.21 18.12
CA ASN D 265 -0.57 49.80 18.10
C ASN D 265 -1.55 48.89 18.82
N TRP D 266 -1.46 47.59 18.55
CA TRP D 266 -2.40 46.65 19.19
C TRP D 266 -2.15 46.58 20.70
N ALA D 267 -0.88 46.49 21.06
CA ALA D 267 -0.47 46.51 22.44
C ALA D 267 -0.96 47.76 23.17
N SER D 268 -1.18 48.85 22.46
CA SER D 268 -1.66 50.05 23.14
C SER D 268 -3.08 49.89 23.69
N GLN D 269 -3.77 48.85 23.22
CA GLN D 269 -5.11 48.53 23.73
C GLN D 269 -4.98 48.00 25.14
N ILE D 270 -3.75 47.66 25.50
CA ILE D 270 -3.43 47.08 26.79
C ILE D 270 -2.66 48.07 27.66
N TYR D 271 -1.49 48.47 27.20
CA TYR D 271 -0.73 49.52 27.85
C TYR D 271 -0.96 50.82 27.07
N PRO D 272 -1.78 51.72 27.60
CA PRO D 272 -2.17 52.93 26.84
C PRO D 272 -0.99 53.89 26.62
N GLY D 273 0.09 53.68 27.36
CA GLY D 273 1.24 54.55 27.26
C GLY D 273 2.11 54.36 26.03
N ILE D 274 1.78 53.38 25.21
CA ILE D 274 2.52 53.09 23.99
C ILE D 274 2.32 54.19 22.94
N LYS D 275 3.41 54.59 22.29
CA LYS D 275 3.34 55.60 21.25
C LYS D 275 4.01 55.09 19.98
N VAL D 276 3.32 55.25 18.86
CA VAL D 276 3.89 54.93 17.56
C VAL D 276 4.37 56.13 16.72
N ARG D 277 4.15 57.35 17.21
CA ARG D 277 4.35 58.57 16.41
C ARG D 277 5.68 58.65 15.64
N GLN D 278 6.77 58.66 16.39
CA GLN D 278 8.11 58.76 15.83
C GLN D 278 8.53 57.56 15.00
N LEU D 279 7.93 56.40 15.26
CA LEU D 279 8.25 55.22 14.49
C LEU D 279 7.53 55.29 13.16
N SER D 280 6.33 55.87 13.17
CA SER D 280 5.56 56.16 11.97
C SER D 280 6.23 57.18 11.06
N LYS D 281 6.69 58.28 11.64
CA LYS D 281 7.38 59.28 10.86
C LYS D 281 8.46 58.64 9.99
N LEU D 282 8.96 57.49 10.42
CA LEU D 282 9.98 56.80 9.65
C LEU D 282 9.47 56.28 8.32
N LEU D 283 8.16 56.08 8.23
CA LEU D 283 7.54 55.45 7.05
C LEU D 283 6.98 56.43 6.00
N ARG D 284 7.18 57.73 6.20
CA ARG D 284 6.39 58.79 5.58
C ARG D 284 6.12 58.75 4.06
N GLY D 285 7.11 58.35 3.27
CA GLY D 285 6.95 58.40 1.81
C GLY D 285 6.02 57.32 1.31
N THR D 286 6.17 56.93 0.05
CA THR D 286 5.57 55.68 -0.42
C THR D 286 6.73 54.78 -0.78
N LYS D 287 7.05 53.81 0.09
CA LYS D 287 8.36 53.16 0.05
C LYS D 287 8.31 51.65 -0.23
N ALA D 288 9.38 51.12 -0.81
CA ALA D 288 9.45 49.67 -0.94
C ALA D 288 9.69 48.95 0.42
N LEU D 289 9.03 47.82 0.61
CA LEU D 289 9.09 47.10 1.85
C LEU D 289 10.48 46.58 2.20
N THR D 290 11.27 46.22 1.20
CA THR D 290 12.60 45.68 1.49
C THR D 290 13.65 46.77 1.73
N GLU D 291 13.28 48.04 1.56
CA GLU D 291 14.20 49.16 1.78
C GLU D 291 14.60 49.33 3.25
N VAL D 292 15.91 49.42 3.48
CA VAL D 292 16.42 49.62 4.83
C VAL D 292 16.24 51.06 5.32
N ILE D 293 15.74 51.20 6.53
CA ILE D 293 15.43 52.47 7.17
C ILE D 293 16.24 52.69 8.46
N PRO D 294 17.12 53.70 8.49
CA PRO D 294 17.72 54.13 9.75
C PRO D 294 16.68 54.55 10.76
N LEU D 295 16.89 54.19 12.03
CA LEU D 295 16.02 54.70 13.08
C LEU D 295 16.52 56.07 13.45
N THR D 296 15.62 57.03 13.60
CA THR D 296 15.98 58.33 14.16
C THR D 296 16.10 58.25 15.69
N GLU D 297 16.78 59.21 16.29
CA GLU D 297 16.85 59.24 17.75
C GLU D 297 15.50 59.38 18.41
N GLU D 298 14.60 60.10 17.78
CA GLU D 298 13.26 60.30 18.31
C GLU D 298 12.53 58.96 18.35
N ALA D 299 12.81 58.13 17.34
CA ALA D 299 12.26 56.77 17.25
C ALA D 299 12.90 55.83 18.26
N GLU D 300 14.21 55.93 18.39
CA GLU D 300 14.96 55.16 19.37
C GLU D 300 14.38 55.36 20.77
N LEU D 301 14.11 56.63 21.11
CA LEU D 301 13.61 56.96 22.44
C LEU D 301 12.19 56.46 22.59
N GLU D 302 11.39 56.60 21.55
CA GLU D 302 10.05 56.02 21.61
C GLU D 302 10.06 54.52 21.85
N LEU D 303 10.96 53.84 21.16
CA LEU D 303 11.01 52.41 21.20
C LEU D 303 11.48 51.98 22.60
N ALA D 304 12.48 52.66 23.16
CA ALA D 304 12.94 52.39 24.53
C ALA D 304 11.80 52.57 25.51
N GLU D 305 11.22 53.77 25.53
CA GLU D 305 10.11 54.03 26.41
C GLU D 305 9.04 52.96 26.30
N ASN D 306 8.82 52.46 25.09
CA ASN D 306 7.86 51.38 24.86
C ASN D 306 8.24 50.03 25.49
N ARG D 307 9.45 49.58 25.18
CA ARG D 307 9.99 48.33 25.68
C ARG D 307 9.88 48.32 27.19
N GLU D 308 10.11 49.51 27.72
CA GLU D 308 10.04 49.73 29.16
C GLU D 308 8.61 49.58 29.65
N ILE D 309 7.65 50.22 29.00
CA ILE D 309 6.27 50.07 29.42
C ILE D 309 5.86 48.59 29.39
N LEU D 310 6.38 47.84 28.44
CA LEU D 310 6.05 46.42 28.30
C LEU D 310 6.71 45.58 29.39
N LYS D 311 7.79 46.09 29.98
CA LYS D 311 8.38 45.45 31.17
C LYS D 311 7.40 45.45 32.35
N GLU D 312 6.55 46.47 32.43
CA GLU D 312 5.66 46.66 33.57
C GLU D 312 4.42 45.77 33.57
N PRO D 313 3.71 45.75 34.70
CA PRO D 313 2.41 45.09 34.80
C PRO D 313 1.30 45.97 34.25
N VAL D 314 0.19 45.37 33.84
CA VAL D 314 -0.98 46.10 33.39
C VAL D 314 -1.68 46.79 34.57
N HIS D 315 -2.25 47.97 34.32
CA HIS D 315 -2.88 48.77 35.36
C HIS D 315 -4.27 48.26 35.74
N GLY D 316 -4.46 48.01 37.04
CA GLY D 316 -5.77 47.75 37.59
C GLY D 316 -6.48 46.54 37.03
N VAL D 317 -5.74 45.45 36.87
CA VAL D 317 -6.37 44.17 36.60
C VAL D 317 -6.50 43.45 37.92
N TYR D 318 -7.73 43.17 38.34
CA TYR D 318 -7.97 42.38 39.54
C TYR D 318 -9.10 41.39 39.30
N TYR D 319 -8.98 40.18 39.88
CA TYR D 319 -9.99 39.14 39.70
C TYR D 319 -11.31 39.45 40.41
N ASP D 320 -12.43 39.30 39.72
CA ASP D 320 -13.75 39.51 40.31
C ASP D 320 -14.53 38.19 40.34
N PRO D 321 -14.71 37.58 41.53
CA PRO D 321 -15.28 36.22 41.62
C PRO D 321 -16.69 36.14 41.09
N SER D 322 -17.32 37.29 40.87
CA SER D 322 -18.68 37.37 40.35
C SER D 322 -18.75 37.07 38.85
N LYS D 323 -17.74 37.54 38.11
CA LYS D 323 -17.62 37.37 36.66
C LYS D 323 -17.02 36.03 36.20
N ASP D 324 -17.30 35.64 34.96
CA ASP D 324 -16.73 34.42 34.35
C ASP D 324 -15.31 34.63 33.84
N LEU D 325 -14.49 33.59 33.92
CA LEU D 325 -13.22 33.60 33.22
C LEU D 325 -13.38 33.26 31.73
N ILE D 326 -12.69 34.01 30.88
CA ILE D 326 -12.62 33.69 29.47
C ILE D 326 -11.18 33.33 29.13
N ALA D 327 -11.01 32.19 28.49
CA ALA D 327 -9.72 31.74 27.98
C ALA D 327 -9.63 31.80 26.43
N GLU D 328 -8.62 32.49 25.93
CA GLU D 328 -8.34 32.47 24.49
C GLU D 328 -7.07 31.71 24.18
N ILE D 329 -7.06 31.01 23.05
CA ILE D 329 -5.85 30.33 22.62
C ILE D 329 -5.51 30.65 21.16
N GLN D 330 -4.23 30.76 20.87
CA GLN D 330 -3.71 30.92 19.50
C GLN D 330 -2.70 29.87 19.16
N LYS D 331 -2.85 29.26 17.99
CA LYS D 331 -1.91 28.27 17.49
C LYS D 331 -0.74 29.01 16.87
N GLN D 332 0.46 28.84 17.44
CA GLN D 332 1.61 29.63 17.03
C GLN D 332 2.49 28.86 16.08
N GLY D 333 2.14 27.60 15.84
CA GLY D 333 2.88 26.76 14.91
C GLY D 333 4.09 26.16 15.58
N GLN D 334 4.66 25.13 14.99
CA GLN D 334 5.80 24.44 15.57
C GLN D 334 5.53 24.02 17.00
N GLY D 335 4.36 23.42 17.24
CA GLY D 335 4.04 22.86 18.54
C GLY D 335 3.73 23.86 19.65
N GLN D 336 3.89 25.14 19.40
CA GLN D 336 3.67 26.16 20.40
C GLN D 336 2.22 26.63 20.42
N TRP D 337 1.71 26.93 21.61
CA TRP D 337 0.36 27.48 21.77
C TRP D 337 0.35 28.63 22.77
N THR D 338 -0.25 29.76 22.45
CA THR D 338 -0.26 30.84 23.43
C THR D 338 -1.69 31.02 23.95
N TYR D 339 -1.85 31.39 25.23
CA TYR D 339 -3.19 31.58 25.79
C TYR D 339 -3.31 32.79 26.72
N GLN D 340 -4.53 33.29 26.89
CA GLN D 340 -4.75 34.37 27.84
C GLN D 340 -6.05 34.17 28.56
N ILE D 341 -6.00 34.31 29.89
CA ILE D 341 -7.19 34.27 30.71
C ILE D 341 -7.51 35.69 31.15
N TYR D 342 -8.77 36.07 30.96
CA TYR D 342 -9.21 37.40 31.28
C TYR D 342 -10.67 37.42 31.68
N GLN D 343 -11.15 38.58 32.06
CA GLN D 343 -12.54 38.80 32.42
C GLN D 343 -13.03 39.88 31.51
N GLU D 344 -12.28 40.98 31.47
CA GLU D 344 -12.56 42.07 30.54
C GLU D 344 -11.53 42.08 29.42
N PRO D 345 -11.93 42.55 28.25
CA PRO D 345 -11.01 42.64 27.12
C PRO D 345 -9.79 43.42 27.57
N PHE D 346 -8.61 42.90 27.27
CA PHE D 346 -7.37 43.65 27.48
C PHE D 346 -6.92 43.77 28.93
N LYS D 347 -7.75 43.28 29.84
CA LYS D 347 -7.32 43.20 31.22
C LYS D 347 -7.12 41.72 31.54
N ASN D 348 -5.86 41.30 31.51
CA ASN D 348 -5.57 39.89 31.52
C ASN D 348 -5.07 39.49 32.89
N LEU D 349 -5.73 38.51 33.49
CA LEU D 349 -5.29 37.99 34.77
C LEU D 349 -4.14 37.03 34.54
N LYS D 350 -4.08 36.42 33.36
CA LYS D 350 -2.92 35.59 33.05
C LYS D 350 -2.62 35.44 31.54
N THR D 351 -1.35 35.19 31.21
CA THR D 351 -0.96 34.93 29.83
C THR D 351 0.07 33.82 29.85
N GLY D 352 -0.01 32.90 28.91
CA GLY D 352 0.87 31.74 28.96
C GLY D 352 1.26 31.18 27.61
N LYS D 353 2.19 30.24 27.61
CA LYS D 353 2.57 29.53 26.42
C LYS D 353 2.66 28.07 26.80
N TYR D 354 2.25 27.17 25.90
CA TYR D 354 2.50 25.74 26.06
C TYR D 354 3.34 25.29 24.90
N ALA D 355 4.08 24.20 25.08
CA ALA D 355 4.96 23.73 24.02
C ALA D 355 5.16 22.24 24.13
N ARG D 356 5.51 21.63 23.00
CA ARG D 356 5.99 20.25 22.99
C ARG D 356 5.12 19.34 23.84
N MET D 357 3.82 19.64 23.82
CA MET D 357 2.83 18.78 24.44
C MET D 357 2.75 17.54 23.57
N ARG D 358 2.12 16.49 24.10
CA ARG D 358 1.90 15.26 23.34
C ARG D 358 1.12 15.52 22.04
N GLY D 359 1.38 14.70 21.01
CA GLY D 359 0.73 14.87 19.72
C GLY D 359 1.28 16.11 19.01
N ALA D 360 2.46 16.55 19.44
CA ALA D 360 3.09 17.75 18.88
C ALA D 360 3.72 17.45 17.52
N HIS D 361 3.58 18.39 16.59
CA HIS D 361 4.21 18.26 15.29
C HIS D 361 3.56 17.09 14.52
N THR D 362 2.62 16.42 15.17
CA THR D 362 1.85 15.35 14.57
C THR D 362 0.33 15.63 14.58
N ASN D 363 -0.24 15.86 15.77
CA ASN D 363 -1.69 16.00 15.95
C ASN D 363 -2.10 17.29 16.71
N ASP D 364 -2.71 18.22 15.98
CA ASP D 364 -3.10 19.56 16.45
C ASP D 364 -4.26 19.55 17.43
N VAL D 365 -5.23 18.68 17.18
CA VAL D 365 -6.43 18.55 18.00
C VAL D 365 -6.06 17.98 19.36
N LYS D 366 -5.18 16.98 19.36
CA LYS D 366 -4.63 16.46 20.60
C LYS D 366 -3.94 17.53 21.44
N GLN D 367 -3.13 18.38 20.81
CA GLN D 367 -2.44 19.44 21.52
C GLN D 367 -3.38 20.52 22.02
N LEU D 368 -4.40 20.83 21.23
CA LEU D 368 -5.37 21.81 21.70
C LEU D 368 -6.07 21.23 22.93
N THR D 369 -6.35 19.93 22.91
CA THR D 369 -6.99 19.22 24.03
C THR D 369 -6.15 19.24 25.32
N GLU D 370 -4.89 18.83 25.18
CA GLU D 370 -3.93 18.91 26.27
C GLU D 370 -3.85 20.36 26.80
N ALA D 371 -3.81 21.33 25.91
CA ALA D 371 -3.74 22.74 26.31
C ALA D 371 -4.97 23.20 27.08
N VAL D 372 -6.17 22.89 26.54
CA VAL D 372 -7.43 23.18 27.22
C VAL D 372 -7.45 22.60 28.64
N GLN D 373 -7.01 21.36 28.79
CA GLN D 373 -6.89 20.78 30.14
C GLN D 373 -5.92 21.55 31.03
N LYS D 374 -4.69 21.80 30.59
CA LYS D 374 -3.73 22.54 31.41
C LYS D 374 -4.22 23.92 31.85
N ILE D 375 -4.85 24.63 30.93
CA ILE D 375 -5.34 25.98 31.21
C ILE D 375 -6.46 25.92 32.24
N THR D 376 -7.44 25.02 32.00
CA THR D 376 -8.51 24.77 32.98
C THR D 376 -7.94 24.46 34.35
N THR D 377 -7.04 23.49 34.43
CA THR D 377 -6.41 23.10 35.68
C THR D 377 -5.86 24.31 36.43
N GLU D 378 -5.01 25.08 35.76
CA GLU D 378 -4.49 26.29 36.38
C GLU D 378 -5.60 27.18 36.89
N SER D 379 -6.70 27.27 36.15
CA SER D 379 -7.78 28.20 36.53
C SER D 379 -8.48 27.76 37.79
N ILE D 380 -8.68 26.45 37.89
CA ILE D 380 -9.17 25.80 39.10
C ILE D 380 -8.25 26.11 40.28
N VAL D 381 -6.97 25.78 40.16
CA VAL D 381 -6.01 26.06 41.23
C VAL D 381 -5.94 27.54 41.63
N ILE D 382 -5.95 28.43 40.66
CA ILE D 382 -5.75 29.84 40.93
C ILE D 382 -6.99 30.60 41.41
N TRP D 383 -8.10 30.48 40.69
CA TRP D 383 -9.37 31.10 41.11
C TRP D 383 -10.45 30.16 41.64
N GLY D 384 -10.20 28.85 41.55
CA GLY D 384 -11.23 27.85 41.76
C GLY D 384 -12.45 27.84 40.83
N LYS D 385 -12.32 28.29 39.59
CA LYS D 385 -13.39 28.10 38.59
C LYS D 385 -12.81 27.75 37.22
N THR D 386 -13.61 27.12 36.37
CA THR D 386 -13.18 26.83 35.00
C THR D 386 -13.58 27.96 34.06
N PRO D 387 -12.67 28.29 33.13
CA PRO D 387 -12.90 29.33 32.12
C PRO D 387 -13.78 28.85 30.95
N LYS D 388 -14.37 29.80 30.25
CA LYS D 388 -15.02 29.51 28.98
C LYS D 388 -14.00 29.73 27.87
N PHE D 389 -13.67 28.67 27.15
CA PHE D 389 -12.66 28.71 26.12
C PHE D 389 -13.18 29.22 24.78
N LYS D 390 -12.39 30.08 24.14
CA LYS D 390 -12.60 30.42 22.75
C LYS D 390 -11.56 29.63 21.95
N LEU D 391 -12.03 28.60 21.26
CA LEU D 391 -11.15 27.60 20.64
C LEU D 391 -10.83 27.84 19.15
N PRO D 392 -9.53 27.89 18.81
CA PRO D 392 -9.13 28.14 17.41
C PRO D 392 -9.20 26.87 16.56
N ILE D 393 -10.41 26.39 16.31
CA ILE D 393 -10.65 25.14 15.59
C ILE D 393 -12.07 25.17 15.03
N GLN D 394 -12.37 24.31 14.07
CA GLN D 394 -13.72 24.26 13.54
C GLN D 394 -14.56 23.29 14.35
N LYS D 395 -15.77 23.70 14.69
CA LYS D 395 -16.65 22.95 15.58
C LYS D 395 -16.76 21.46 15.25
N GLU D 396 -16.78 21.09 13.98
CA GLU D 396 -16.92 19.69 13.58
C GLU D 396 -15.62 18.96 13.76
N THR D 397 -14.51 19.69 13.65
CA THR D 397 -13.22 19.05 13.79
C THR D 397 -13.03 18.67 15.27
N TRP D 398 -13.34 19.63 16.13
CA TRP D 398 -13.24 19.45 17.57
C TRP D 398 -14.25 18.41 18.03
N GLU D 399 -15.49 18.51 17.58
CA GLU D 399 -16.50 17.60 18.08
C GLU D 399 -16.26 16.17 17.59
N THR D 400 -15.73 16.04 16.39
CA THR D 400 -15.37 14.73 15.91
C THR D 400 -14.30 14.14 16.82
N TRP D 401 -13.19 14.86 17.05
CA TRP D 401 -12.10 14.20 17.83
C TRP D 401 -11.88 14.40 19.36
N TRP D 402 -12.50 15.38 20.01
CA TRP D 402 -11.99 15.79 21.34
C TRP D 402 -12.01 14.70 22.41
N THR D 403 -13.06 13.90 22.47
CA THR D 403 -13.14 12.85 23.49
C THR D 403 -11.97 11.83 23.44
N GLU D 404 -11.31 11.70 22.30
CA GLU D 404 -10.21 10.75 22.19
C GLU D 404 -8.98 11.15 22.99
N TYR D 405 -8.84 12.44 23.22
CA TYR D 405 -7.67 12.97 23.89
C TYR D 405 -7.95 13.44 25.31
N TRP D 406 -9.19 13.24 25.76
CA TRP D 406 -9.62 13.81 27.03
C TRP D 406 -9.30 12.92 28.22
N GLN D 407 -8.42 13.42 29.09
CA GLN D 407 -8.00 12.75 30.31
C GLN D 407 -8.53 13.32 31.64
N ALA D 408 -9.43 14.29 31.61
CA ALA D 408 -9.83 14.97 32.86
C ALA D 408 -11.27 14.69 33.23
N THR D 409 -11.61 14.92 34.49
CA THR D 409 -12.89 14.44 35.00
C THR D 409 -13.97 15.50 34.89
N TRP D 410 -13.55 16.74 34.59
CA TRP D 410 -14.48 17.83 34.27
C TRP D 410 -14.47 18.16 32.75
N ILE D 411 -15.41 19.01 32.34
CA ILE D 411 -15.52 19.42 30.93
C ILE D 411 -15.83 20.88 30.82
N PRO D 412 -14.82 21.72 30.53
CA PRO D 412 -15.09 23.16 30.55
C PRO D 412 -16.04 23.61 29.44
N GLU D 413 -16.43 24.87 29.47
CA GLU D 413 -17.34 25.39 28.48
C GLU D 413 -16.52 25.98 27.34
N TRP D 414 -16.94 25.73 26.09
CA TRP D 414 -16.18 26.27 24.97
C TRP D 414 -17.06 26.85 23.88
N GLU D 415 -16.45 27.66 23.02
CA GLU D 415 -17.04 28.11 21.77
C GLU D 415 -15.96 28.10 20.70
N PHE D 416 -16.33 28.28 19.44
CA PHE D 416 -15.35 28.20 18.36
C PHE D 416 -15.15 29.53 17.66
N VAL D 417 -13.90 29.85 17.34
CA VAL D 417 -13.58 31.14 16.69
C VAL D 417 -12.74 31.06 15.42
N ASN D 418 -12.87 32.02 14.51
CA ASN D 418 -11.85 32.15 13.46
C ASN D 418 -11.11 33.50 13.42
N THR D 419 -9.90 33.53 13.95
CA THR D 419 -9.08 34.76 13.98
C THR D 419 -7.67 34.64 13.46
N PRO D 420 -7.42 35.18 12.27
CA PRO D 420 -5.99 35.27 11.94
C PRO D 420 -5.38 36.56 12.50
N PRO D 421 -5.69 36.88 13.74
CA PRO D 421 -5.87 38.30 14.08
C PRO D 421 -4.61 39.16 14.12
N LEU D 422 -3.44 38.53 14.15
CA LEU D 422 -2.18 39.08 14.69
C LEU D 422 -2.10 38.89 16.22
N VAL D 423 -3.16 38.33 16.82
CA VAL D 423 -3.14 37.98 18.24
C VAL D 423 -1.99 36.96 18.33
N LYS D 424 -1.64 36.41 17.17
CA LYS D 424 -0.38 35.69 17.00
C LYS D 424 0.85 36.55 17.42
N LEU D 425 0.68 37.86 17.58
CA LEU D 425 1.66 38.74 18.25
C LEU D 425 2.07 38.32 19.71
N TRP D 426 1.28 37.49 20.40
CA TRP D 426 1.71 37.02 21.71
C TRP D 426 2.97 36.16 21.62
N TYR D 427 3.35 35.77 20.43
CA TYR D 427 4.56 34.98 20.21
C TYR D 427 5.35 35.58 19.05
N GLN D 428 6.58 35.99 19.32
CA GLN D 428 7.46 36.57 18.31
C GLN D 428 7.33 35.90 16.95
#